data_8YY1
#
_entry.id   8YY1
#
_cell.length_a   1.00
_cell.length_b   1.00
_cell.length_c   1.00
_cell.angle_alpha   90.00
_cell.angle_beta   90.00
_cell.angle_gamma   90.00
#
_symmetry.space_group_name_H-M   'P 1'
#
loop_
_entity.id
_entity.type
_entity.pdbx_description
1 polymer 'V-type ATP synthase subunit C'
2 polymer 'V-type ATP synthase subunit I'
3 polymer 'V-type ATP synthase, subunit K'
#
loop_
_entity_poly.entity_id
_entity_poly.type
_entity_poly.pdbx_seq_one_letter_code
_entity_poly.pdbx_strand_id
1 'polypeptide(L)'
;DDFAYLNARVRVRRGTLLKESFFQEALDLSFADFLRLLSETVYGGELAGQGLPDVDRAVLRTQAKLVGDLPRLVTGEARE
AVRLLLLRNDLHNLQALLRAKATGRPFEEVLLLPGTLREEVWRQAYEAQDPAGMAQVLAVPGHPLARALRAVLRETQDLA
RVEALLAKRFFEDVAKAAKGLDQPALRDYLALEVDAENLRTAFKLQGSGLAPDAFFLKGGRFVDRVRFARLMEGDYAVLD
ELSGTPFSGLSGVRDLKALERGLRCVLLKEAKKGVQDPLGVGLVLAYVKEREWEAVRLRLLARRAYFGLPRAQVEEEVVC
;
M
2 'polypeptide(L)'
;MIAPMEKLVLAGPKGRAKELLQSLQQAGVVHLETLRPEALSAYQLSPEERAELRRWEAVSAGAEHTLSLLGLEAEPARPF
PEGLEAAEKALSPIQAHAEGLTRQKQELEEELALAQAYLEPLERLAALAHGLDKSPFLRVIPFLLTEKELPLVEEALRKA
LEDRYLLAHEAYAGGVAALVVVHRKEVDQAKAALSRAGVAELRLPGALGELPLSEAARRLKERAEAAPRELSEVRQHLAK
LARESASTLQSLWTRAQDEVARLKALEELASGRFGFALLGYVPVKAKPKVEEALARHKESVVYAFEPVDEHHEADRIPVV
LDNPPWAKPFELLVSFLNTPKYGTFDPTPVVPVFFPFWFGMIVGDIGYALLFYLVGRWLSGYVKRNEPLVIDLFALKLKP
QVIGKLVHILNWMVFWTVVWGVIYGEFFGTFLEHLGVFGTPEHPGLIPILIHRIDTAKTANLLILLSVAFGVVLVFFGLA
LRAYLGLKHRHMAHFWEGVGYLGGLVGVLALAASYLGNLQAGWLQGLMYLGFGVFLLAVLMSRIWLMIPEIFTQAGHILS
HIRIYAVGAAGGILAGLLTDVGFALAERLGLLGVLLGLLVAGVLHLLILLLTTLGHMLQPIRLLWVEFFTKFGFYEENGR
PYRPFKSVR
;
N
3 'polypeptide(L)' GGLDRGLIAVGMGLAVGLAALGTGVAQARIGAAGVGAIAEDRSNFGTALIFLLLPETLVIFGLLIAFILNGRL O,P,Q,R,S,T,U,V,W,X,Y,Z
#
# COMPACT_ATOMS: atom_id res chain seq x y z
N ASP A 1 -9.36 -18.99 5.69
CA ASP A 1 -8.22 -19.79 5.27
C ASP A 1 -7.16 -18.94 4.58
N ASP A 2 -6.38 -19.55 3.71
CA ASP A 2 -5.30 -18.87 3.02
C ASP A 2 -5.74 -18.46 1.62
N PHE A 3 -5.56 -17.17 1.30
CA PHE A 3 -5.97 -16.69 0.00
C PHE A 3 -5.11 -17.26 -1.13
N ALA A 4 -3.92 -17.77 -0.80
CA ALA A 4 -3.05 -18.35 -1.81
C ALA A 4 -3.32 -19.84 -2.01
N TYR A 5 -3.44 -20.60 -0.91
CA TYR A 5 -3.80 -22.01 -1.03
C TYR A 5 -5.16 -22.16 -1.69
N LEU A 6 -6.12 -21.34 -1.29
CA LEU A 6 -7.40 -21.31 -2.00
C LEU A 6 -7.23 -20.81 -3.42
N ASN A 7 -6.25 -19.94 -3.67
CA ASN A 7 -6.00 -19.47 -5.03
C ASN A 7 -5.56 -20.61 -5.93
N ALA A 8 -4.83 -21.60 -5.39
CA ALA A 8 -4.42 -22.73 -6.22
C ALA A 8 -5.62 -23.54 -6.71
N ARG A 9 -6.51 -23.91 -5.77
CA ARG A 9 -7.72 -24.63 -6.17
C ARG A 9 -8.59 -23.80 -7.09
N VAL A 10 -8.66 -22.50 -6.84
CA VAL A 10 -9.43 -21.61 -7.71
C VAL A 10 -8.83 -21.58 -9.11
N ARG A 11 -7.50 -21.57 -9.19
CA ARG A 11 -6.84 -21.59 -10.50
C ARG A 11 -7.16 -22.89 -11.24
N VAL A 12 -7.13 -24.01 -10.52
CA VAL A 12 -7.48 -25.29 -11.14
C VAL A 12 -8.91 -25.27 -11.66
N ARG A 13 -9.85 -24.87 -10.81
CA ARG A 13 -11.26 -24.89 -11.20
C ARG A 13 -11.55 -23.91 -12.33
N ARG A 14 -10.93 -22.72 -12.30
CA ARG A 14 -11.14 -21.72 -13.34
C ARG A 14 -10.45 -22.09 -14.65
N GLY A 15 -9.38 -22.87 -14.60
CA GLY A 15 -8.88 -23.51 -15.80
C GLY A 15 -9.77 -24.62 -16.29
N THR A 16 -10.58 -25.19 -15.39
CA THR A 16 -11.59 -26.18 -15.78
C THR A 16 -12.91 -25.49 -16.15
N LEU A 17 -12.86 -24.72 -17.23
CA LEU A 17 -14.01 -23.98 -17.72
C LEU A 17 -13.97 -23.92 -19.25
N LEU A 18 -15.15 -23.69 -19.84
CA LEU A 18 -15.26 -23.63 -21.28
C LEU A 18 -14.51 -22.43 -21.83
N LYS A 19 -14.10 -22.52 -23.10
CA LYS A 19 -13.37 -21.45 -23.75
C LYS A 19 -14.27 -20.68 -24.73
N GLU A 20 -13.71 -19.60 -25.29
CA GLU A 20 -14.47 -18.78 -26.22
C GLU A 20 -14.81 -19.56 -27.49
N SER A 21 -13.86 -20.33 -28.01
CA SER A 21 -14.08 -21.06 -29.26
C SER A 21 -15.11 -22.18 -29.09
N PHE A 22 -15.27 -22.72 -27.89
CA PHE A 22 -16.32 -23.72 -27.68
C PHE A 22 -17.69 -23.13 -27.96
N PHE A 23 -17.96 -21.93 -27.42
CA PHE A 23 -19.21 -21.25 -27.72
C PHE A 23 -19.25 -20.79 -29.17
N GLN A 24 -18.11 -20.37 -29.71
CA GLN A 24 -18.07 -19.88 -31.08
C GLN A 24 -18.47 -20.97 -32.08
N GLU A 25 -17.97 -22.18 -31.88
CA GLU A 25 -18.21 -23.28 -32.80
C GLU A 25 -19.37 -24.18 -32.40
N ALA A 26 -19.90 -24.02 -31.19
CA ALA A 26 -21.06 -24.80 -30.78
C ALA A 26 -22.38 -24.12 -31.11
N LEU A 27 -22.34 -22.95 -31.78
CA LEU A 27 -23.57 -22.24 -32.10
C LEU A 27 -24.30 -22.85 -33.29
N ASP A 28 -23.62 -23.63 -34.11
CA ASP A 28 -24.26 -24.30 -35.23
C ASP A 28 -25.12 -25.47 -34.79
N LEU A 29 -24.66 -26.23 -33.80
CA LEU A 29 -25.47 -27.30 -33.23
C LEU A 29 -26.74 -26.71 -32.61
N SER A 30 -27.86 -27.39 -32.85
CA SER A 30 -29.15 -26.86 -32.45
C SER A 30 -29.95 -27.94 -31.70
N PHE A 31 -30.83 -27.47 -30.84
CA PHE A 31 -31.72 -28.33 -30.05
C PHE A 31 -30.93 -29.44 -29.35
N ALA A 32 -31.15 -30.68 -29.76
CA ALA A 32 -30.43 -31.80 -29.17
C ALA A 32 -28.94 -31.76 -29.48
N ASP A 33 -28.56 -31.23 -30.65
CA ASP A 33 -27.13 -31.12 -30.96
C ASP A 33 -26.44 -30.14 -30.02
N PHE A 34 -27.05 -28.98 -29.78
CA PHE A 34 -26.47 -28.03 -28.83
C PHE A 34 -26.52 -28.56 -27.41
N LEU A 35 -27.59 -29.29 -27.06
CA LEU A 35 -27.67 -29.91 -25.75
C LEU A 35 -26.53 -30.92 -25.55
N ARG A 36 -26.23 -31.70 -26.58
CA ARG A 36 -25.13 -32.66 -26.49
C ARG A 36 -23.78 -31.95 -26.44
N LEU A 37 -23.64 -30.86 -27.20
CA LEU A 37 -22.40 -30.09 -27.14
C LEU A 37 -22.17 -29.56 -25.72
N LEU A 38 -23.22 -29.05 -25.08
CA LEU A 38 -23.11 -28.65 -23.68
C LEU A 38 -22.80 -29.85 -22.79
N SER A 39 -23.42 -31.00 -23.08
CA SER A 39 -23.10 -32.23 -22.36
C SER A 39 -21.64 -32.63 -22.53
N GLU A 40 -20.98 -32.10 -23.55
CA GLU A 40 -19.54 -32.25 -23.69
C GLU A 40 -18.76 -31.12 -23.01
N THR A 41 -19.45 -30.08 -22.57
CA THR A 41 -18.77 -28.94 -21.95
C THR A 41 -18.42 -29.24 -20.50
N VAL A 42 -17.86 -28.23 -19.82
CA VAL A 42 -17.50 -28.38 -18.42
C VAL A 42 -18.72 -28.74 -17.58
N TYR A 43 -19.86 -28.13 -17.88
CA TYR A 43 -21.12 -28.47 -17.25
C TYR A 43 -21.73 -29.74 -17.84
N GLY A 44 -20.93 -30.54 -18.55
CA GLY A 44 -21.47 -31.65 -19.31
C GLY A 44 -22.16 -32.71 -18.45
N GLY A 45 -21.66 -32.92 -17.24
CA GLY A 45 -22.27 -33.91 -16.37
C GLY A 45 -23.68 -33.55 -15.94
N GLU A 46 -24.03 -32.27 -15.98
CA GLU A 46 -25.39 -31.86 -15.64
C GLU A 46 -26.38 -32.13 -16.75
N LEU A 47 -25.94 -32.04 -18.01
CA LEU A 47 -26.84 -32.06 -19.16
C LEU A 47 -27.50 -33.43 -19.26
N ALA A 48 -28.83 -33.45 -19.13
CA ALA A 48 -29.60 -34.68 -19.25
C ALA A 48 -30.31 -34.79 -20.61
N GLY A 49 -31.16 -33.82 -20.93
CA GLY A 49 -32.00 -33.88 -22.10
C GLY A 49 -31.70 -32.75 -23.08
N GLN A 50 -32.73 -32.37 -23.82
CA GLN A 50 -32.63 -31.34 -24.84
C GLN A 50 -33.79 -30.36 -24.71
N GLY A 51 -33.59 -29.15 -25.20
CA GLY A 51 -34.58 -28.10 -25.07
C GLY A 51 -34.20 -27.06 -24.03
N LEU A 52 -34.79 -25.89 -24.20
CA LEU A 52 -34.47 -24.72 -23.37
C LEU A 52 -34.77 -24.94 -21.89
N PRO A 53 -35.93 -25.50 -21.50
CA PRO A 53 -36.16 -25.70 -20.05
C PRO A 53 -35.09 -26.54 -19.37
N ASP A 54 -34.81 -27.73 -19.91
CA ASP A 54 -33.82 -28.60 -19.31
C ASP A 54 -32.44 -27.98 -19.38
N VAL A 55 -32.11 -27.31 -20.48
CA VAL A 55 -30.80 -26.67 -20.59
C VAL A 55 -30.62 -25.62 -19.51
N ASP A 56 -31.65 -24.79 -19.30
CA ASP A 56 -31.56 -23.75 -18.28
C ASP A 56 -31.47 -24.36 -16.88
N ARG A 57 -32.25 -25.41 -16.62
CA ARG A 57 -32.18 -26.05 -15.30
C ARG A 57 -30.81 -26.65 -15.05
N ALA A 58 -30.23 -27.29 -16.06
CA ALA A 58 -28.90 -27.87 -15.91
C ALA A 58 -27.84 -26.79 -15.71
N VAL A 59 -27.95 -25.68 -16.43
CA VAL A 59 -27.00 -24.58 -16.24
C VAL A 59 -27.14 -24.02 -14.84
N LEU A 60 -28.37 -23.90 -14.33
CA LEU A 60 -28.55 -23.42 -12.97
C LEU A 60 -27.93 -24.37 -11.95
N ARG A 61 -28.13 -25.67 -12.12
CA ARG A 61 -27.52 -26.63 -11.20
C ARG A 61 -26.00 -26.57 -11.27
N THR A 62 -25.45 -26.49 -12.48
CA THR A 62 -24.00 -26.44 -12.65
C THR A 62 -23.42 -25.19 -12.00
N GLN A 63 -24.07 -24.04 -12.17
CA GLN A 63 -23.60 -22.84 -11.50
C GLN A 63 -23.70 -22.97 -9.99
N ALA A 64 -24.87 -23.38 -9.48
CA ALA A 64 -25.08 -23.49 -8.05
C ALA A 64 -24.10 -24.45 -7.40
N LYS A 65 -23.60 -25.43 -8.14
CA LYS A 65 -22.55 -26.30 -7.59
C LYS A 65 -21.17 -25.64 -7.72
N LEU A 66 -20.73 -25.39 -8.95
CA LEU A 66 -19.35 -24.98 -9.19
C LEU A 66 -19.02 -23.66 -8.51
N VAL A 67 -19.84 -22.63 -8.72
CA VAL A 67 -19.59 -21.32 -8.13
C VAL A 67 -20.24 -21.22 -6.75
N GLY A 68 -21.33 -21.94 -6.52
CA GLY A 68 -21.99 -21.90 -5.23
C GLY A 68 -21.33 -22.74 -4.16
N ASP A 69 -20.24 -23.45 -4.50
CA ASP A 69 -19.52 -24.28 -3.54
C ASP A 69 -18.13 -23.72 -3.23
N LEU A 70 -18.05 -22.39 -3.09
CA LEU A 70 -16.82 -21.65 -2.85
C LEU A 70 -16.07 -22.02 -1.56
N PRO A 71 -16.72 -22.14 -0.39
CA PRO A 71 -15.97 -22.16 0.87
C PRO A 71 -15.01 -23.33 1.05
N ARG A 72 -14.80 -24.17 0.05
CA ARG A 72 -13.87 -25.29 0.19
C ARG A 72 -12.45 -24.79 0.43
N LEU A 73 -11.99 -24.90 1.68
CA LEU A 73 -10.65 -24.50 2.09
C LEU A 73 -10.36 -23.04 1.79
N VAL A 74 -11.39 -22.19 1.85
CA VAL A 74 -11.21 -20.76 1.66
C VAL A 74 -11.95 -20.01 2.76
N THR A 75 -12.72 -20.75 3.55
CA THR A 75 -13.58 -20.12 4.55
C THR A 75 -12.77 -19.61 5.72
N GLY A 76 -13.45 -18.96 6.65
CA GLY A 76 -12.82 -18.39 7.84
C GLY A 76 -12.68 -16.88 7.73
N GLU A 77 -11.44 -16.40 7.83
CA GLU A 77 -11.19 -14.96 7.73
C GLU A 77 -11.41 -14.46 6.30
N ALA A 78 -10.85 -15.18 5.31
CA ALA A 78 -11.04 -14.80 3.93
C ALA A 78 -12.47 -14.99 3.45
N ARG A 79 -13.29 -15.70 4.23
CA ARG A 79 -14.68 -15.90 3.85
C ARG A 79 -15.43 -14.58 3.82
N GLU A 80 -15.14 -13.68 4.77
CA GLU A 80 -15.80 -12.38 4.82
C GLU A 80 -15.45 -11.52 3.62
N ALA A 81 -14.39 -11.84 2.88
CA ALA A 81 -14.06 -11.13 1.66
C ALA A 81 -14.58 -11.85 0.43
N VAL A 82 -14.57 -13.19 0.44
CA VAL A 82 -15.08 -13.96 -0.69
C VAL A 82 -16.58 -13.76 -0.82
N ARG A 83 -17.32 -13.85 0.29
CA ARG A 83 -18.76 -13.75 0.25
C ARG A 83 -19.22 -12.38 -0.27
N LEU A 84 -18.40 -11.35 -0.11
CA LEU A 84 -18.74 -10.04 -0.64
C LEU A 84 -18.99 -10.07 -2.14
N LEU A 85 -18.35 -10.99 -2.87
CA LEU A 85 -18.64 -11.14 -4.28
C LEU A 85 -20.04 -11.69 -4.49
N LEU A 86 -20.38 -12.77 -3.78
CA LEU A 86 -21.68 -13.41 -3.93
C LEU A 86 -22.77 -12.59 -3.27
N LEU A 87 -23.16 -11.49 -3.91
CA LEU A 87 -24.15 -10.59 -3.31
C LEU A 87 -25.51 -10.71 -3.99
N ARG A 88 -25.53 -10.58 -5.32
CA ARG A 88 -26.78 -10.31 -6.04
C ARG A 88 -27.76 -11.48 -5.94
N ASN A 89 -27.26 -12.71 -6.03
CA ASN A 89 -28.16 -13.86 -5.98
C ASN A 89 -28.88 -13.92 -4.63
N ASP A 90 -28.13 -13.80 -3.54
CA ASP A 90 -28.75 -13.80 -2.23
C ASP A 90 -29.66 -12.60 -2.06
N LEU A 91 -29.28 -11.45 -2.63
CA LEU A 91 -30.12 -10.26 -2.52
C LEU A 91 -31.46 -10.49 -3.20
N HIS A 92 -31.45 -11.10 -4.38
CA HIS A 92 -32.69 -11.41 -5.08
C HIS A 92 -33.52 -12.41 -4.29
N ASN A 93 -32.86 -13.44 -3.73
CA ASN A 93 -33.57 -14.43 -2.94
C ASN A 93 -34.26 -13.79 -1.74
N LEU A 94 -33.54 -12.91 -1.03
CA LEU A 94 -34.08 -12.29 0.16
C LEU A 94 -35.18 -11.27 -0.16
N GLN A 95 -34.99 -10.47 -1.20
CA GLN A 95 -36.03 -9.53 -1.60
C GLN A 95 -37.28 -10.26 -2.04
N ALA A 96 -37.13 -11.36 -2.78
CA ALA A 96 -38.26 -12.17 -3.17
C ALA A 96 -38.93 -12.79 -1.96
N LEU A 97 -38.15 -13.25 -0.98
CA LEU A 97 -38.73 -13.81 0.23
C LEU A 97 -39.56 -12.76 0.96
N LEU A 98 -39.03 -11.54 1.09
CA LEU A 98 -39.76 -10.48 1.76
C LEU A 98 -41.05 -10.13 1.01
N ARG A 99 -40.95 -9.99 -0.31
CA ARG A 99 -42.13 -9.65 -1.10
C ARG A 99 -43.19 -10.73 -1.04
N ALA A 100 -42.78 -12.01 -1.13
CA ALA A 100 -43.73 -13.10 -1.06
C ALA A 100 -44.37 -13.19 0.32
N LYS A 101 -43.58 -13.01 1.38
CA LYS A 101 -44.13 -13.05 2.73
C LYS A 101 -45.11 -11.93 2.97
N ALA A 102 -44.83 -10.74 2.44
CA ALA A 102 -45.73 -9.61 2.62
C ALA A 102 -46.87 -9.58 1.62
N THR A 103 -46.83 -10.42 0.58
CA THR A 103 -47.91 -10.48 -0.40
C THR A 103 -48.73 -11.75 -0.33
N GLY A 104 -48.39 -12.68 0.55
CA GLY A 104 -49.13 -13.92 0.69
C GLY A 104 -48.77 -15.00 -0.30
N ARG A 105 -47.74 -14.80 -1.11
CA ARG A 105 -47.36 -15.82 -2.09
C ARG A 105 -46.89 -17.08 -1.36
N PRO A 106 -47.13 -18.25 -1.92
CA PRO A 106 -46.72 -19.49 -1.25
C PRO A 106 -45.22 -19.57 -1.05
N PHE A 107 -44.82 -20.18 0.06
CA PHE A 107 -43.41 -20.41 0.32
C PHE A 107 -42.79 -21.30 -0.75
N GLU A 108 -43.51 -22.36 -1.14
CA GLU A 108 -43.04 -23.25 -2.20
C GLU A 108 -43.11 -22.61 -3.57
N GLU A 109 -43.86 -21.53 -3.74
CA GLU A 109 -43.87 -20.81 -5.00
C GLU A 109 -42.60 -19.99 -5.20
N VAL A 110 -41.94 -19.63 -4.10
CA VAL A 110 -40.68 -18.89 -4.20
C VAL A 110 -39.58 -19.83 -4.63
N LEU A 111 -38.82 -19.43 -5.66
CA LEU A 111 -37.75 -20.26 -6.19
C LEU A 111 -36.59 -20.44 -5.22
N LEU A 112 -36.28 -19.42 -4.42
CA LEU A 112 -35.18 -19.48 -3.45
C LEU A 112 -33.87 -19.85 -4.14
N LEU A 113 -33.42 -18.97 -5.04
CA LEU A 113 -32.20 -19.23 -5.77
C LEU A 113 -31.03 -19.40 -4.81
N PRO A 114 -30.28 -20.49 -4.90
CA PRO A 114 -29.21 -20.73 -3.93
C PRO A 114 -28.15 -19.64 -4.00
N GLY A 115 -27.60 -19.31 -2.83
CA GLY A 115 -26.61 -18.25 -2.73
C GLY A 115 -25.90 -18.24 -1.40
N THR A 116 -25.70 -17.04 -0.85
CA THR A 116 -25.03 -16.91 0.44
C THR A 116 -25.81 -17.60 1.55
N LEU A 117 -27.13 -17.41 1.55
CA LEU A 117 -27.98 -17.95 2.61
C LEU A 117 -28.45 -19.36 2.25
N ARG A 118 -28.76 -20.14 3.27
CA ARG A 118 -29.26 -21.49 3.07
C ARG A 118 -30.71 -21.45 2.62
N GLU A 119 -31.07 -22.33 1.67
CA GLU A 119 -32.45 -22.40 1.21
C GLU A 119 -33.39 -22.91 2.30
N GLU A 120 -32.92 -23.83 3.15
CA GLU A 120 -33.73 -24.26 4.28
C GLU A 120 -33.99 -23.12 5.25
N VAL A 121 -32.97 -22.29 5.48
CA VAL A 121 -33.15 -21.11 6.34
C VAL A 121 -34.12 -20.13 5.68
N TRP A 122 -34.07 -20.00 4.35
CA TRP A 122 -35.02 -19.15 3.65
C TRP A 122 -36.45 -19.67 3.80
N ARG A 123 -36.62 -21.00 3.69
CA ARG A 123 -37.93 -21.58 3.89
C ARG A 123 -38.42 -21.38 5.32
N GLN A 124 -37.50 -21.44 6.30
CA GLN A 124 -37.87 -21.11 7.67
C GLN A 124 -38.31 -19.66 7.79
N ALA A 125 -37.55 -18.75 7.18
CA ALA A 125 -37.84 -17.33 7.22
C ALA A 125 -39.15 -17.02 6.51
N TYR A 126 -39.57 -17.94 5.64
CA TYR A 126 -40.93 -17.84 5.10
C TYR A 126 -41.95 -17.91 6.23
N GLU A 127 -41.77 -18.84 7.16
CA GLU A 127 -42.58 -18.84 8.39
C GLU A 127 -42.28 -17.61 9.22
N ALA A 128 -41.00 -17.25 9.35
CA ALA A 128 -40.60 -16.04 10.06
C ALA A 128 -40.76 -14.83 9.16
N GLN A 129 -42.00 -14.62 8.72
CA GLN A 129 -42.30 -13.57 7.75
C GLN A 129 -42.15 -12.17 8.32
N ASP A 130 -42.00 -12.04 9.63
CA ASP A 130 -41.74 -10.73 10.22
C ASP A 130 -40.37 -10.23 9.76
N PRO A 131 -40.19 -8.91 9.70
CA PRO A 131 -38.87 -8.38 9.30
C PRO A 131 -37.75 -8.84 10.22
N ALA A 132 -37.93 -8.68 11.53
CA ALA A 132 -36.90 -9.12 12.48
C ALA A 132 -36.74 -10.63 12.44
N GLY A 133 -37.83 -11.38 12.25
CA GLY A 133 -37.72 -12.82 12.15
C GLY A 133 -36.90 -13.27 10.96
N MET A 134 -37.15 -12.66 9.79
CA MET A 134 -36.35 -12.98 8.62
C MET A 134 -34.90 -12.56 8.82
N ALA A 135 -34.67 -11.41 9.46
CA ALA A 135 -33.29 -10.99 9.73
C ALA A 135 -32.57 -11.99 10.61
N GLN A 136 -33.25 -12.51 11.64
CA GLN A 136 -32.66 -13.53 12.50
C GLN A 136 -32.41 -14.82 11.72
N VAL A 137 -33.34 -15.20 10.86
CA VAL A 137 -33.22 -16.43 10.09
C VAL A 137 -32.21 -16.24 8.97
N LEU A 138 -31.71 -15.01 8.81
CA LEU A 138 -30.69 -14.73 7.80
C LEU A 138 -29.53 -13.91 8.37
N ALA A 139 -29.25 -14.02 9.66
CA ALA A 139 -28.19 -13.25 10.29
C ALA A 139 -26.83 -13.93 10.14
N VAL A 140 -26.28 -13.93 8.93
CA VAL A 140 -24.98 -14.58 8.71
C VAL A 140 -23.88 -13.66 9.20
N PRO A 141 -23.03 -14.08 10.14
CA PRO A 141 -21.90 -13.23 10.54
C PRO A 141 -20.95 -12.90 9.40
N GLY A 142 -20.71 -13.85 8.50
CA GLY A 142 -19.79 -13.66 7.40
C GLY A 142 -20.36 -12.91 6.22
N HIS A 143 -21.63 -12.53 6.29
CA HIS A 143 -22.29 -11.74 5.24
C HIS A 143 -22.93 -10.53 5.91
N PRO A 144 -22.14 -9.48 6.18
CA PRO A 144 -22.66 -8.33 6.91
C PRO A 144 -23.80 -7.62 6.20
N LEU A 145 -24.16 -8.07 5.00
CA LEU A 145 -25.41 -7.63 4.39
C LEU A 145 -26.61 -8.00 5.26
N ALA A 146 -26.46 -9.02 6.11
CA ALA A 146 -27.49 -9.30 7.10
C ALA A 146 -27.71 -8.13 8.03
N ARG A 147 -26.66 -7.38 8.35
CA ARG A 147 -26.80 -6.19 9.19
C ARG A 147 -27.63 -5.12 8.49
N ALA A 148 -27.36 -4.88 7.21
CA ALA A 148 -28.16 -3.92 6.46
C ALA A 148 -29.61 -4.40 6.32
N LEU A 149 -29.81 -5.71 6.23
CA LEU A 149 -31.16 -6.26 6.21
C LEU A 149 -31.88 -5.99 7.52
N ARG A 150 -31.23 -6.28 8.65
CA ARG A 150 -31.86 -6.06 9.95
C ARG A 150 -32.17 -4.59 10.16
N ALA A 151 -31.24 -3.70 9.79
CA ALA A 151 -31.51 -2.28 9.86
C ALA A 151 -32.68 -1.90 8.97
N VAL A 152 -32.74 -2.47 7.77
CA VAL A 152 -33.92 -2.34 6.93
C VAL A 152 -35.11 -3.02 7.61
N LEU A 153 -34.88 -4.21 8.16
CA LEU A 153 -35.95 -4.89 8.89
C LEU A 153 -36.43 -4.08 10.07
N ARG A 154 -35.50 -3.47 10.81
CA ARG A 154 -35.88 -2.57 11.88
C ARG A 154 -36.29 -1.20 11.38
N GLU A 155 -36.04 -0.89 10.10
CA GLU A 155 -36.46 0.40 9.56
C GLU A 155 -37.98 0.53 9.56
N THR A 156 -38.69 -0.53 9.17
CA THR A 156 -40.14 -0.54 9.13
C THR A 156 -40.60 -1.97 8.89
N GLN A 157 -41.92 -2.13 8.76
CA GLN A 157 -42.50 -3.41 8.41
C GLN A 157 -43.20 -3.39 7.06
N ASP A 158 -43.58 -2.21 6.57
CA ASP A 158 -44.24 -2.10 5.27
C ASP A 158 -43.34 -2.65 4.17
N LEU A 159 -43.93 -3.45 3.27
CA LEU A 159 -43.13 -4.15 2.26
C LEU A 159 -42.41 -3.17 1.35
N ALA A 160 -43.09 -2.13 0.89
CA ALA A 160 -42.49 -1.20 -0.06
C ALA A 160 -41.30 -0.47 0.56
N ARG A 161 -41.50 0.14 1.72
CA ARG A 161 -40.42 0.85 2.39
C ARG A 161 -39.30 -0.11 2.80
N VAL A 162 -39.66 -1.30 3.28
CA VAL A 162 -38.64 -2.28 3.69
C VAL A 162 -37.75 -2.63 2.51
N GLU A 163 -38.36 -2.94 1.36
CA GLU A 163 -37.57 -3.32 0.20
C GLU A 163 -36.75 -2.15 -0.34
N ALA A 164 -37.36 -0.97 -0.41
CA ALA A 164 -36.67 0.19 -0.96
C ALA A 164 -35.49 0.60 -0.10
N LEU A 165 -35.60 0.44 1.22
CA LEU A 165 -34.46 0.67 2.09
C LEU A 165 -33.45 -0.46 1.99
N LEU A 166 -33.93 -1.70 1.88
CA LEU A 166 -33.05 -2.86 1.91
C LEU A 166 -32.10 -2.85 0.72
N ALA A 167 -32.62 -2.57 -0.48
CA ALA A 167 -31.77 -2.62 -1.67
C ALA A 167 -30.62 -1.63 -1.56
N LYS A 168 -30.93 -0.36 -1.31
CA LYS A 168 -29.90 0.68 -1.27
C LYS A 168 -28.96 0.47 -0.08
N ARG A 169 -29.50 0.14 1.08
CA ARG A 169 -28.65 -0.06 2.25
C ARG A 169 -27.73 -1.25 2.10
N PHE A 170 -28.20 -2.34 1.49
CA PHE A 170 -27.34 -3.49 1.27
C PHE A 170 -26.27 -3.20 0.23
N PHE A 171 -26.62 -2.47 -0.83
CA PHE A 171 -25.59 -2.06 -1.78
C PHE A 171 -24.53 -1.21 -1.10
N GLU A 172 -24.96 -0.26 -0.27
CA GLU A 172 -24.01 0.60 0.44
C GLU A 172 -23.15 -0.19 1.41
N ASP A 173 -23.76 -1.13 2.14
CA ASP A 173 -23.01 -1.93 3.09
C ASP A 173 -21.98 -2.81 2.40
N VAL A 174 -22.35 -3.40 1.26
CA VAL A 174 -21.40 -4.19 0.49
C VAL A 174 -20.25 -3.32 -0.01
N ALA A 175 -20.58 -2.14 -0.54
CA ALA A 175 -19.54 -1.24 -1.00
C ALA A 175 -18.62 -0.83 0.14
N LYS A 176 -19.17 -0.59 1.33
CA LYS A 176 -18.35 -0.18 2.46
C LYS A 176 -17.46 -1.32 2.95
N ALA A 177 -17.99 -2.54 2.99
CA ALA A 177 -17.16 -3.68 3.35
C ALA A 177 -16.02 -3.86 2.38
N ALA A 178 -16.28 -3.67 1.08
CA ALA A 178 -15.22 -3.70 0.10
C ALA A 178 -14.20 -2.58 0.32
N LYS A 179 -14.68 -1.39 0.68
CA LYS A 179 -13.79 -0.28 0.95
C LYS A 179 -12.85 -0.58 2.12
N GLY A 180 -13.36 -1.24 3.16
CA GLY A 180 -12.55 -1.56 4.31
C GLY A 180 -11.73 -2.83 4.15
N LEU A 181 -11.75 -3.41 2.95
CA LEU A 181 -11.09 -4.68 2.69
C LEU A 181 -9.64 -4.47 2.29
N ASP A 182 -8.78 -5.35 2.78
CA ASP A 182 -7.35 -5.31 2.43
C ASP A 182 -7.11 -6.04 1.10
N GLN A 183 -7.73 -5.52 0.05
CA GLN A 183 -7.61 -6.10 -1.27
C GLN A 183 -7.81 -5.01 -2.33
N PRO A 184 -6.74 -4.46 -2.89
CA PRO A 184 -6.90 -3.40 -3.89
C PRO A 184 -7.75 -3.82 -5.08
N ALA A 185 -7.56 -5.04 -5.58
CA ALA A 185 -8.30 -5.50 -6.75
C ALA A 185 -9.80 -5.60 -6.42
N LEU A 186 -10.12 -6.19 -5.27
CA LEU A 186 -11.52 -6.31 -4.89
C LEU A 186 -12.15 -4.94 -4.69
N ARG A 187 -11.43 -4.02 -4.03
CA ARG A 187 -11.97 -2.68 -3.82
C ARG A 187 -12.22 -1.99 -5.16
N ASP A 188 -11.27 -2.08 -6.09
CA ASP A 188 -11.43 -1.43 -7.38
C ASP A 188 -12.60 -2.01 -8.16
N TYR A 189 -12.68 -3.34 -8.22
CA TYR A 189 -13.76 -3.97 -8.98
C TYR A 189 -15.11 -3.63 -8.37
N LEU A 190 -15.23 -3.71 -7.05
CA LEU A 190 -16.51 -3.44 -6.41
C LEU A 190 -16.92 -1.98 -6.59
N ALA A 191 -15.98 -1.04 -6.47
CA ALA A 191 -16.32 0.36 -6.65
C ALA A 191 -16.75 0.64 -8.09
N LEU A 192 -16.02 0.10 -9.06
CA LEU A 192 -16.43 0.30 -10.44
C LEU A 192 -17.78 -0.34 -10.72
N GLU A 193 -18.06 -1.49 -10.10
CA GLU A 193 -19.37 -2.12 -10.27
C GLU A 193 -20.47 -1.28 -9.68
N VAL A 194 -20.24 -0.68 -8.51
CA VAL A 194 -21.24 0.20 -7.92
C VAL A 194 -21.50 1.40 -8.81
N ASP A 195 -20.43 1.98 -9.37
CA ASP A 195 -20.60 3.11 -10.28
C ASP A 195 -21.38 2.71 -11.53
N ALA A 196 -21.07 1.55 -12.10
CA ALA A 196 -21.77 1.09 -13.29
C ALA A 196 -23.24 0.79 -12.98
N GLU A 197 -23.51 0.23 -11.81
CA GLU A 197 -24.90 -0.01 -11.42
C GLU A 197 -25.65 1.30 -11.25
N ASN A 198 -24.99 2.32 -10.70
CA ASN A 198 -25.62 3.64 -10.62
C ASN A 198 -25.93 4.19 -12.00
N LEU A 199 -24.98 4.08 -12.94
CA LEU A 199 -25.23 4.57 -14.29
C LEU A 199 -26.36 3.81 -14.96
N ARG A 200 -26.40 2.48 -14.80
CA ARG A 200 -27.45 1.68 -15.42
C ARG A 200 -28.81 1.99 -14.82
N THR A 201 -28.88 2.16 -13.49
CA THR A 201 -30.14 2.51 -12.86
C THR A 201 -30.60 3.90 -13.25
N ALA A 202 -29.66 4.82 -13.48
CA ALA A 202 -30.05 6.14 -13.99
C ALA A 202 -30.58 6.03 -15.41
N PHE A 203 -29.95 5.22 -16.25
CA PHE A 203 -30.41 5.07 -17.63
C PHE A 203 -31.80 4.45 -17.68
N LYS A 204 -32.01 3.35 -16.95
CA LYS A 204 -33.32 2.72 -16.90
C LYS A 204 -34.32 3.54 -16.12
N LEU A 205 -33.86 4.50 -15.34
CA LEU A 205 -34.73 5.41 -14.59
C LEU A 205 -34.67 6.83 -15.14
N GLN A 206 -34.23 7.01 -16.37
CA GLN A 206 -34.23 8.34 -16.98
C GLN A 206 -35.67 8.81 -17.15
N GLY A 207 -36.01 9.90 -16.45
CA GLY A 207 -37.37 10.38 -16.41
C GLY A 207 -38.20 9.85 -15.25
N SER A 208 -37.66 8.92 -14.45
CA SER A 208 -38.39 8.40 -13.31
C SER A 208 -38.67 9.49 -12.27
N GLY A 209 -37.76 10.45 -12.14
CA GLY A 209 -38.01 11.61 -11.31
C GLY A 209 -37.73 11.46 -9.84
N LEU A 210 -37.15 10.34 -9.40
CA LEU A 210 -36.82 10.17 -8.00
C LEU A 210 -35.69 11.11 -7.62
N ALA A 211 -35.61 11.41 -6.33
CA ALA A 211 -34.58 12.31 -5.84
C ALA A 211 -33.21 11.73 -6.15
N PRO A 212 -32.32 12.47 -6.82
CA PRO A 212 -31.01 11.90 -7.19
C PRO A 212 -30.21 11.44 -5.98
N ASP A 213 -30.38 12.08 -4.82
CA ASP A 213 -29.66 11.65 -3.63
C ASP A 213 -29.95 10.20 -3.28
N ALA A 214 -31.16 9.72 -3.58
CA ALA A 214 -31.53 8.33 -3.32
C ALA A 214 -31.34 7.46 -4.55
N PHE A 215 -31.90 7.86 -5.70
CA PHE A 215 -31.83 7.04 -6.90
C PHE A 215 -30.40 6.86 -7.39
N PHE A 216 -29.60 7.92 -7.38
CA PHE A 216 -28.20 7.85 -7.79
C PHE A 216 -27.40 7.20 -6.66
N LEU A 217 -26.97 5.96 -6.89
CA LEU A 217 -26.28 5.21 -5.86
C LEU A 217 -24.98 5.90 -5.47
N LYS A 218 -24.61 5.77 -4.21
CA LYS A 218 -23.40 6.40 -3.69
C LYS A 218 -22.17 5.54 -4.01
N GLY A 219 -21.00 6.07 -3.68
CA GLY A 219 -19.76 5.39 -3.96
C GLY A 219 -19.32 5.44 -5.40
N GLY A 220 -19.86 6.36 -6.19
CA GLY A 220 -19.59 6.43 -7.61
C GLY A 220 -18.14 6.64 -7.97
N ARG A 221 -17.55 5.66 -8.64
CA ARG A 221 -16.22 5.80 -9.23
C ARG A 221 -16.28 6.23 -10.68
N PHE A 222 -17.48 6.42 -11.24
CA PHE A 222 -17.63 6.86 -12.62
C PHE A 222 -18.38 8.19 -12.69
N VAL A 223 -19.48 8.30 -11.97
CA VAL A 223 -20.31 9.50 -11.96
C VAL A 223 -20.60 9.89 -10.52
N ASP A 224 -20.42 11.17 -10.21
CA ASP A 224 -20.78 11.68 -8.90
C ASP A 224 -22.29 11.71 -8.75
N ARG A 225 -22.75 12.17 -7.59
CA ARG A 225 -24.19 12.33 -7.37
C ARG A 225 -24.78 13.31 -8.38
N VAL A 226 -24.10 14.44 -8.60
CA VAL A 226 -24.61 15.44 -9.54
C VAL A 226 -24.51 14.92 -10.98
N ARG A 227 -23.43 14.20 -11.29
CA ARG A 227 -23.28 13.65 -12.63
C ARG A 227 -24.39 12.63 -12.93
N PHE A 228 -24.71 11.77 -11.96
CA PHE A 228 -25.81 10.83 -12.14
C PHE A 228 -27.15 11.53 -12.18
N ALA A 229 -27.31 12.62 -11.43
CA ALA A 229 -28.52 13.43 -11.54
C ALA A 229 -28.68 13.98 -12.95
N ARG A 230 -27.59 14.46 -13.54
CA ARG A 230 -27.63 14.92 -14.92
C ARG A 230 -27.93 13.79 -15.89
N LEU A 231 -27.34 12.61 -15.66
CA LEU A 231 -27.63 11.46 -16.51
C LEU A 231 -29.11 11.09 -16.46
N MET A 232 -29.69 11.10 -15.26
CA MET A 232 -31.13 10.89 -15.13
C MET A 232 -31.90 11.98 -15.87
N GLU A 233 -31.45 13.23 -15.74
CA GLU A 233 -32.04 14.33 -16.49
C GLU A 233 -31.66 14.21 -17.96
N GLY A 234 -32.08 15.21 -18.74
CA GLY A 234 -31.85 15.20 -20.17
C GLY A 234 -30.44 15.61 -20.57
N ASP A 235 -29.43 14.94 -20.03
CA ASP A 235 -28.04 15.23 -20.34
C ASP A 235 -27.40 13.99 -20.96
N TYR A 236 -27.56 13.84 -22.28
CA TYR A 236 -26.82 12.81 -23.00
C TYR A 236 -25.33 13.15 -23.05
N ALA A 237 -24.98 14.43 -22.97
CA ALA A 237 -23.58 14.82 -22.91
C ALA A 237 -22.91 14.28 -21.66
N VAL A 238 -23.69 13.93 -20.63
CA VAL A 238 -23.13 13.29 -19.46
C VAL A 238 -22.48 11.97 -19.83
N LEU A 239 -23.07 11.23 -20.78
CA LEU A 239 -22.49 9.96 -21.21
C LEU A 239 -21.14 10.17 -21.86
N ASP A 240 -21.02 11.17 -22.74
CA ASP A 240 -19.74 11.45 -23.37
C ASP A 240 -18.72 11.98 -22.36
N GLU A 241 -19.17 12.80 -21.40
CA GLU A 241 -18.27 13.31 -20.36
C GLU A 241 -17.81 12.20 -19.42
N LEU A 242 -18.59 11.14 -19.26
CA LEU A 242 -18.22 10.04 -18.37
C LEU A 242 -17.02 9.25 -18.89
N SER A 243 -16.42 9.68 -19.99
CA SER A 243 -15.22 9.03 -20.50
C SER A 243 -14.04 9.28 -19.58
N GLY A 244 -12.96 8.54 -19.82
CA GLY A 244 -11.75 8.63 -19.01
C GLY A 244 -11.63 7.59 -17.93
N THR A 245 -12.73 6.98 -17.51
CA THR A 245 -12.72 5.88 -16.56
C THR A 245 -12.64 4.58 -17.36
N PRO A 246 -12.57 3.41 -16.72
CA PRO A 246 -12.80 2.17 -17.47
C PRO A 246 -14.17 2.12 -18.12
N PHE A 247 -15.11 2.92 -17.63
CA PHE A 247 -16.46 2.97 -18.19
C PHE A 247 -16.55 4.05 -19.25
N SER A 248 -15.43 4.35 -19.92
CA SER A 248 -15.36 5.43 -20.90
C SER A 248 -16.14 5.14 -22.18
N GLY A 249 -16.87 4.03 -22.27
CA GLY A 249 -17.55 3.68 -23.50
C GLY A 249 -18.76 4.55 -23.80
N LEU A 250 -19.34 5.19 -22.80
CA LEU A 250 -20.56 5.96 -23.01
C LEU A 250 -20.29 7.18 -23.89
N SER A 251 -21.17 7.40 -24.87
CA SER A 251 -21.03 8.54 -25.75
C SER A 251 -22.39 9.04 -26.23
N GLY A 252 -22.96 10.03 -25.53
CA GLY A 252 -24.19 10.68 -25.94
C GLY A 252 -25.36 9.75 -26.19
N VAL A 253 -25.43 8.66 -25.44
CA VAL A 253 -26.39 7.60 -25.67
C VAL A 253 -27.30 7.45 -24.45
N ARG A 254 -28.61 7.53 -24.69
CA ARG A 254 -29.61 7.22 -23.69
C ARG A 254 -30.12 5.79 -23.79
N ASP A 255 -29.50 4.97 -24.66
CA ASP A 255 -29.98 3.63 -24.91
C ASP A 255 -29.82 2.75 -23.68
N LEU A 256 -30.57 1.65 -23.66
CA LEU A 256 -30.58 0.71 -22.56
C LEU A 256 -30.00 -0.65 -22.92
N LYS A 257 -30.37 -1.22 -24.06
CA LYS A 257 -29.77 -2.49 -24.47
C LYS A 257 -28.27 -2.34 -24.71
N ALA A 258 -27.88 -1.30 -25.44
CA ALA A 258 -26.45 -1.04 -25.64
C ALA A 258 -25.76 -0.73 -24.32
N LEU A 259 -26.45 -0.02 -23.43
CA LEU A 259 -25.88 0.28 -22.12
C LEU A 259 -25.60 -1.01 -21.35
N GLU A 260 -26.55 -1.95 -21.37
CA GLU A 260 -26.32 -3.22 -20.69
C GLU A 260 -25.20 -4.00 -21.35
N ARG A 261 -25.15 -4.01 -22.68
CA ARG A 261 -24.08 -4.72 -23.38
C ARG A 261 -22.72 -4.16 -22.99
N GLY A 262 -22.57 -2.84 -23.03
CA GLY A 262 -21.32 -2.19 -22.70
C GLY A 262 -20.92 -2.35 -21.24
N LEU A 263 -21.88 -2.21 -20.33
CA LEU A 263 -21.59 -2.40 -18.92
C LEU A 263 -21.14 -3.83 -18.63
N ARG A 264 -21.84 -4.82 -19.21
CA ARG A 264 -21.43 -6.20 -19.02
C ARG A 264 -20.03 -6.45 -19.59
N CYS A 265 -19.76 -5.92 -20.79
CA CYS A 265 -18.45 -6.12 -21.40
C CYS A 265 -17.35 -5.48 -20.58
N VAL A 266 -17.58 -4.27 -20.06
CA VAL A 266 -16.54 -3.57 -19.31
C VAL A 266 -16.31 -4.23 -17.97
N LEU A 267 -17.38 -4.64 -17.28
CA LEU A 267 -17.20 -5.33 -16.01
C LEU A 267 -16.49 -6.66 -16.20
N LEU A 268 -16.79 -7.38 -17.29
CA LEU A 268 -16.08 -8.62 -17.57
C LEU A 268 -14.61 -8.36 -17.87
N LYS A 269 -14.32 -7.35 -18.69
CA LYS A 269 -12.94 -7.03 -19.03
C LYS A 269 -12.15 -6.51 -17.83
N GLU A 270 -12.84 -6.00 -16.82
CA GLU A 270 -12.16 -5.61 -15.59
C GLU A 270 -11.94 -6.80 -14.67
N ALA A 271 -12.96 -7.63 -14.48
CA ALA A 271 -12.85 -8.78 -13.60
C ALA A 271 -11.88 -9.81 -14.16
N LYS A 272 -11.65 -9.82 -15.47
CA LYS A 272 -10.63 -10.67 -16.04
C LYS A 272 -9.24 -10.03 -16.03
N LYS A 273 -9.14 -8.76 -15.62
CA LYS A 273 -7.87 -8.06 -15.64
C LYS A 273 -7.04 -8.26 -14.39
N GLY A 274 -7.56 -8.97 -13.39
CA GLY A 274 -6.85 -9.24 -12.16
C GLY A 274 -6.05 -10.52 -12.14
N VAL A 275 -5.79 -11.12 -13.31
CA VAL A 275 -5.08 -12.39 -13.36
C VAL A 275 -3.65 -12.27 -12.85
N GLN A 276 -3.10 -11.05 -12.82
CA GLN A 276 -1.72 -10.84 -12.38
C GLN A 276 -1.57 -10.81 -10.87
N ASP A 277 -2.64 -11.04 -10.11
CA ASP A 277 -2.60 -11.08 -8.65
C ASP A 277 -3.21 -12.41 -8.20
N PRO A 278 -2.48 -13.53 -8.37
CA PRO A 278 -3.08 -14.83 -8.05
C PRO A 278 -3.30 -15.05 -6.56
N LEU A 279 -2.32 -14.73 -5.72
CA LEU A 279 -2.46 -14.94 -4.29
C LEU A 279 -3.63 -14.17 -3.69
N GLY A 280 -3.95 -13.00 -4.24
CA GLY A 280 -5.10 -12.25 -3.81
C GLY A 280 -6.38 -12.86 -4.32
N VAL A 281 -7.50 -12.26 -3.89
CA VAL A 281 -8.80 -12.74 -4.30
C VAL A 281 -9.08 -12.47 -5.78
N GLY A 282 -8.14 -11.88 -6.51
CA GLY A 282 -8.35 -11.62 -7.92
C GLY A 282 -8.64 -12.88 -8.71
N LEU A 283 -7.95 -13.97 -8.38
CA LEU A 283 -8.23 -15.25 -9.02
C LEU A 283 -9.65 -15.71 -8.73
N VAL A 284 -10.10 -15.56 -7.48
CA VAL A 284 -11.46 -15.95 -7.13
C VAL A 284 -12.48 -15.13 -7.91
N LEU A 285 -12.24 -13.81 -8.01
CA LEU A 285 -13.16 -12.95 -8.74
C LEU A 285 -13.19 -13.31 -10.22
N ALA A 286 -12.03 -13.57 -10.81
CA ALA A 286 -12.00 -13.98 -12.21
C ALA A 286 -12.74 -15.28 -12.42
N TYR A 287 -12.56 -16.25 -11.52
CA TYR A 287 -13.27 -17.51 -11.64
C TYR A 287 -14.77 -17.31 -11.56
N VAL A 288 -15.22 -16.49 -10.60
CA VAL A 288 -16.66 -16.28 -10.42
C VAL A 288 -17.25 -15.57 -11.64
N LYS A 289 -16.58 -14.52 -12.12
CA LYS A 289 -17.09 -13.78 -13.27
C LYS A 289 -17.10 -14.64 -14.52
N GLU A 290 -16.05 -15.44 -14.73
CA GLU A 290 -16.02 -16.32 -15.90
C GLU A 290 -17.11 -17.38 -15.81
N ARG A 291 -17.34 -17.94 -14.62
CA ARG A 291 -18.41 -18.91 -14.47
C ARG A 291 -19.76 -18.29 -14.80
N GLU A 292 -20.01 -17.08 -14.30
CA GLU A 292 -21.27 -16.41 -14.58
C GLU A 292 -21.42 -16.11 -16.06
N TRP A 293 -20.35 -15.62 -16.70
CA TRP A 293 -20.43 -15.27 -18.11
C TRP A 293 -20.66 -16.52 -18.97
N GLU A 294 -19.95 -17.60 -18.65
CA GLU A 294 -20.15 -18.84 -19.39
C GLU A 294 -21.55 -19.38 -19.19
N ALA A 295 -22.07 -19.33 -17.96
CA ALA A 295 -23.42 -19.81 -17.71
C ALA A 295 -24.43 -18.99 -18.51
N VAL A 296 -24.28 -17.67 -18.51
CA VAL A 296 -25.23 -16.82 -19.22
C VAL A 296 -25.17 -17.09 -20.72
N ARG A 297 -23.96 -17.13 -21.27
CA ARG A 297 -23.82 -17.36 -22.71
C ARG A 297 -24.33 -18.73 -23.10
N LEU A 298 -24.06 -19.75 -22.28
CA LEU A 298 -24.51 -21.10 -22.59
C LEU A 298 -26.03 -21.19 -22.54
N ARG A 299 -26.65 -20.58 -21.53
CA ARG A 299 -28.10 -20.61 -21.46
C ARG A 299 -28.73 -19.85 -22.62
N LEU A 300 -28.16 -18.71 -23.01
CA LEU A 300 -28.69 -17.95 -24.14
C LEU A 300 -28.57 -18.75 -25.43
N LEU A 301 -27.42 -19.38 -25.67
CA LEU A 301 -27.25 -20.19 -26.86
C LEU A 301 -28.18 -21.40 -26.85
N ALA A 302 -28.38 -22.00 -25.67
CA ALA A 302 -29.29 -23.12 -25.56
C ALA A 302 -30.72 -22.71 -25.92
N ARG A 303 -31.17 -21.56 -25.41
CA ARG A 303 -32.49 -21.07 -25.77
C ARG A 303 -32.59 -20.78 -27.26
N ARG A 304 -31.54 -20.16 -27.82
CA ARG A 304 -31.54 -19.85 -29.24
C ARG A 304 -31.63 -21.11 -30.09
N ALA A 305 -30.96 -22.18 -29.68
CA ALA A 305 -31.00 -23.42 -30.43
C ALA A 305 -32.34 -24.14 -30.24
N TYR A 306 -32.90 -24.08 -29.03
CA TYR A 306 -34.15 -24.76 -28.77
C TYR A 306 -35.34 -24.02 -29.36
N PHE A 307 -35.18 -22.75 -29.71
CA PHE A 307 -36.24 -22.00 -30.37
C PHE A 307 -35.82 -21.49 -31.74
N GLY A 308 -34.76 -22.06 -32.32
CA GLY A 308 -34.38 -21.71 -33.68
C GLY A 308 -33.92 -20.29 -33.86
N LEU A 309 -33.08 -19.79 -32.98
CA LEU A 309 -32.59 -18.42 -33.03
C LEU A 309 -31.08 -18.38 -33.02
N PRO A 310 -30.48 -17.29 -33.48
CA PRO A 310 -29.03 -17.10 -33.33
C PRO A 310 -28.70 -16.53 -31.95
N ARG A 311 -27.73 -17.15 -31.28
CA ARG A 311 -27.35 -16.70 -29.94
C ARG A 311 -26.58 -15.37 -30.01
N ALA A 312 -25.73 -15.21 -31.01
CA ALA A 312 -24.86 -14.05 -31.11
C ALA A 312 -25.50 -12.91 -31.89
N GLN A 313 -26.83 -12.86 -31.96
CA GLN A 313 -27.49 -11.68 -32.51
C GLN A 313 -27.11 -10.44 -31.73
N VAL A 314 -26.82 -10.60 -30.44
CA VAL A 314 -26.24 -9.55 -29.61
C VAL A 314 -24.92 -10.08 -29.06
N GLU A 315 -23.84 -9.34 -29.29
CA GLU A 315 -22.53 -9.78 -28.85
C GLU A 315 -22.41 -9.83 -27.34
N GLU A 316 -23.36 -9.21 -26.62
CA GLU A 316 -23.35 -9.28 -25.16
C GLU A 316 -23.63 -10.67 -24.64
N GLU A 317 -24.11 -11.58 -25.49
CA GLU A 317 -24.39 -12.95 -25.09
C GLU A 317 -23.36 -13.95 -25.60
N VAL A 318 -22.30 -13.49 -26.25
CA VAL A 318 -21.37 -14.43 -26.90
C VAL A 318 -20.58 -15.21 -25.86
N VAL A 319 -19.72 -14.53 -25.10
CA VAL A 319 -18.97 -15.17 -24.03
C VAL A 319 -19.02 -14.32 -22.77
N CYS A 320 -19.43 -13.07 -22.91
CA CYS A 320 -19.47 -12.13 -21.80
C CYS A 320 -20.75 -12.28 -21.00
N MET B 1 -4.93 38.36 0.87
CA MET B 1 -5.80 39.52 0.69
C MET B 1 -7.18 39.13 0.20
N ILE B 2 -7.91 38.38 1.01
CA ILE B 2 -9.21 37.86 0.61
C ILE B 2 -10.25 38.97 0.74
N ALA B 3 -10.47 39.70 -0.35
CA ALA B 3 -11.40 40.81 -0.33
C ALA B 3 -12.82 40.30 -0.14
N PRO B 4 -13.68 41.08 0.55
CA PRO B 4 -15.06 40.64 0.76
C PRO B 4 -15.99 40.93 -0.40
N MET B 5 -15.50 41.57 -1.46
CA MET B 5 -16.30 41.85 -2.66
C MET B 5 -17.55 42.66 -2.32
N GLU B 6 -18.57 42.55 -3.16
CA GLU B 6 -19.80 43.30 -2.95
C GLU B 6 -20.94 42.64 -3.71
N LYS B 7 -22.17 43.00 -3.33
CA LYS B 7 -23.36 42.50 -3.98
C LYS B 7 -23.82 43.48 -5.07
N LEU B 8 -24.49 42.95 -6.08
CA LEU B 8 -24.92 43.75 -7.23
C LEU B 8 -26.35 43.45 -7.64
N VAL B 9 -27.28 43.45 -6.67
CA VAL B 9 -28.68 43.19 -6.98
C VAL B 9 -29.20 44.17 -8.01
N LEU B 10 -29.99 43.67 -8.96
CA LEU B 10 -30.47 44.49 -10.06
C LEU B 10 -31.80 43.93 -10.55
N ALA B 11 -32.53 44.75 -11.30
CA ALA B 11 -33.81 44.38 -11.87
C ALA B 11 -33.96 45.03 -13.24
N GLY B 12 -34.85 44.45 -14.06
CA GLY B 12 -35.10 44.97 -15.38
C GLY B 12 -36.30 44.36 -16.07
N PRO B 13 -36.60 44.81 -17.28
CA PRO B 13 -37.70 44.21 -18.04
C PRO B 13 -37.37 42.80 -18.48
N LYS B 14 -38.42 41.99 -18.63
CA LYS B 14 -38.25 40.62 -19.08
C LYS B 14 -37.60 40.53 -20.45
N GLY B 15 -37.68 41.61 -21.24
CA GLY B 15 -37.03 41.63 -22.53
C GLY B 15 -35.63 42.20 -22.47
N ARG B 16 -35.48 43.37 -21.85
CA ARG B 16 -34.19 44.02 -21.78
C ARG B 16 -33.18 43.22 -20.97
N ALA B 17 -33.65 42.32 -20.10
CA ALA B 17 -32.73 41.50 -19.32
C ALA B 17 -31.89 40.61 -20.22
N LYS B 18 -32.44 40.19 -21.36
CA LYS B 18 -31.68 39.34 -22.27
C LYS B 18 -30.48 40.05 -22.86
N GLU B 19 -30.55 41.38 -23.02
CA GLU B 19 -29.39 42.12 -23.47
C GLU B 19 -28.52 42.56 -22.30
N LEU B 20 -29.14 42.78 -21.14
CA LEU B 20 -28.36 43.12 -19.94
C LEU B 20 -27.43 41.98 -19.57
N LEU B 21 -27.92 40.74 -19.67
CA LEU B 21 -27.06 39.59 -19.41
C LEU B 21 -25.90 39.54 -20.40
N GLN B 22 -26.16 39.85 -21.67
CA GLN B 22 -25.08 39.87 -22.65
C GLN B 22 -24.05 40.95 -22.31
N SER B 23 -24.52 42.11 -21.89
CA SER B 23 -23.60 43.18 -21.49
C SER B 23 -22.76 42.77 -20.30
N LEU B 24 -23.39 42.16 -19.29
CA LEU B 24 -22.65 41.73 -18.11
C LEU B 24 -21.66 40.63 -18.43
N GLN B 25 -22.03 39.69 -19.31
CA GLN B 25 -21.10 38.66 -19.74
C GLN B 25 -19.95 39.25 -20.52
N GLN B 26 -20.20 40.28 -21.32
CA GLN B 26 -19.10 40.99 -21.98
C GLN B 26 -18.19 41.64 -20.95
N ALA B 27 -18.76 42.20 -19.90
CA ALA B 27 -17.99 42.76 -18.80
C ALA B 27 -17.86 41.74 -17.68
N GLY B 28 -17.02 40.73 -17.94
CA GLY B 28 -16.92 39.59 -17.05
C GLY B 28 -16.20 39.88 -15.75
N VAL B 29 -16.82 40.67 -14.88
CA VAL B 29 -16.21 41.03 -13.61
C VAL B 29 -17.16 40.72 -12.46
N VAL B 30 -18.00 39.69 -12.62
CA VAL B 30 -18.96 39.34 -11.58
C VAL B 30 -19.26 37.85 -11.65
N HIS B 31 -19.46 37.26 -10.47
CA HIS B 31 -20.04 35.93 -10.35
C HIS B 31 -21.49 36.07 -9.93
N LEU B 32 -22.31 35.10 -10.35
CA LEU B 32 -23.75 35.23 -10.19
C LEU B 32 -24.21 34.58 -8.87
N GLU B 33 -25.53 34.54 -8.71
CA GLU B 33 -26.16 33.88 -7.58
C GLU B 33 -27.54 33.41 -8.03
N THR B 34 -28.22 32.68 -7.15
CA THR B 34 -29.46 32.02 -7.54
C THR B 34 -30.64 32.98 -7.50
N LEU B 35 -30.99 33.46 -6.30
CA LEU B 35 -32.13 34.36 -6.09
C LEU B 35 -33.44 33.75 -6.58
N ARG B 36 -33.46 32.43 -6.81
CA ARG B 36 -34.67 31.78 -7.29
C ARG B 36 -35.87 31.95 -6.38
N PRO B 37 -35.78 31.76 -5.05
CA PRO B 37 -36.97 31.85 -4.21
C PRO B 37 -37.42 33.27 -3.89
N GLU B 38 -36.99 34.28 -4.64
CA GLU B 38 -37.33 35.65 -4.30
C GLU B 38 -38.76 35.97 -4.67
N ALA B 39 -39.71 35.23 -4.09
CA ALA B 39 -41.15 35.46 -4.26
C ALA B 39 -41.55 35.43 -5.73
N LEU B 40 -40.81 34.70 -6.55
CA LEU B 40 -41.08 34.64 -7.98
C LEU B 40 -40.39 33.41 -8.55
N SER B 41 -40.77 33.06 -9.77
CA SER B 41 -40.12 31.97 -10.47
C SER B 41 -38.74 32.38 -10.96
N ALA B 42 -37.85 31.41 -11.11
CA ALA B 42 -36.48 31.68 -11.49
C ALA B 42 -36.31 31.79 -13.00
N TYR B 43 -37.03 32.74 -13.61
CA TYR B 43 -36.88 33.04 -15.04
C TYR B 43 -37.00 31.78 -15.90
N GLN B 44 -38.19 31.19 -15.88
CA GLN B 44 -38.43 29.97 -16.66
C GLN B 44 -38.05 30.20 -18.11
N LEU B 45 -37.15 29.35 -18.60
CA LEU B 45 -36.60 29.53 -19.94
C LEU B 45 -37.70 29.40 -20.99
N SER B 46 -37.68 30.30 -21.96
CA SER B 46 -38.62 30.24 -23.05
C SER B 46 -38.38 28.99 -23.89
N PRO B 47 -39.42 28.44 -24.50
CA PRO B 47 -39.19 27.35 -25.47
C PRO B 47 -38.28 27.76 -26.61
N GLU B 48 -38.43 28.99 -27.11
CA GLU B 48 -37.49 29.49 -28.11
C GLU B 48 -36.08 29.56 -27.54
N GLU B 49 -35.97 29.93 -26.27
CA GLU B 49 -34.66 29.91 -25.61
C GLU B 49 -34.09 28.49 -25.59
N ARG B 50 -34.94 27.51 -25.29
CA ARG B 50 -34.48 26.12 -25.26
C ARG B 50 -34.03 25.66 -26.64
N ALA B 51 -34.77 26.06 -27.67
CA ALA B 51 -34.40 25.68 -29.03
C ALA B 51 -33.08 26.32 -29.45
N GLU B 52 -32.92 27.62 -29.18
CA GLU B 52 -31.67 28.28 -29.50
C GLU B 52 -30.52 27.68 -28.71
N LEU B 53 -30.76 27.32 -27.45
CA LEU B 53 -29.73 26.69 -26.63
C LEU B 53 -29.33 25.35 -27.22
N ARG B 54 -30.31 24.54 -27.65
CA ARG B 54 -29.97 23.27 -28.27
C ARG B 54 -29.17 23.46 -29.55
N ARG B 55 -29.56 24.42 -30.38
CA ARG B 55 -28.82 24.69 -31.60
C ARG B 55 -27.39 25.12 -31.30
N TRP B 56 -27.23 26.03 -30.33
CA TRP B 56 -25.90 26.50 -29.99
C TRP B 56 -25.05 25.39 -29.37
N GLU B 57 -25.67 24.54 -28.55
CA GLU B 57 -24.94 23.43 -27.94
C GLU B 57 -24.47 22.46 -29.00
N ALA B 58 -25.33 22.17 -29.98
CA ALA B 58 -24.91 21.32 -31.08
C ALA B 58 -23.79 21.97 -31.87
N VAL B 59 -23.87 23.29 -32.07
CA VAL B 59 -22.82 23.99 -32.80
C VAL B 59 -21.49 23.89 -32.06
N SER B 60 -21.52 24.06 -30.74
CA SER B 60 -20.29 24.01 -29.95
C SER B 60 -19.71 22.61 -29.91
N ALA B 61 -20.56 21.60 -29.71
CA ALA B 61 -20.07 20.22 -29.72
C ALA B 61 -19.49 19.87 -31.07
N GLY B 62 -20.14 20.32 -32.15
CA GLY B 62 -19.58 20.09 -33.47
C GLY B 62 -18.26 20.80 -33.68
N ALA B 63 -18.14 22.02 -33.15
CA ALA B 63 -16.87 22.74 -33.27
C ALA B 63 -15.76 21.99 -32.56
N GLU B 64 -16.02 21.51 -31.35
CA GLU B 64 -15.01 20.76 -30.61
C GLU B 64 -14.66 19.46 -31.35
N HIS B 65 -15.67 18.73 -31.82
CA HIS B 65 -15.43 17.48 -32.52
C HIS B 65 -14.67 17.70 -33.81
N THR B 66 -14.98 18.78 -34.53
CA THR B 66 -14.28 19.09 -35.77
C THR B 66 -12.85 19.51 -35.51
N LEU B 67 -12.62 20.24 -34.41
CA LEU B 67 -11.25 20.56 -34.03
C LEU B 67 -10.48 19.27 -33.76
N SER B 68 -11.10 18.34 -33.04
CA SER B 68 -10.45 17.06 -32.79
C SER B 68 -10.16 16.32 -34.08
N LEU B 69 -11.14 16.29 -34.98
CA LEU B 69 -10.98 15.55 -36.24
C LEU B 69 -9.89 16.16 -37.10
N LEU B 70 -9.91 17.49 -37.25
CA LEU B 70 -8.84 18.18 -37.94
C LEU B 70 -7.51 18.03 -37.22
N GLY B 71 -7.54 17.65 -35.94
CA GLY B 71 -6.35 17.46 -35.15
C GLY B 71 -6.02 18.59 -34.22
N LEU B 72 -6.60 19.77 -34.44
CA LEU B 72 -6.30 20.92 -33.60
C LEU B 72 -6.93 20.77 -32.22
N GLU B 73 -6.66 21.75 -31.37
CA GLU B 73 -7.17 21.77 -30.01
C GLU B 73 -8.06 22.99 -29.80
N ALA B 74 -9.03 22.86 -28.90
CA ALA B 74 -10.04 23.89 -28.69
C ALA B 74 -9.41 25.06 -27.96
N GLU B 75 -8.68 25.88 -28.72
CA GLU B 75 -8.04 27.06 -28.17
C GLU B 75 -8.96 28.27 -28.32
N PRO B 76 -9.47 28.85 -27.23
CA PRO B 76 -10.30 30.05 -27.35
C PRO B 76 -9.53 31.20 -27.97
N ALA B 77 -10.05 31.69 -29.09
CA ALA B 77 -9.42 32.75 -29.87
C ALA B 77 -10.45 33.84 -30.14
N ARG B 78 -10.11 34.75 -31.05
CA ARG B 78 -11.04 35.78 -31.47
C ARG B 78 -12.27 35.12 -32.10
N PRO B 79 -13.47 35.47 -31.67
CA PRO B 79 -14.66 34.69 -32.05
C PRO B 79 -14.99 34.84 -33.54
N PHE B 80 -16.07 34.17 -33.94
CA PHE B 80 -16.62 34.26 -35.29
C PHE B 80 -18.06 34.72 -35.21
N PRO B 81 -18.30 36.03 -35.13
CA PRO B 81 -19.68 36.53 -35.09
C PRO B 81 -20.45 36.15 -36.34
N GLU B 82 -21.67 35.67 -36.13
CA GLU B 82 -22.56 35.27 -37.22
C GLU B 82 -23.89 34.87 -36.61
N GLY B 83 -24.87 34.61 -37.47
CA GLY B 83 -26.12 34.04 -37.01
C GLY B 83 -25.92 32.60 -36.55
N LEU B 84 -26.89 32.10 -35.78
CA LEU B 84 -26.83 30.69 -35.39
C LEU B 84 -26.82 29.79 -36.61
N GLU B 85 -27.75 30.03 -37.55
CA GLU B 85 -27.77 29.24 -38.77
C GLU B 85 -26.57 29.57 -39.66
N ALA B 86 -26.08 30.80 -39.62
CA ALA B 86 -24.89 31.14 -40.40
C ALA B 86 -23.68 30.34 -39.94
N ALA B 87 -23.47 30.29 -38.63
CA ALA B 87 -22.38 29.49 -38.08
C ALA B 87 -22.63 28.00 -38.32
N GLU B 88 -23.89 27.59 -38.30
CA GLU B 88 -24.19 26.21 -38.65
C GLU B 88 -23.80 25.91 -40.09
N LYS B 89 -24.07 26.84 -41.00
CA LYS B 89 -23.72 26.67 -42.40
C LYS B 89 -22.23 26.81 -42.64
N ALA B 90 -21.51 27.42 -41.70
CA ALA B 90 -20.06 27.37 -41.75
C ALA B 90 -19.51 26.03 -41.25
N LEU B 91 -20.11 25.49 -40.19
CA LEU B 91 -19.61 24.27 -39.57
C LEU B 91 -19.93 23.05 -40.42
N SER B 92 -21.11 23.03 -41.04
CA SER B 92 -21.55 21.85 -41.79
C SER B 92 -20.57 21.44 -42.88
N PRO B 93 -20.07 22.33 -43.73
CA PRO B 93 -19.07 21.90 -44.72
C PRO B 93 -17.83 21.30 -44.08
N ILE B 94 -17.32 21.94 -43.04
CA ILE B 94 -16.16 21.41 -42.33
C ILE B 94 -16.50 20.05 -41.72
N GLN B 95 -17.67 19.97 -41.09
CA GLN B 95 -18.08 18.72 -40.45
C GLN B 95 -18.13 17.59 -41.45
N ALA B 96 -18.74 17.83 -42.62
CA ALA B 96 -18.87 16.79 -43.63
C ALA B 96 -17.51 16.42 -44.21
N HIS B 97 -16.74 17.42 -44.64
CA HIS B 97 -15.45 17.14 -45.27
C HIS B 97 -14.50 16.44 -44.30
N ALA B 98 -14.72 16.65 -42.99
CA ALA B 98 -13.88 15.99 -42.00
C ALA B 98 -14.35 14.57 -41.74
N GLU B 99 -15.66 14.39 -41.50
CA GLU B 99 -16.18 13.08 -41.15
C GLU B 99 -16.00 12.09 -42.31
N GLY B 100 -16.31 12.51 -43.53
CA GLY B 100 -16.15 11.61 -44.66
C GLY B 100 -14.70 11.23 -44.88
N LEU B 101 -13.81 12.22 -44.83
CA LEU B 101 -12.39 11.93 -45.01
C LEU B 101 -11.87 11.03 -43.90
N THR B 102 -12.35 11.22 -42.68
CA THR B 102 -11.92 10.39 -41.55
C THR B 102 -12.39 8.96 -41.73
N ARG B 103 -13.64 8.78 -42.17
CA ARG B 103 -14.12 7.45 -42.46
C ARG B 103 -13.28 6.80 -43.56
N GLN B 104 -12.94 7.57 -44.59
CA GLN B 104 -12.12 7.05 -45.68
C GLN B 104 -10.75 6.63 -45.16
N LYS B 105 -10.12 7.46 -44.33
CA LYS B 105 -8.79 7.14 -43.83
C LYS B 105 -8.81 5.93 -42.92
N GLN B 106 -9.80 5.84 -42.04
CA GLN B 106 -9.94 4.67 -41.18
C GLN B 106 -10.15 3.40 -42.00
N GLU B 107 -11.00 3.50 -43.03
CA GLU B 107 -11.25 2.34 -43.89
C GLU B 107 -9.98 1.93 -44.61
N LEU B 108 -9.22 2.90 -45.12
CA LEU B 108 -7.98 2.57 -45.81
C LEU B 108 -6.98 1.93 -44.87
N GLU B 109 -6.90 2.43 -43.63
CA GLU B 109 -5.96 1.87 -42.66
C GLU B 109 -6.33 0.43 -42.32
N GLU B 110 -7.61 0.18 -42.06
CA GLU B 110 -8.05 -1.17 -41.75
C GLU B 110 -7.84 -2.09 -42.94
N GLU B 111 -8.08 -1.60 -44.16
CA GLU B 111 -7.86 -2.39 -45.36
C GLU B 111 -6.39 -2.77 -45.50
N LEU B 112 -5.50 -1.80 -45.28
CA LEU B 112 -4.07 -2.09 -45.36
C LEU B 112 -3.65 -3.10 -44.29
N ALA B 113 -4.20 -2.95 -43.08
CA ALA B 113 -3.90 -3.90 -42.01
C ALA B 113 -4.34 -5.31 -42.38
N LEU B 114 -5.52 -5.44 -42.96
CA LEU B 114 -5.97 -6.74 -43.43
C LEU B 114 -5.09 -7.26 -44.55
N ALA B 115 -4.67 -6.37 -45.46
CA ALA B 115 -3.83 -6.78 -46.59
C ALA B 115 -2.52 -7.38 -46.10
N GLN B 116 -1.84 -6.67 -45.20
CA GLN B 116 -0.62 -7.24 -44.61
C GLN B 116 -0.93 -8.58 -43.95
N ALA B 117 -2.10 -8.71 -43.34
CA ALA B 117 -2.49 -9.96 -42.71
C ALA B 117 -2.98 -11.00 -43.71
N TYR B 118 -3.26 -10.61 -44.96
CA TYR B 118 -3.86 -11.56 -45.88
C TYR B 118 -3.25 -11.60 -47.27
N LEU B 119 -2.42 -10.65 -47.68
CA LEU B 119 -1.93 -10.64 -49.06
C LEU B 119 -1.02 -11.83 -49.34
N GLU B 120 0.09 -11.93 -48.61
CA GLU B 120 1.01 -13.04 -48.81
C GLU B 120 0.38 -14.40 -48.49
N PRO B 121 -0.35 -14.58 -47.38
CA PRO B 121 -1.03 -15.87 -47.17
C PRO B 121 -2.03 -16.20 -48.27
N LEU B 122 -2.74 -15.20 -48.80
CA LEU B 122 -3.66 -15.46 -49.90
C LEU B 122 -2.91 -15.89 -51.15
N GLU B 123 -1.78 -15.25 -51.44
CA GLU B 123 -0.97 -15.66 -52.58
C GLU B 123 -0.45 -17.08 -52.41
N ARG B 124 0.00 -17.42 -51.20
CA ARG B 124 0.47 -18.78 -50.95
C ARG B 124 -0.65 -19.79 -51.08
N LEU B 125 -1.85 -19.45 -50.59
CA LEU B 125 -2.99 -20.34 -50.74
C LEU B 125 -3.34 -20.53 -52.21
N ALA B 126 -3.30 -19.45 -52.99
CA ALA B 126 -3.58 -19.55 -54.42
C ALA B 126 -2.56 -20.45 -55.11
N ALA B 127 -1.29 -20.30 -54.76
CA ALA B 127 -0.26 -21.17 -55.33
C ALA B 127 -0.50 -22.62 -54.94
N LEU B 128 -0.89 -22.86 -53.68
CA LEU B 128 -1.21 -24.22 -53.26
C LEU B 128 -2.44 -24.75 -53.98
N ALA B 129 -3.29 -23.87 -54.48
CA ALA B 129 -4.51 -24.27 -55.17
C ALA B 129 -4.17 -24.65 -56.61
N HIS B 130 -3.78 -25.90 -56.80
CA HIS B 130 -3.47 -26.39 -58.14
C HIS B 130 -4.70 -26.34 -59.03
N GLY B 131 -5.73 -27.10 -58.68
CA GLY B 131 -6.99 -27.06 -59.40
C GLY B 131 -7.97 -26.08 -58.79
N LEU B 132 -9.13 -25.97 -59.43
CA LEU B 132 -10.18 -25.11 -58.91
C LEU B 132 -10.95 -25.82 -57.80
N ASP B 133 -11.02 -25.19 -56.63
CA ASP B 133 -11.79 -25.75 -55.53
C ASP B 133 -13.28 -25.74 -55.80
N LYS B 134 -13.74 -24.90 -56.73
CA LYS B 134 -15.15 -24.82 -57.05
C LYS B 134 -15.67 -26.04 -57.81
N SER B 135 -14.78 -26.94 -58.25
CA SER B 135 -15.19 -28.17 -58.91
C SER B 135 -16.13 -28.93 -57.99
N PRO B 136 -17.40 -29.06 -58.36
CA PRO B 136 -18.41 -29.58 -57.41
C PRO B 136 -18.13 -30.99 -56.94
N PHE B 137 -17.37 -31.78 -57.68
CA PHE B 137 -17.04 -33.12 -57.24
C PHE B 137 -15.86 -33.09 -56.30
N LEU B 138 -15.55 -31.91 -55.75
CA LEU B 138 -14.43 -31.77 -54.84
C LEU B 138 -14.61 -30.53 -53.99
N ARG B 139 -13.84 -30.48 -52.90
CA ARG B 139 -13.76 -29.29 -52.05
C ARG B 139 -12.49 -29.41 -51.22
N VAL B 140 -12.07 -28.29 -50.63
CA VAL B 140 -10.79 -28.23 -49.92
C VAL B 140 -10.98 -27.49 -48.61
N ILE B 141 -10.06 -27.69 -47.68
CA ILE B 141 -10.01 -26.97 -46.41
C ILE B 141 -8.65 -26.28 -46.31
N PRO B 142 -8.58 -24.97 -46.52
CA PRO B 142 -7.28 -24.26 -46.54
C PRO B 142 -6.80 -23.86 -45.14
N PHE B 143 -6.45 -24.86 -44.34
CA PHE B 143 -5.99 -24.60 -42.97
C PHE B 143 -4.68 -23.83 -42.97
N LEU B 144 -4.62 -22.76 -42.18
CA LEU B 144 -3.42 -21.95 -42.08
C LEU B 144 -2.33 -22.71 -41.33
N LEU B 145 -1.10 -22.63 -41.82
CA LEU B 145 0.00 -23.44 -41.31
C LEU B 145 1.16 -22.57 -40.86
N THR B 146 0.87 -21.52 -40.11
CA THR B 146 1.93 -20.80 -39.42
C THR B 146 2.64 -21.72 -38.42
N GLU B 147 1.92 -22.69 -37.87
CA GLU B 147 2.48 -23.71 -37.00
C GLU B 147 2.39 -25.06 -37.69
N LYS B 148 3.38 -25.91 -37.47
CA LYS B 148 3.48 -27.19 -38.17
C LYS B 148 2.75 -28.32 -37.44
N GLU B 149 1.70 -28.00 -36.67
CA GLU B 149 0.95 -29.03 -35.96
C GLU B 149 -0.06 -29.75 -36.83
N LEU B 150 -0.18 -29.37 -38.11
CA LEU B 150 -1.12 -29.97 -39.05
C LEU B 150 -0.99 -31.49 -39.15
N PRO B 151 0.22 -32.06 -39.16
CA PRO B 151 0.32 -33.53 -39.11
C PRO B 151 -0.37 -34.15 -37.91
N LEU B 152 -0.40 -33.46 -36.77
CA LEU B 152 -1.17 -33.97 -35.64
C LEU B 152 -2.65 -34.02 -35.95
N VAL B 153 -3.18 -32.97 -36.58
CA VAL B 153 -4.59 -32.94 -36.98
C VAL B 153 -4.87 -34.00 -38.03
N GLU B 154 -3.84 -34.38 -38.79
CA GLU B 154 -3.99 -35.42 -39.81
C GLU B 154 -4.44 -36.73 -39.17
N GLU B 155 -4.19 -36.90 -37.88
CA GLU B 155 -4.69 -38.07 -37.18
C GLU B 155 -6.20 -38.17 -37.33
N ALA B 156 -6.91 -37.10 -37.00
CA ALA B 156 -8.35 -37.08 -37.19
C ALA B 156 -8.71 -37.02 -38.67
N LEU B 157 -8.04 -36.15 -39.43
CA LEU B 157 -8.36 -35.98 -40.84
C LEU B 157 -7.47 -36.84 -41.74
N ARG B 158 -7.35 -38.12 -41.40
CA ARG B 158 -6.62 -39.06 -42.26
C ARG B 158 -7.28 -39.27 -43.62
N LYS B 159 -8.52 -38.82 -43.78
CA LYS B 159 -9.18 -38.95 -45.08
C LYS B 159 -8.37 -38.27 -46.17
N ALA B 160 -8.27 -38.94 -47.32
CA ALA B 160 -7.47 -38.44 -48.42
C ALA B 160 -8.25 -38.61 -49.72
N LEU B 161 -7.94 -37.76 -50.69
CA LEU B 161 -8.64 -37.80 -51.97
C LEU B 161 -8.22 -39.03 -52.77
N GLU B 162 -9.17 -39.55 -53.54
CA GLU B 162 -8.88 -40.70 -54.39
C GLU B 162 -7.85 -40.36 -55.46
N ASP B 163 -7.97 -39.18 -56.06
CA ASP B 163 -7.06 -38.80 -57.14
C ASP B 163 -5.66 -38.53 -56.61
N ARG B 164 -5.50 -37.51 -55.76
CA ARG B 164 -4.19 -37.14 -55.26
C ARG B 164 -4.34 -36.17 -54.09
N TYR B 165 -3.26 -36.06 -53.32
CA TYR B 165 -3.10 -35.05 -52.27
C TYR B 165 -4.03 -35.24 -51.08
N LEU B 166 -3.68 -34.61 -49.96
CA LEU B 166 -4.45 -34.68 -48.73
C LEU B 166 -3.98 -33.57 -47.80
N LEU B 167 -4.46 -33.64 -46.56
CA LEU B 167 -4.16 -32.59 -45.58
C LEU B 167 -2.76 -32.78 -45.01
N ALA B 168 -1.92 -31.77 -45.18
CA ALA B 168 -0.55 -31.78 -44.68
C ALA B 168 -0.04 -30.35 -44.63
N HIS B 169 1.26 -30.19 -44.40
CA HIS B 169 1.88 -28.87 -44.40
C HIS B 169 1.91 -28.30 -45.82
N GLU B 170 2.08 -26.99 -45.90
CA GLU B 170 2.03 -26.28 -47.18
C GLU B 170 3.22 -25.35 -47.30
N ALA B 171 3.54 -24.98 -48.54
CA ALA B 171 4.64 -24.09 -48.82
C ALA B 171 4.36 -22.69 -48.27
N TYR B 172 5.43 -21.91 -48.10
CA TYR B 172 5.35 -20.57 -47.53
C TYR B 172 4.71 -20.62 -46.15
N ALA B 173 5.44 -21.27 -45.22
CA ALA B 173 4.89 -21.57 -43.91
C ALA B 173 4.34 -20.34 -43.21
N GLY B 174 4.92 -19.16 -43.45
CA GLY B 174 4.37 -17.94 -42.90
C GLY B 174 2.94 -17.70 -43.35
N GLY B 175 2.64 -17.93 -44.63
CA GLY B 175 1.30 -17.79 -45.13
C GLY B 175 0.75 -19.09 -45.71
N VAL B 176 1.21 -20.22 -45.18
CA VAL B 176 0.84 -21.52 -45.73
C VAL B 176 -0.64 -21.80 -45.47
N ALA B 177 -1.29 -22.42 -46.46
CA ALA B 177 -2.68 -22.84 -46.32
C ALA B 177 -2.76 -24.31 -46.71
N ALA B 178 -3.29 -25.14 -45.82
CA ALA B 178 -3.25 -26.58 -46.01
C ALA B 178 -4.09 -27.01 -47.22
N LEU B 179 -3.55 -27.94 -48.00
CA LEU B 179 -4.25 -28.50 -49.14
C LEU B 179 -5.12 -29.67 -48.72
N VAL B 180 -6.08 -29.42 -47.83
CA VAL B 180 -6.94 -30.49 -47.33
C VAL B 180 -8.14 -30.63 -48.26
N VAL B 181 -7.97 -31.37 -49.34
CA VAL B 181 -8.99 -31.47 -50.37
C VAL B 181 -9.73 -32.79 -50.24
N VAL B 182 -11.06 -32.74 -50.41
CA VAL B 182 -11.91 -33.90 -50.34
C VAL B 182 -12.90 -33.85 -51.50
N HIS B 183 -13.16 -35.00 -52.09
CA HIS B 183 -13.99 -35.09 -53.29
C HIS B 183 -15.47 -34.94 -52.95
N ARG B 184 -16.29 -34.92 -53.99
CA ARG B 184 -17.74 -34.80 -53.90
C ARG B 184 -18.19 -33.57 -53.12
N LYS B 185 -17.33 -32.54 -53.05
CA LYS B 185 -17.56 -31.34 -52.26
C LYS B 185 -17.82 -31.65 -50.79
N GLU B 186 -17.50 -32.86 -50.35
CA GLU B 186 -17.77 -33.31 -48.99
C GLU B 186 -16.67 -32.94 -48.01
N VAL B 187 -15.89 -31.90 -48.29
CA VAL B 187 -14.77 -31.54 -47.43
C VAL B 187 -15.21 -31.05 -46.07
N ASP B 188 -16.52 -30.93 -45.83
CA ASP B 188 -16.99 -30.53 -44.51
C ASP B 188 -16.64 -31.55 -43.44
N GLN B 189 -16.64 -32.84 -43.79
CA GLN B 189 -16.22 -33.86 -42.84
C GLN B 189 -14.77 -33.64 -42.40
N ALA B 190 -13.90 -33.37 -43.37
CA ALA B 190 -12.51 -33.07 -43.05
C ALA B 190 -12.40 -31.77 -42.25
N LYS B 191 -13.23 -30.78 -42.59
CA LYS B 191 -13.19 -29.50 -41.89
C LYS B 191 -13.59 -29.65 -40.44
N ALA B 192 -14.51 -30.57 -40.13
CA ALA B 192 -14.87 -30.82 -38.74
C ALA B 192 -13.66 -31.30 -37.94
N ALA B 193 -12.91 -32.26 -38.49
CA ALA B 193 -11.74 -32.77 -37.79
C ALA B 193 -10.63 -31.73 -37.71
N LEU B 194 -10.48 -30.91 -38.76
CA LEU B 194 -9.46 -29.87 -38.74
C LEU B 194 -9.82 -28.71 -37.83
N SER B 195 -11.11 -28.52 -37.55
CA SER B 195 -11.51 -27.57 -36.51
C SER B 195 -11.29 -28.18 -35.13
N ARG B 196 -11.53 -29.49 -35.00
CA ARG B 196 -11.27 -30.16 -33.74
C ARG B 196 -9.80 -30.08 -33.37
N ALA B 197 -8.91 -30.36 -34.32
CA ALA B 197 -7.48 -30.38 -34.07
C ALA B 197 -6.76 -29.62 -35.17
N GLY B 198 -5.67 -28.94 -34.78
CA GLY B 198 -4.85 -28.23 -35.74
C GLY B 198 -5.17 -26.75 -35.86
N VAL B 199 -5.55 -26.30 -37.06
CA VAL B 199 -5.84 -24.90 -37.32
C VAL B 199 -6.96 -24.81 -38.34
N ALA B 200 -7.72 -23.72 -38.27
CA ALA B 200 -8.88 -23.55 -39.13
C ALA B 200 -8.45 -23.03 -40.50
N GLU B 201 -9.44 -22.91 -41.40
CA GLU B 201 -9.17 -22.51 -42.78
C GLU B 201 -8.64 -21.08 -42.84
N LEU B 202 -7.79 -20.82 -43.83
CA LEU B 202 -7.21 -19.49 -44.00
C LEU B 202 -8.26 -18.54 -44.55
N ARG B 203 -9.25 -18.19 -43.72
CA ARG B 203 -10.34 -17.34 -44.16
C ARG B 203 -9.85 -15.93 -44.45
N LEU B 204 -10.72 -15.14 -45.08
CA LEU B 204 -10.41 -13.76 -45.42
C LEU B 204 -11.69 -12.95 -45.34
N PRO B 205 -11.59 -11.64 -45.14
CA PRO B 205 -12.77 -10.79 -45.15
C PRO B 205 -13.05 -10.20 -46.53
N GLY B 206 -14.29 -9.76 -46.70
CA GLY B 206 -14.65 -8.98 -47.87
C GLY B 206 -14.46 -9.72 -49.18
N ALA B 207 -13.94 -9.00 -50.18
CA ALA B 207 -13.70 -9.60 -51.48
C ALA B 207 -12.71 -10.75 -51.39
N LEU B 208 -11.65 -10.57 -50.60
CA LEU B 208 -10.71 -11.66 -50.37
C LEU B 208 -11.42 -12.89 -49.79
N GLY B 209 -12.47 -12.66 -49.01
CA GLY B 209 -13.22 -13.76 -48.43
C GLY B 209 -14.31 -14.29 -49.34
N GLU B 210 -15.18 -13.39 -49.79
CA GLU B 210 -16.32 -13.83 -50.61
C GLU B 210 -15.85 -14.45 -51.92
N LEU B 211 -14.92 -13.80 -52.61
CA LEU B 211 -14.49 -14.28 -53.91
C LEU B 211 -13.70 -15.59 -53.77
N PRO B 212 -13.64 -16.38 -54.83
CA PRO B 212 -12.80 -17.58 -54.82
C PRO B 212 -11.32 -17.21 -54.86
N LEU B 213 -10.48 -18.22 -55.03
CA LEU B 213 -9.03 -18.00 -54.98
C LEU B 213 -8.59 -16.91 -55.95
N SER B 214 -8.98 -17.03 -57.22
CA SER B 214 -8.46 -16.13 -58.25
C SER B 214 -8.95 -14.70 -58.05
N GLU B 215 -10.26 -14.53 -57.89
CA GLU B 215 -10.81 -13.18 -57.76
C GLU B 215 -10.40 -12.55 -56.43
N ALA B 216 -10.33 -13.36 -55.38
CA ALA B 216 -9.88 -12.88 -54.09
C ALA B 216 -8.43 -12.40 -54.16
N ALA B 217 -7.57 -13.17 -54.84
CA ALA B 217 -6.19 -12.75 -54.99
C ALA B 217 -6.06 -11.49 -55.84
N ARG B 218 -6.87 -11.39 -56.90
CA ARG B 218 -6.85 -10.18 -57.73
C ARG B 218 -7.28 -8.97 -56.92
N ARG B 219 -8.34 -9.11 -56.12
CA ARG B 219 -8.78 -8.01 -55.28
C ARG B 219 -7.73 -7.66 -54.24
N LEU B 220 -7.06 -8.67 -53.68
CA LEU B 220 -6.02 -8.43 -52.70
C LEU B 220 -4.84 -7.67 -53.31
N LYS B 221 -4.43 -8.06 -54.51
CA LYS B 221 -3.34 -7.35 -55.18
C LYS B 221 -3.75 -5.92 -55.53
N GLU B 222 -4.99 -5.74 -55.98
CA GLU B 222 -5.48 -4.40 -56.26
C GLU B 222 -5.47 -3.53 -55.02
N ARG B 223 -5.92 -4.08 -53.89
CA ARG B 223 -5.89 -3.35 -52.63
C ARG B 223 -4.47 -3.05 -52.19
N ALA B 224 -3.54 -4.00 -52.38
CA ALA B 224 -2.15 -3.76 -52.05
C ALA B 224 -1.60 -2.60 -52.86
N GLU B 225 -1.97 -2.52 -54.13
CA GLU B 225 -1.54 -1.38 -54.95
C GLU B 225 -2.18 -0.08 -54.48
N ALA B 226 -3.48 -0.13 -54.13
CA ALA B 226 -4.24 1.11 -53.95
C ALA B 226 -4.06 1.71 -52.56
N ALA B 227 -4.17 0.90 -51.52
CA ALA B 227 -4.23 1.41 -50.15
C ALA B 227 -3.07 2.33 -49.78
N PRO B 228 -1.81 2.10 -50.19
CA PRO B 228 -0.78 3.11 -49.99
C PRO B 228 -1.18 4.48 -50.52
N ARG B 229 -1.54 4.52 -51.81
CA ARG B 229 -1.92 5.78 -52.43
C ARG B 229 -3.19 6.33 -51.82
N GLU B 230 -4.14 5.46 -51.50
CA GLU B 230 -5.38 5.91 -50.88
C GLU B 230 -5.11 6.61 -49.55
N LEU B 231 -4.32 5.96 -48.69
CA LEU B 231 -4.01 6.55 -47.39
C LEU B 231 -3.22 7.84 -47.54
N SER B 232 -2.27 7.87 -48.49
CA SER B 232 -1.49 9.08 -48.68
C SER B 232 -2.36 10.25 -49.12
N GLU B 233 -3.25 10.00 -50.09
CA GLU B 233 -4.15 11.05 -50.55
C GLU B 233 -5.08 11.50 -49.44
N VAL B 234 -5.62 10.55 -48.67
CA VAL B 234 -6.52 10.90 -47.57
C VAL B 234 -5.79 11.76 -46.55
N ARG B 235 -4.56 11.38 -46.20
CA ARG B 235 -3.78 12.14 -45.24
C ARG B 235 -3.51 13.55 -45.74
N GLN B 236 -3.09 13.67 -47.01
CA GLN B 236 -2.79 14.99 -47.55
C GLN B 236 -4.03 15.87 -47.57
N HIS B 237 -5.16 15.31 -48.02
CA HIS B 237 -6.40 16.09 -48.08
C HIS B 237 -6.85 16.52 -46.69
N LEU B 238 -6.79 15.60 -45.72
CA LEU B 238 -7.21 15.94 -44.37
C LEU B 238 -6.30 17.00 -43.77
N ALA B 239 -4.99 16.90 -44.01
CA ALA B 239 -4.06 17.91 -43.52
C ALA B 239 -4.37 19.27 -44.10
N LYS B 240 -4.57 19.34 -45.42
CA LYS B 240 -4.85 20.63 -46.04
C LYS B 240 -6.17 21.21 -45.53
N LEU B 241 -7.18 20.36 -45.37
CA LEU B 241 -8.48 20.83 -44.88
C LEU B 241 -8.35 21.35 -43.45
N ALA B 242 -7.62 20.63 -42.59
CA ALA B 242 -7.41 21.09 -41.23
C ALA B 242 -6.69 22.43 -41.22
N ARG B 243 -5.64 22.54 -42.03
CA ARG B 243 -4.88 23.79 -42.10
C ARG B 243 -5.76 24.95 -42.52
N GLU B 244 -6.63 24.71 -43.51
CA GLU B 244 -7.50 25.78 -43.99
C GLU B 244 -8.54 26.16 -42.95
N SER B 245 -9.17 25.18 -42.31
CA SER B 245 -10.36 25.44 -41.51
C SER B 245 -10.08 25.66 -40.03
N ALA B 246 -8.82 25.58 -39.59
CA ALA B 246 -8.52 25.69 -38.18
C ALA B 246 -8.97 27.03 -37.60
N SER B 247 -8.61 28.13 -38.28
CA SER B 247 -8.91 29.45 -37.74
C SER B 247 -10.42 29.67 -37.65
N THR B 248 -11.14 29.31 -38.70
CA THR B 248 -12.59 29.47 -38.69
C THR B 248 -13.22 28.63 -37.61
N LEU B 249 -12.77 27.39 -37.45
CA LEU B 249 -13.34 26.53 -36.42
C LEU B 249 -13.07 27.08 -35.03
N GLN B 250 -11.87 27.60 -34.80
CA GLN B 250 -11.55 28.16 -33.49
C GLN B 250 -12.39 29.38 -33.19
N SER B 251 -12.52 30.28 -34.17
CA SER B 251 -13.34 31.48 -33.98
C SER B 251 -14.79 31.10 -33.71
N LEU B 252 -15.31 30.14 -34.47
CA LEU B 252 -16.68 29.68 -34.27
C LEU B 252 -16.85 29.08 -32.89
N TRP B 253 -15.87 28.28 -32.45
CA TRP B 253 -15.96 27.67 -31.12
C TRP B 253 -15.96 28.73 -30.03
N THR B 254 -15.15 29.77 -30.19
CA THR B 254 -15.13 30.84 -29.20
C THR B 254 -16.48 31.55 -29.14
N ARG B 255 -17.00 31.95 -30.31
CA ARG B 255 -18.29 32.63 -30.33
C ARG B 255 -19.38 31.74 -29.75
N ALA B 256 -19.35 30.45 -30.09
CA ALA B 256 -20.35 29.52 -29.58
C ALA B 256 -20.26 29.38 -28.08
N GLN B 257 -19.04 29.28 -27.55
CA GLN B 257 -18.88 29.17 -26.10
C GLN B 257 -19.43 30.41 -25.41
N ASP B 258 -19.13 31.59 -25.96
CA ASP B 258 -19.63 32.83 -25.36
C ASP B 258 -21.16 32.86 -25.37
N GLU B 259 -21.76 32.58 -26.53
CA GLU B 259 -23.21 32.63 -26.63
C GLU B 259 -23.86 31.58 -25.74
N VAL B 260 -23.31 30.36 -25.70
CA VAL B 260 -23.89 29.31 -24.88
C VAL B 260 -23.80 29.66 -23.41
N ALA B 261 -22.68 30.26 -22.99
CA ALA B 261 -22.55 30.68 -21.61
C ALA B 261 -23.58 31.75 -21.28
N ARG B 262 -23.76 32.70 -22.19
CA ARG B 262 -24.78 33.74 -21.95
C ARG B 262 -26.16 33.13 -21.81
N LEU B 263 -26.48 32.16 -22.67
CA LEU B 263 -27.79 31.52 -22.62
C LEU B 263 -27.96 30.74 -21.32
N LYS B 264 -26.93 30.01 -20.89
CA LYS B 264 -27.02 29.27 -19.63
C LYS B 264 -27.20 30.21 -18.46
N ALA B 265 -26.48 31.33 -18.48
CA ALA B 265 -26.68 32.35 -17.46
C ALA B 265 -28.11 32.83 -17.44
N LEU B 266 -28.65 33.13 -18.62
CA LEU B 266 -30.06 33.51 -18.71
C LEU B 266 -30.95 32.45 -18.09
N GLU B 267 -30.62 31.17 -18.33
CA GLU B 267 -31.35 30.08 -17.71
C GLU B 267 -31.26 30.11 -16.20
N GLU B 268 -30.13 30.57 -15.66
CA GLU B 268 -29.96 30.62 -14.21
C GLU B 268 -30.66 31.81 -13.56
N LEU B 269 -31.25 32.71 -14.35
CA LEU B 269 -31.74 33.98 -13.83
C LEU B 269 -33.03 33.79 -13.05
N ALA B 270 -33.66 34.90 -12.67
CA ALA B 270 -34.93 34.90 -11.97
C ALA B 270 -35.89 35.87 -12.66
N SER B 271 -37.18 35.49 -12.68
CA SER B 271 -38.18 36.23 -13.45
C SER B 271 -38.61 37.51 -12.75
N GLY B 272 -39.43 38.32 -13.42
CA GLY B 272 -39.89 39.57 -12.86
C GLY B 272 -41.31 40.00 -13.21
N ARG B 273 -42.15 39.06 -13.64
CA ARG B 273 -43.55 39.34 -13.96
C ARG B 273 -43.66 40.42 -15.02
N PHE B 274 -43.21 40.04 -16.23
CA PHE B 274 -42.99 40.91 -17.39
C PHE B 274 -41.72 41.73 -17.18
N GLY B 275 -41.12 41.60 -16.00
CA GLY B 275 -39.80 42.12 -15.74
C GLY B 275 -38.79 41.01 -15.58
N PHE B 276 -37.64 41.36 -15.04
CA PHE B 276 -36.62 40.38 -14.70
C PHE B 276 -35.62 41.03 -13.75
N ALA B 277 -34.84 40.19 -13.09
CA ALA B 277 -33.91 40.66 -12.08
C ALA B 277 -32.60 39.89 -12.21
N LEU B 278 -31.55 40.46 -11.62
CA LEU B 278 -30.23 39.84 -11.62
C LEU B 278 -29.64 39.98 -10.22
N LEU B 279 -28.67 39.13 -9.93
CA LEU B 279 -28.00 39.14 -8.63
C LEU B 279 -26.70 38.38 -8.73
N GLY B 280 -25.90 38.46 -7.68
CA GLY B 280 -24.63 37.74 -7.65
C GLY B 280 -23.62 38.36 -6.72
N TYR B 281 -22.42 38.58 -7.24
CA TYR B 281 -21.36 39.22 -6.46
C TYR B 281 -20.33 39.77 -7.42
N VAL B 282 -19.52 40.70 -6.92
CA VAL B 282 -18.42 41.27 -7.69
C VAL B 282 -17.41 41.86 -6.70
N PRO B 283 -16.11 41.83 -7.02
CA PRO B 283 -15.12 42.38 -6.09
C PRO B 283 -15.35 43.86 -5.86
N VAL B 284 -14.98 44.31 -4.65
CA VAL B 284 -15.09 45.73 -4.34
C VAL B 284 -14.31 46.56 -5.33
N LYS B 285 -13.17 46.04 -5.79
CA LYS B 285 -12.40 46.71 -6.83
C LYS B 285 -13.08 46.64 -8.20
N ALA B 286 -14.06 45.76 -8.38
CA ALA B 286 -14.79 45.65 -9.63
C ALA B 286 -16.09 46.43 -9.62
N LYS B 287 -16.40 47.11 -8.52
CA LYS B 287 -17.52 48.05 -8.48
C LYS B 287 -17.39 49.07 -9.61
N PRO B 288 -16.19 49.57 -9.92
CA PRO B 288 -16.06 50.39 -11.14
C PRO B 288 -16.48 49.66 -12.40
N LYS B 289 -16.16 48.37 -12.53
CA LYS B 289 -16.59 47.64 -13.73
C LYS B 289 -18.11 47.55 -13.78
N VAL B 290 -18.75 47.28 -12.65
CA VAL B 290 -20.20 47.21 -12.60
C VAL B 290 -20.80 48.57 -12.97
N GLU B 291 -20.24 49.65 -12.42
CA GLU B 291 -20.75 50.98 -12.72
C GLU B 291 -20.59 51.29 -14.20
N GLU B 292 -19.45 50.92 -14.79
CA GLU B 292 -19.23 51.17 -16.21
C GLU B 292 -20.23 50.40 -17.06
N ALA B 293 -20.49 49.14 -16.70
CA ALA B 293 -21.43 48.33 -17.47
C ALA B 293 -22.88 48.76 -17.25
N LEU B 294 -23.16 49.48 -16.17
CA LEU B 294 -24.52 49.93 -15.91
C LEU B 294 -25.01 50.97 -16.92
N ALA B 295 -24.15 51.44 -17.82
CA ALA B 295 -24.53 52.50 -18.75
C ALA B 295 -25.22 51.99 -19.99
N ARG B 296 -24.82 50.84 -20.53
CA ARG B 296 -25.50 50.29 -21.69
C ARG B 296 -26.97 50.03 -21.38
N HIS B 297 -27.24 49.31 -20.29
CA HIS B 297 -28.58 49.25 -19.75
C HIS B 297 -28.81 50.52 -18.94
N LYS B 298 -28.88 51.67 -19.63
CA LYS B 298 -28.91 52.95 -18.96
C LYS B 298 -30.08 53.07 -17.99
N GLU B 299 -31.15 52.31 -18.22
CA GLU B 299 -32.23 52.29 -17.25
C GLU B 299 -31.72 51.92 -15.86
N SER B 300 -30.99 50.82 -15.74
CA SER B 300 -30.20 50.48 -14.55
C SER B 300 -31.03 50.64 -13.27
N VAL B 301 -32.05 49.78 -13.14
CA VAL B 301 -33.00 49.93 -12.04
C VAL B 301 -32.33 49.89 -10.68
N VAL B 302 -31.47 48.90 -10.43
CA VAL B 302 -30.78 48.81 -9.15
C VAL B 302 -29.30 48.60 -9.37
N TYR B 303 -28.79 49.03 -10.52
CA TYR B 303 -27.41 48.74 -10.89
C TYR B 303 -26.44 49.57 -10.06
N ALA B 304 -26.28 49.21 -8.78
CA ALA B 304 -25.34 49.88 -7.89
C ALA B 304 -24.68 48.85 -7.00
N PHE B 305 -23.37 49.02 -6.77
CA PHE B 305 -22.57 48.04 -6.03
C PHE B 305 -22.92 48.10 -4.55
N GLU B 306 -24.03 47.46 -4.22
CA GLU B 306 -24.45 47.38 -2.83
C GLU B 306 -23.41 46.59 -2.02
N PRO B 307 -23.30 46.86 -0.72
CA PRO B 307 -22.26 46.22 0.07
C PRO B 307 -22.42 44.71 0.16
N VAL B 308 -21.29 44.03 0.37
CA VAL B 308 -21.34 42.58 0.56
C VAL B 308 -22.05 42.24 1.86
N ASP B 309 -22.40 40.97 2.00
CA ASP B 309 -23.16 40.52 3.15
C ASP B 309 -22.29 40.53 4.42
N GLU B 310 -22.96 40.56 5.56
CA GLU B 310 -22.28 40.51 6.84
C GLU B 310 -21.91 39.08 7.19
N HIS B 311 -20.96 38.94 8.12
CA HIS B 311 -20.42 37.63 8.46
C HIS B 311 -21.46 36.70 9.05
N HIS B 312 -22.56 37.23 9.58
CA HIS B 312 -23.57 36.39 10.20
C HIS B 312 -24.31 35.57 9.15
N GLU B 313 -24.00 34.27 9.09
CA GLU B 313 -24.68 33.31 8.21
C GLU B 313 -24.58 33.74 6.75
N ALA B 314 -23.35 33.77 6.27
CA ALA B 314 -23.06 34.18 4.90
C ALA B 314 -22.10 33.19 4.25
N ASP B 315 -22.42 31.90 4.39
CA ASP B 315 -21.56 30.86 3.84
C ASP B 315 -21.43 30.94 2.32
N ARG B 316 -22.34 31.66 1.65
CA ARG B 316 -22.31 31.75 0.20
C ARG B 316 -21.23 32.69 -0.31
N ILE B 317 -20.53 33.40 0.57
CA ILE B 317 -19.56 34.41 0.18
C ILE B 317 -18.48 33.79 -0.69
N PRO B 318 -18.29 34.25 -1.93
CA PRO B 318 -17.19 33.74 -2.77
C PRO B 318 -15.87 34.36 -2.36
N VAL B 319 -14.80 33.58 -2.49
CA VAL B 319 -13.48 34.01 -2.03
C VAL B 319 -12.56 34.25 -3.23
N VAL B 320 -11.54 35.08 -3.00
CA VAL B 320 -10.48 35.32 -3.98
C VAL B 320 -9.28 35.89 -3.24
N LEU B 321 -8.08 35.42 -3.59
CA LEU B 321 -6.89 35.74 -2.81
C LEU B 321 -6.23 37.05 -3.23
N ASP B 322 -5.78 37.14 -4.48
CA ASP B 322 -5.20 38.37 -5.03
C ASP B 322 -4.09 38.92 -4.12
N ASN B 323 -3.04 38.12 -3.95
CA ASN B 323 -1.94 38.52 -3.09
C ASN B 323 -1.17 39.68 -3.71
N PRO B 324 -0.47 40.46 -2.90
CA PRO B 324 0.35 41.55 -3.43
C PRO B 324 1.40 41.02 -4.39
N PRO B 325 1.85 41.86 -5.34
CA PRO B 325 2.71 41.35 -6.42
C PRO B 325 3.98 40.68 -5.94
N TRP B 326 4.59 41.17 -4.87
CA TRP B 326 5.78 40.49 -4.34
C TRP B 326 5.45 39.09 -3.87
N ALA B 327 4.24 38.89 -3.36
CA ALA B 327 3.79 37.57 -2.92
C ALA B 327 2.96 36.85 -3.96
N LYS B 328 2.65 37.51 -5.08
CA LYS B 328 1.78 36.90 -6.08
C LYS B 328 2.32 35.59 -6.66
N PRO B 329 3.58 35.50 -7.13
CA PRO B 329 4.03 34.23 -7.71
C PRO B 329 3.95 33.07 -6.74
N PHE B 330 4.17 33.33 -5.45
CA PHE B 330 4.17 32.29 -4.43
C PHE B 330 2.78 31.90 -3.97
N GLU B 331 1.73 32.29 -4.71
CA GLU B 331 0.39 31.86 -4.37
C GLU B 331 0.16 30.39 -4.73
N LEU B 332 1.06 29.79 -5.51
CA LEU B 332 0.87 28.42 -5.95
C LEU B 332 0.84 27.44 -4.79
N LEU B 333 1.63 27.71 -3.74
CA LEU B 333 1.69 26.80 -2.60
C LEU B 333 0.32 26.63 -1.96
N VAL B 334 -0.38 27.74 -1.72
CA VAL B 334 -1.74 27.65 -1.19
C VAL B 334 -2.75 27.28 -2.27
N SER B 335 -2.41 27.49 -3.55
CA SER B 335 -3.28 27.04 -4.62
C SER B 335 -3.37 25.53 -4.67
N PHE B 336 -2.29 24.83 -4.31
CA PHE B 336 -2.26 23.38 -4.34
C PHE B 336 -2.85 22.78 -3.08
N LEU B 337 -3.70 23.53 -2.38
CA LEU B 337 -4.27 23.08 -1.12
C LEU B 337 -5.72 23.56 -1.04
N ASN B 338 -6.30 23.48 0.15
CA ASN B 338 -7.72 23.75 0.35
C ASN B 338 -7.99 25.25 0.29
N THR B 339 -9.23 25.62 0.60
CA THR B 339 -9.69 27.00 0.50
C THR B 339 -10.33 27.42 1.80
N PRO B 340 -10.27 28.70 2.14
CA PRO B 340 -10.80 29.17 3.42
C PRO B 340 -12.32 29.28 3.40
N LYS B 341 -12.86 29.82 4.49
CA LYS B 341 -14.30 29.97 4.65
C LYS B 341 -14.72 31.42 4.88
N TYR B 342 -14.20 32.36 4.08
CA TYR B 342 -14.63 33.75 4.09
C TYR B 342 -14.43 34.40 5.47
N GLY B 343 -13.16 34.55 5.84
CA GLY B 343 -12.85 35.24 7.08
C GLY B 343 -11.60 34.75 7.80
N THR B 344 -11.01 33.65 7.35
CA THR B 344 -9.75 33.20 7.92
C THR B 344 -8.61 34.01 7.34
N PHE B 345 -7.50 34.04 8.07
CA PHE B 345 -6.32 34.77 7.62
C PHE B 345 -5.66 34.03 6.46
N ASP B 346 -5.32 34.75 5.41
CA ASP B 346 -4.67 34.15 4.25
C ASP B 346 -3.17 34.10 4.46
N PRO B 347 -2.56 32.91 4.60
CA PRO B 347 -1.11 32.85 4.85
C PRO B 347 -0.28 32.85 3.59
N THR B 348 -0.90 32.79 2.41
CA THR B 348 -0.13 32.73 1.17
C THR B 348 0.91 33.84 1.03
N PRO B 349 0.63 35.10 1.35
CA PRO B 349 1.70 36.12 1.26
C PRO B 349 2.84 35.89 2.23
N VAL B 350 2.63 35.16 3.33
CA VAL B 350 3.71 34.91 4.27
C VAL B 350 4.72 33.94 3.70
N VAL B 351 4.31 33.16 2.69
CA VAL B 351 5.19 32.13 2.15
C VAL B 351 6.43 32.71 1.48
N PRO B 352 6.34 33.60 0.49
CA PRO B 352 7.56 34.09 -0.17
C PRO B 352 8.50 34.83 0.77
N VAL B 353 8.09 35.08 2.00
CA VAL B 353 9.00 35.63 3.00
C VAL B 353 9.62 34.48 3.77
N PHE B 354 8.79 33.68 4.44
CA PHE B 354 9.32 32.69 5.37
C PHE B 354 10.05 31.57 4.66
N PHE B 355 9.44 31.00 3.61
CA PHE B 355 10.01 29.81 2.98
C PHE B 355 11.39 30.06 2.36
N PRO B 356 11.61 31.11 1.55
CA PRO B 356 12.91 31.24 0.88
C PRO B 356 14.10 31.32 1.83
N PHE B 357 13.95 31.97 2.98
CA PHE B 357 15.07 32.11 3.90
C PHE B 357 15.53 30.74 4.40
N TRP B 358 14.60 29.95 4.94
CA TRP B 358 14.94 28.63 5.44
C TRP B 358 15.42 27.72 4.31
N PHE B 359 14.76 27.81 3.15
CA PHE B 359 15.12 26.96 2.02
C PHE B 359 16.54 27.24 1.55
N GLY B 360 16.91 28.52 1.47
CA GLY B 360 18.28 28.86 1.11
C GLY B 360 19.27 28.48 2.18
N MET B 361 18.88 28.63 3.46
CA MET B 361 19.77 28.26 4.54
C MET B 361 20.13 26.78 4.47
N ILE B 362 19.13 25.92 4.21
CA ILE B 362 19.42 24.51 3.99
C ILE B 362 20.10 24.31 2.65
N VAL B 363 19.91 25.24 1.71
CA VAL B 363 20.41 25.12 0.35
C VAL B 363 21.67 25.99 0.19
N GLY B 364 22.34 26.26 1.31
CA GLY B 364 23.47 27.16 1.29
C GLY B 364 24.70 26.59 0.60
N ASP B 365 24.61 26.40 -0.71
CA ASP B 365 25.75 25.93 -1.50
C ASP B 365 25.88 26.81 -2.74
N ILE B 366 27.08 27.33 -2.97
CA ILE B 366 27.30 28.25 -4.09
C ILE B 366 27.22 27.51 -5.42
N GLY B 367 27.85 26.33 -5.51
CA GLY B 367 27.75 25.54 -6.71
C GLY B 367 26.32 25.10 -7.00
N TYR B 368 25.56 24.74 -5.96
CA TYR B 368 24.16 24.42 -6.13
C TYR B 368 23.38 25.63 -6.66
N ALA B 369 23.65 26.81 -6.11
CA ALA B 369 22.97 28.01 -6.60
C ALA B 369 23.33 28.30 -8.05
N LEU B 370 24.59 28.10 -8.42
CA LEU B 370 25.00 28.30 -9.82
C LEU B 370 24.29 27.32 -10.74
N LEU B 371 24.17 26.06 -10.31
CA LEU B 371 23.43 25.08 -11.10
C LEU B 371 21.96 25.48 -11.23
N PHE B 372 21.37 25.99 -10.15
CA PHE B 372 19.99 26.44 -10.19
C PHE B 372 19.81 27.61 -11.16
N TYR B 373 20.76 28.55 -11.15
CA TYR B 373 20.70 29.67 -12.09
C TYR B 373 20.86 29.21 -13.53
N LEU B 374 21.74 28.23 -13.76
CA LEU B 374 21.91 27.68 -15.11
C LEU B 374 20.63 27.01 -15.59
N VAL B 375 20.00 26.22 -14.72
CA VAL B 375 18.74 25.56 -15.09
C VAL B 375 17.65 26.59 -15.32
N GLY B 376 17.64 27.66 -14.53
CA GLY B 376 16.68 28.74 -14.77
C GLY B 376 16.89 29.40 -16.10
N ARG B 377 18.15 29.65 -16.48
CA ARG B 377 18.42 30.19 -17.81
C ARG B 377 17.97 29.22 -18.90
N TRP B 378 18.17 27.92 -18.67
CA TRP B 378 17.75 26.92 -19.65
C TRP B 378 16.24 26.93 -19.86
N LEU B 379 15.48 27.01 -18.76
CA LEU B 379 14.02 27.04 -18.88
C LEU B 379 13.51 28.41 -19.32
N SER B 380 14.29 29.46 -19.13
CA SER B 380 13.85 30.81 -19.43
C SER B 380 13.53 31.00 -20.90
N GLY B 381 14.16 30.24 -21.80
CA GLY B 381 13.81 30.29 -23.20
C GLY B 381 12.32 30.12 -23.41
N TYR B 382 11.81 28.95 -23.06
CA TYR B 382 10.39 28.69 -23.21
C TYR B 382 9.55 29.59 -22.31
N VAL B 383 10.05 29.87 -21.09
CA VAL B 383 9.28 30.67 -20.14
C VAL B 383 8.97 32.04 -20.72
N LYS B 384 9.97 32.71 -21.28
CA LYS B 384 9.76 34.02 -21.88
C LYS B 384 9.09 33.91 -23.25
N ARG B 385 9.39 32.86 -24.01
CA ARG B 385 8.86 32.74 -25.36
C ARG B 385 7.41 32.29 -25.38
N ASN B 386 6.84 31.92 -24.24
CA ASN B 386 5.49 31.37 -24.16
C ASN B 386 5.38 30.10 -25.00
N GLU B 387 6.48 29.36 -25.09
CA GLU B 387 6.55 28.13 -25.85
C GLU B 387 5.73 27.05 -25.14
N PRO B 388 5.57 25.86 -25.74
CA PRO B 388 4.86 24.79 -25.04
C PRO B 388 5.64 24.23 -23.87
N LEU B 389 5.21 24.57 -22.66
CA LEU B 389 5.90 24.11 -21.47
C LEU B 389 5.48 22.71 -21.07
N VAL B 390 4.38 22.21 -21.63
CA VAL B 390 3.87 20.90 -21.25
C VAL B 390 4.89 19.83 -21.60
N ILE B 391 5.10 18.90 -20.68
CA ILE B 391 6.06 17.81 -20.85
C ILE B 391 5.29 16.50 -20.75
N ASP B 392 5.42 15.66 -21.78
CA ASP B 392 4.71 14.39 -21.79
C ASP B 392 5.44 13.29 -21.03
N LEU B 393 6.63 13.57 -20.51
CA LEU B 393 7.37 12.55 -19.76
C LEU B 393 6.60 12.13 -18.51
N PHE B 394 6.37 13.07 -17.60
CA PHE B 394 5.63 12.82 -16.37
C PHE B 394 4.24 13.43 -16.39
N ALA B 395 3.59 13.47 -17.56
CA ALA B 395 2.25 14.06 -17.71
C ALA B 395 2.21 15.51 -17.23
N LEU B 396 3.29 16.24 -17.49
CA LEU B 396 3.37 17.65 -17.11
C LEU B 396 2.66 18.48 -18.16
N LYS B 397 1.57 19.13 -17.77
CA LYS B 397 0.78 19.95 -18.69
C LYS B 397 1.13 21.42 -18.53
N LEU B 398 2.41 21.71 -18.28
CA LEU B 398 2.82 23.06 -17.94
C LEU B 398 2.49 24.05 -19.06
N LYS B 399 2.04 25.23 -18.66
CA LYS B 399 1.78 26.36 -19.52
C LYS B 399 2.73 27.50 -19.18
N PRO B 400 3.01 28.39 -20.13
CA PRO B 400 4.01 29.44 -19.88
C PRO B 400 3.67 30.37 -18.72
N GLN B 401 2.39 30.55 -18.37
CA GLN B 401 2.06 31.37 -17.21
C GLN B 401 2.58 30.74 -15.92
N VAL B 402 2.46 29.41 -15.80
CA VAL B 402 3.04 28.71 -14.66
C VAL B 402 4.55 28.92 -14.63
N ILE B 403 5.18 28.87 -15.80
CA ILE B 403 6.62 29.14 -15.88
C ILE B 403 6.92 30.55 -15.41
N GLY B 404 6.08 31.51 -15.78
CA GLY B 404 6.31 32.89 -15.38
C GLY B 404 6.25 33.07 -13.88
N LYS B 405 5.25 32.47 -13.23
CA LYS B 405 5.18 32.55 -11.77
C LYS B 405 6.34 31.82 -11.12
N LEU B 406 6.68 30.62 -11.64
CA LEU B 406 7.70 29.80 -11.01
C LEU B 406 9.09 30.41 -11.17
N VAL B 407 9.33 31.12 -12.27
CA VAL B 407 10.62 31.75 -12.46
C VAL B 407 10.84 32.83 -11.41
N HIS B 408 9.82 33.64 -11.16
CA HIS B 408 9.91 34.64 -10.11
C HIS B 408 10.14 33.98 -8.75
N ILE B 409 9.39 32.93 -8.45
CA ILE B 409 9.55 32.25 -7.17
C ILE B 409 10.97 31.69 -7.04
N LEU B 410 11.47 31.06 -8.11
CA LEU B 410 12.79 30.45 -8.06
C LEU B 410 13.88 31.49 -7.92
N ASN B 411 13.78 32.61 -8.64
CA ASN B 411 14.78 33.65 -8.51
C ASN B 411 14.78 34.25 -7.12
N TRP B 412 13.60 34.51 -6.56
CA TRP B 412 13.51 35.06 -5.21
C TRP B 412 14.13 34.11 -4.19
N MET B 413 13.83 32.81 -4.32
CA MET B 413 14.45 31.84 -3.41
C MET B 413 15.95 31.76 -3.65
N VAL B 414 16.39 31.82 -4.91
CA VAL B 414 17.79 31.60 -5.25
C VAL B 414 18.66 32.74 -4.75
N PHE B 415 18.12 33.95 -4.66
CA PHE B 415 18.90 35.04 -4.07
C PHE B 415 19.30 34.70 -2.64
N TRP B 416 18.32 34.33 -1.81
CA TRP B 416 18.62 33.94 -0.44
C TRP B 416 19.47 32.68 -0.39
N THR B 417 19.27 31.77 -1.34
CA THR B 417 20.06 30.54 -1.37
C THR B 417 21.53 30.85 -1.64
N VAL B 418 21.81 31.76 -2.56
CA VAL B 418 23.20 32.16 -2.84
C VAL B 418 23.79 32.89 -1.65
N VAL B 419 22.97 33.72 -0.99
CA VAL B 419 23.45 34.41 0.22
C VAL B 419 23.86 33.39 1.28
N TRP B 420 23.01 32.40 1.53
CA TRP B 420 23.36 31.36 2.49
C TRP B 420 24.52 30.50 2.01
N GLY B 421 24.69 30.35 0.70
CA GLY B 421 25.84 29.62 0.19
C GLY B 421 27.15 30.35 0.48
N VAL B 422 27.14 31.67 0.34
CA VAL B 422 28.31 32.46 0.72
C VAL B 422 28.53 32.39 2.23
N ILE B 423 27.45 32.45 3.01
CA ILE B 423 27.58 32.49 4.46
C ILE B 423 28.09 31.18 5.03
N TYR B 424 27.58 30.05 4.55
CA TYR B 424 27.91 28.74 5.10
C TYR B 424 29.21 28.18 4.56
N GLY B 425 29.90 28.93 3.70
CA GLY B 425 31.18 28.48 3.19
C GLY B 425 31.14 27.26 2.31
N GLU B 426 30.08 27.10 1.52
CA GLU B 426 29.95 25.99 0.59
C GLU B 426 30.03 26.52 -0.84
N PHE B 427 31.08 26.13 -1.55
CA PHE B 427 31.25 26.49 -2.95
C PHE B 427 31.47 25.21 -3.74
N PHE B 428 30.47 24.87 -4.56
CA PHE B 428 30.42 23.54 -5.19
C PHE B 428 30.52 22.45 -4.14
N GLY B 429 29.87 22.66 -3.00
CA GLY B 429 30.03 21.81 -1.84
C GLY B 429 31.23 22.22 -1.00
N THR B 430 32.44 21.87 -1.46
CA THR B 430 33.67 22.29 -0.79
C THR B 430 34.80 22.23 -1.81
N PHE B 431 35.17 23.40 -2.33
CA PHE B 431 36.31 23.49 -3.25
C PHE B 431 37.58 23.79 -2.48
N LEU B 432 37.60 23.41 -1.19
CA LEU B 432 38.73 23.73 -0.33
C LEU B 432 40.04 23.14 -0.85
N GLU B 433 39.97 21.98 -1.49
CA GLU B 433 41.19 21.37 -2.03
C GLU B 433 41.82 22.25 -3.09
N HIS B 434 41.02 22.79 -4.01
CA HIS B 434 41.53 23.77 -4.96
C HIS B 434 41.83 25.10 -4.26
N LEU B 435 40.91 25.57 -3.43
CA LEU B 435 41.10 26.80 -2.69
C LEU B 435 40.08 26.87 -1.55
N GLY B 436 40.56 27.07 -0.34
CA GLY B 436 39.68 27.31 0.78
C GLY B 436 39.29 28.77 0.86
N VAL B 437 38.72 29.30 -0.23
CA VAL B 437 38.39 30.72 -0.29
C VAL B 437 37.40 31.08 0.81
N PHE B 438 36.39 30.25 1.01
CA PHE B 438 35.52 30.44 2.16
C PHE B 438 36.33 30.03 3.39
N GLY B 439 37.09 30.99 3.92
CA GLY B 439 38.19 30.71 4.84
C GLY B 439 37.85 29.80 6.01
N THR B 440 38.42 28.59 5.98
CA THR B 440 38.30 27.67 7.10
C THR B 440 39.27 28.07 8.21
N PRO B 441 38.96 27.72 9.46
CA PRO B 441 39.89 28.06 10.55
C PRO B 441 41.27 27.44 10.39
N GLU B 442 41.37 26.28 9.73
CA GLU B 442 42.67 25.61 9.60
C GLU B 442 43.62 26.41 8.73
N HIS B 443 43.17 26.81 7.54
CA HIS B 443 44.04 27.54 6.61
C HIS B 443 43.18 28.34 5.63
N PRO B 444 42.88 29.60 5.94
CA PRO B 444 42.03 30.39 5.04
C PRO B 444 42.71 30.63 3.69
N GLY B 445 41.88 30.74 2.65
CA GLY B 445 42.35 31.16 1.35
C GLY B 445 41.79 32.52 0.99
N LEU B 446 40.68 32.87 1.62
CA LEU B 446 40.02 34.17 1.44
C LEU B 446 39.16 34.40 2.68
N ILE B 447 38.19 35.31 2.58
CA ILE B 447 37.35 35.73 3.70
C ILE B 447 36.76 34.53 4.42
N PRO B 448 36.87 34.47 5.74
CA PRO B 448 36.40 33.29 6.48
C PRO B 448 34.87 33.17 6.45
N ILE B 449 34.41 31.93 6.64
CA ILE B 449 32.99 31.62 6.78
C ILE B 449 32.74 31.21 8.23
N LEU B 450 31.65 31.70 8.80
CA LEU B 450 31.37 31.46 10.22
C LEU B 450 31.26 29.98 10.56
N ILE B 451 30.56 29.20 9.74
CA ILE B 451 30.47 27.75 9.93
C ILE B 451 31.00 27.08 8.66
N HIS B 452 32.04 26.26 8.82
CA HIS B 452 32.66 25.61 7.69
C HIS B 452 33.21 24.26 8.14
N ARG B 453 32.97 23.24 7.32
CA ARG B 453 33.46 21.89 7.57
C ARG B 453 33.07 21.39 8.96
N ILE B 454 34.07 21.21 9.82
CA ILE B 454 33.88 20.58 11.12
C ILE B 454 33.57 21.62 12.19
N ASP B 455 33.21 22.84 11.75
CA ASP B 455 32.84 23.89 12.69
C ASP B 455 31.66 23.50 13.56
N THR B 456 31.01 22.36 13.29
CA THR B 456 29.87 21.91 14.08
C THR B 456 30.24 21.58 15.52
N ALA B 457 31.52 21.75 15.90
CA ALA B 457 31.89 21.59 17.30
C ALA B 457 31.04 22.48 18.21
N LYS B 458 30.70 23.67 17.73
CA LYS B 458 29.69 24.52 18.35
C LYS B 458 28.56 24.86 17.39
N THR B 459 28.85 24.88 16.09
CA THR B 459 27.83 25.21 15.09
C THR B 459 26.66 24.25 15.13
N ALA B 460 26.86 23.01 15.57
CA ALA B 460 25.75 22.08 15.70
C ALA B 460 24.73 22.60 16.71
N ASN B 461 25.21 22.92 17.92
CA ASN B 461 24.32 23.47 18.95
C ASN B 461 23.73 24.79 18.48
N LEU B 462 24.54 25.62 17.83
CA LEU B 462 24.05 26.92 17.35
C LEU B 462 22.89 26.75 16.37
N LEU B 463 23.08 25.91 15.36
CA LEU B 463 22.04 25.72 14.35
C LEU B 463 20.81 25.06 14.94
N ILE B 464 20.99 24.09 15.84
CA ILE B 464 19.83 23.45 16.46
C ILE B 464 19.03 24.47 17.24
N LEU B 465 19.71 25.31 18.03
CA LEU B 465 19.02 26.34 18.79
C LEU B 465 18.31 27.32 17.88
N LEU B 466 18.97 27.74 16.79
CA LEU B 466 18.35 28.71 15.89
C LEU B 466 17.11 28.14 15.22
N SER B 467 17.17 26.89 14.77
CA SER B 467 16.02 26.27 14.14
C SER B 467 14.87 26.11 15.13
N VAL B 468 15.17 25.65 16.35
CA VAL B 468 14.14 25.50 17.35
C VAL B 468 13.48 26.84 17.65
N ALA B 469 14.28 27.91 17.73
CA ALA B 469 13.72 29.23 18.02
C ALA B 469 12.84 29.73 16.88
N PHE B 470 13.28 29.54 15.63
CA PHE B 470 12.47 29.97 14.50
C PHE B 470 11.15 29.23 14.46
N GLY B 471 11.19 27.91 14.73
CA GLY B 471 9.95 27.15 14.79
C GLY B 471 9.05 27.59 15.92
N VAL B 472 9.63 27.91 17.08
CA VAL B 472 8.83 28.40 18.20
C VAL B 472 8.15 29.70 17.82
N VAL B 473 8.87 30.60 17.16
CA VAL B 473 8.29 31.86 16.74
C VAL B 473 7.14 31.63 15.76
N LEU B 474 7.36 30.75 14.77
CA LEU B 474 6.31 30.50 13.79
C LEU B 474 5.08 29.87 14.43
N VAL B 475 5.28 28.91 15.34
CA VAL B 475 4.15 28.25 15.99
C VAL B 475 3.40 29.23 16.89
N PHE B 476 4.13 30.10 17.58
CA PHE B 476 3.48 31.12 18.39
C PHE B 476 2.66 32.06 17.52
N PHE B 477 3.20 32.44 16.36
CA PHE B 477 2.44 33.29 15.44
C PHE B 477 1.18 32.59 14.96
N GLY B 478 1.29 31.30 14.63
CA GLY B 478 0.11 30.57 14.19
C GLY B 478 -0.95 30.47 15.26
N LEU B 479 -0.54 30.16 16.50
CA LEU B 479 -1.50 30.06 17.59
C LEU B 479 -2.14 31.41 17.89
N ALA B 480 -1.35 32.49 17.83
CA ALA B 480 -1.89 33.82 18.03
C ALA B 480 -2.91 34.16 16.96
N LEU B 481 -2.61 33.84 15.70
CA LEU B 481 -3.57 34.09 14.63
C LEU B 481 -4.84 33.28 14.83
N ARG B 482 -4.71 32.03 15.27
CA ARG B 482 -5.88 31.20 15.54
C ARG B 482 -6.76 31.84 16.61
N ALA B 483 -6.15 32.23 17.73
CA ALA B 483 -6.93 32.82 18.82
C ALA B 483 -7.56 34.13 18.38
N TYR B 484 -6.81 34.96 17.63
CA TYR B 484 -7.34 36.24 17.19
C TYR B 484 -8.50 36.07 16.24
N LEU B 485 -8.40 35.11 15.31
CA LEU B 485 -9.51 34.86 14.39
C LEU B 485 -10.72 34.29 15.12
N GLY B 486 -10.50 33.43 16.12
CA GLY B 486 -11.61 32.95 16.92
C GLY B 486 -12.31 34.07 17.66
N LEU B 487 -11.54 34.99 18.22
CA LEU B 487 -12.13 36.14 18.89
C LEU B 487 -12.92 37.00 17.89
N LYS B 488 -12.29 37.32 16.75
CA LYS B 488 -12.95 38.15 15.74
C LYS B 488 -14.20 37.49 15.18
N HIS B 489 -14.28 36.16 15.22
CA HIS B 489 -15.48 35.44 14.82
C HIS B 489 -16.42 35.19 15.99
N ARG B 490 -16.15 35.80 17.15
CA ARG B 490 -16.93 35.59 18.36
C ARG B 490 -16.92 34.14 18.80
N HIS B 491 -15.91 33.39 18.36
CA HIS B 491 -15.69 32.02 18.84
C HIS B 491 -14.85 32.09 20.11
N MET B 492 -15.52 32.43 21.21
CA MET B 492 -14.84 32.65 22.48
C MET B 492 -14.13 31.40 22.96
N ALA B 493 -14.80 30.24 22.83
CA ALA B 493 -14.17 28.99 23.24
C ALA B 493 -12.93 28.69 22.40
N HIS B 494 -12.99 28.93 21.09
CA HIS B 494 -11.83 28.68 20.24
C HIS B 494 -10.68 29.61 20.60
N PHE B 495 -10.98 30.89 20.80
CA PHE B 495 -9.93 31.85 21.16
C PHE B 495 -9.31 31.50 22.50
N TRP B 496 -10.14 31.13 23.47
CA TRP B 496 -9.64 30.73 24.78
C TRP B 496 -8.77 29.48 24.68
N GLU B 497 -9.21 28.52 23.86
CA GLU B 497 -8.42 27.30 23.68
C GLU B 497 -7.07 27.60 23.05
N GLY B 498 -7.04 28.47 22.04
CA GLY B 498 -5.77 28.82 21.43
C GLY B 498 -4.85 29.56 22.38
N VAL B 499 -5.40 30.50 23.15
CA VAL B 499 -4.60 31.23 24.11
C VAL B 499 -4.03 30.30 25.17
N GLY B 500 -4.87 29.38 25.68
CA GLY B 500 -4.40 28.42 26.66
C GLY B 500 -3.36 27.47 26.10
N TYR B 501 -3.51 27.09 24.82
CA TYR B 501 -2.48 26.26 24.20
C TYR B 501 -1.16 26.99 24.12
N LEU B 502 -1.18 28.27 23.73
CA LEU B 502 0.05 29.05 23.70
C LEU B 502 0.67 29.17 25.09
N GLY B 503 -0.16 29.44 26.10
CA GLY B 503 0.35 29.56 27.46
C GLY B 503 0.91 28.26 27.98
N GLY B 504 0.24 27.14 27.71
CA GLY B 504 0.76 25.85 28.13
C GLY B 504 2.07 25.51 27.44
N LEU B 505 2.18 25.84 26.16
CA LEU B 505 3.45 25.64 25.47
C LEU B 505 4.56 26.47 26.10
N VAL B 506 4.26 27.73 26.42
CA VAL B 506 5.26 28.59 27.06
C VAL B 506 5.68 28.01 28.40
N GLY B 507 4.72 27.59 29.21
CA GLY B 507 5.04 27.05 30.52
C GLY B 507 5.82 25.75 30.44
N VAL B 508 5.46 24.89 29.50
CA VAL B 508 6.18 23.63 29.32
C VAL B 508 7.62 23.90 28.89
N LEU B 509 7.80 24.81 27.93
CA LEU B 509 9.16 25.14 27.50
C LEU B 509 9.97 25.73 28.65
N ALA B 510 9.35 26.60 29.45
CA ALA B 510 10.04 27.17 30.59
C ALA B 510 10.45 26.09 31.59
N LEU B 511 9.52 25.20 31.93
CA LEU B 511 9.82 24.15 32.90
C LEU B 511 10.94 23.25 32.39
N ALA B 512 10.89 22.87 31.11
CA ALA B 512 11.92 22.04 30.54
C ALA B 512 13.28 22.74 30.61
N ALA B 513 13.38 23.92 30.00
CA ALA B 513 14.65 24.62 29.95
C ALA B 513 15.18 24.97 31.34
N SER B 514 14.31 25.11 32.33
CA SER B 514 14.76 25.46 33.69
C SER B 514 15.21 24.22 34.46
N TYR B 515 14.28 23.29 34.70
CA TYR B 515 14.61 22.14 35.53
C TYR B 515 15.58 21.20 34.82
N LEU B 516 15.30 20.84 33.57
CA LEU B 516 16.15 19.90 32.87
C LEU B 516 17.26 20.59 32.08
N GLY B 517 17.03 21.82 31.64
CA GLY B 517 18.02 22.52 30.85
C GLY B 517 19.09 23.17 31.69
N ASN B 518 19.41 24.42 31.38
CA ASN B 518 20.50 25.13 32.04
C ASN B 518 20.04 25.66 33.39
N LEU B 519 20.87 26.49 34.01
CA LEU B 519 20.59 27.06 35.32
C LEU B 519 19.68 28.27 35.19
N GLN B 520 19.62 29.09 36.25
CA GLN B 520 18.83 30.32 36.29
C GLN B 520 17.35 30.03 36.10
N ALA B 521 16.81 29.23 37.02
CA ALA B 521 15.40 28.86 37.01
C ALA B 521 14.56 29.75 37.93
N GLY B 522 15.13 30.81 38.47
CA GLY B 522 14.40 31.68 39.39
C GLY B 522 13.52 32.67 38.67
N TRP B 523 14.09 33.44 37.75
CA TRP B 523 13.30 34.35 36.94
C TRP B 523 12.37 33.62 35.98
N LEU B 524 12.54 32.31 35.82
CA LEU B 524 11.71 31.51 34.92
C LEU B 524 10.72 30.61 35.65
N GLN B 525 10.89 30.40 36.95
CA GLN B 525 9.93 29.57 37.69
C GLN B 525 8.54 30.19 37.66
N GLY B 526 8.47 31.51 37.82
CA GLY B 526 7.18 32.18 37.71
C GLY B 526 6.57 31.99 36.33
N LEU B 527 7.38 32.07 35.28
CA LEU B 527 6.87 31.87 33.94
C LEU B 527 6.34 30.45 33.75
N MET B 528 7.07 29.45 34.24
CA MET B 528 6.63 28.07 34.09
C MET B 528 5.34 27.81 34.86
N TYR B 529 5.26 28.31 36.10
CA TYR B 529 4.04 28.14 36.88
C TYR B 529 2.87 28.85 36.22
N LEU B 530 3.12 30.04 35.67
CA LEU B 530 2.07 30.78 34.97
C LEU B 530 1.60 30.02 33.74
N GLY B 531 2.52 29.42 32.99
CA GLY B 531 2.12 28.67 31.80
C GLY B 531 1.30 27.44 32.14
N PHE B 532 1.74 26.68 33.15
CA PHE B 532 0.98 25.50 33.56
C PHE B 532 -0.40 25.91 34.07
N GLY B 533 -0.47 26.98 34.87
CA GLY B 533 -1.75 27.46 35.36
C GLY B 533 -2.64 27.97 34.25
N VAL B 534 -2.05 28.57 33.22
CA VAL B 534 -2.82 29.06 32.08
C VAL B 534 -3.40 27.88 31.31
N PHE B 535 -2.62 26.82 31.13
CA PHE B 535 -3.16 25.62 30.50
C PHE B 535 -4.30 25.04 31.34
N LEU B 536 -4.13 25.02 32.66
CA LEU B 536 -5.20 24.52 33.52
C LEU B 536 -6.45 25.39 33.41
N LEU B 537 -6.26 26.71 33.34
CA LEU B 537 -7.39 27.62 33.21
C LEU B 537 -8.10 27.43 31.87
N ALA B 538 -7.33 27.20 30.81
CA ALA B 538 -7.94 26.90 29.52
C ALA B 538 -8.73 25.60 29.59
N VAL B 539 -8.22 24.60 30.29
CA VAL B 539 -8.96 23.36 30.47
C VAL B 539 -10.26 23.62 31.21
N LEU B 540 -10.19 24.43 32.28
CA LEU B 540 -11.39 24.73 33.06
C LEU B 540 -12.42 25.49 32.23
N MET B 541 -11.96 26.45 31.42
CA MET B 541 -12.87 27.21 30.57
C MET B 541 -13.45 26.33 29.46
N SER B 542 -12.69 25.34 29.00
CA SER B 542 -13.17 24.40 27.99
C SER B 542 -13.87 23.20 28.60
N ARG B 543 -14.07 23.18 29.91
CA ARG B 543 -14.78 22.13 30.61
C ARG B 543 -14.00 20.82 30.47
N ILE B 544 -14.71 19.69 30.42
CA ILE B 544 -14.06 18.39 30.55
C ILE B 544 -13.50 17.93 29.22
N TRP B 545 -12.36 17.23 29.27
CA TRP B 545 -11.81 16.50 28.14
C TRP B 545 -11.46 17.43 26.97
N LEU B 546 -10.77 18.52 27.29
CA LEU B 546 -10.10 19.29 26.26
C LEU B 546 -8.65 18.82 26.19
N MET B 547 -8.38 17.88 25.28
CA MET B 547 -7.13 17.12 25.29
C MET B 547 -5.91 18.03 25.29
N ILE B 548 -5.17 17.98 26.40
CA ILE B 548 -3.83 18.56 26.52
C ILE B 548 -2.84 17.94 25.55
N PRO B 549 -2.96 16.65 25.18
CA PRO B 549 -2.05 16.09 24.17
C PRO B 549 -2.07 16.85 22.85
N GLU B 550 -3.15 17.57 22.55
CA GLU B 550 -3.12 18.43 21.38
C GLU B 550 -2.02 19.49 21.51
N ILE B 551 -1.97 20.18 22.65
CA ILE B 551 -0.92 21.17 22.88
C ILE B 551 0.44 20.49 22.95
N PHE B 552 0.48 19.28 23.53
CA PHE B 552 1.73 18.54 23.58
C PHE B 552 2.27 18.25 22.18
N THR B 553 1.39 17.80 21.28
CA THR B 553 1.80 17.56 19.90
C THR B 553 2.21 18.86 19.23
N GLN B 554 1.52 19.96 19.56
CA GLN B 554 1.92 21.25 19.03
C GLN B 554 3.33 21.61 19.47
N ALA B 555 3.66 21.36 20.74
CA ALA B 555 5.01 21.61 21.22
C ALA B 555 6.02 20.72 20.50
N GLY B 556 5.65 19.46 20.28
CA GLY B 556 6.51 18.58 19.51
C GLY B 556 6.78 19.13 18.12
N HIS B 557 5.73 19.62 17.47
CA HIS B 557 5.90 20.22 16.15
C HIS B 557 6.83 21.44 16.22
N ILE B 558 6.68 22.25 17.27
CA ILE B 558 7.60 23.37 17.47
C ILE B 558 9.03 22.86 17.51
N LEU B 559 9.25 21.78 18.25
CA LEU B 559 10.57 21.15 18.27
C LEU B 559 10.97 20.60 16.92
N SER B 560 10.00 20.28 16.06
CA SER B 560 10.31 19.63 14.79
C SER B 560 11.06 20.56 13.86
N HIS B 561 11.04 21.87 14.12
CA HIS B 561 11.76 22.81 13.28
C HIS B 561 13.25 22.52 13.24
N ILE B 562 13.78 21.82 14.25
CA ILE B 562 15.18 21.43 14.23
C ILE B 562 15.49 20.50 13.06
N ARG B 563 14.46 19.97 12.42
CA ARG B 563 14.68 19.18 11.20
C ARG B 563 15.34 20.02 10.13
N ILE B 564 15.03 21.32 10.08
CA ILE B 564 15.66 22.19 9.10
C ILE B 564 17.17 22.27 9.37
N TYR B 565 17.54 22.45 10.63
CA TYR B 565 18.96 22.49 10.98
C TYR B 565 19.64 21.17 10.66
N ALA B 566 18.98 20.07 11.00
CA ALA B 566 19.55 18.75 10.72
C ALA B 566 19.76 18.55 9.23
N VAL B 567 18.76 18.90 8.43
CA VAL B 567 18.87 18.71 6.98
C VAL B 567 19.96 19.60 6.40
N GLY B 568 20.04 20.85 6.87
CA GLY B 568 21.08 21.73 6.36
C GLY B 568 22.47 21.23 6.70
N ALA B 569 22.67 20.81 7.95
CA ALA B 569 23.98 20.30 8.35
C ALA B 569 24.34 19.04 7.57
N ALA B 570 23.38 18.12 7.42
CA ALA B 570 23.66 16.89 6.69
C ALA B 570 23.96 17.16 5.23
N GLY B 571 23.20 18.06 4.60
CA GLY B 571 23.48 18.41 3.22
C GLY B 571 24.84 19.03 3.04
N GLY B 572 25.20 19.95 3.95
CA GLY B 572 26.53 20.55 3.88
C GLY B 572 27.63 19.52 4.05
N ILE B 573 27.47 18.62 5.02
CA ILE B 573 28.47 17.58 5.26
C ILE B 573 28.61 16.69 4.04
N LEU B 574 27.48 16.28 3.47
CA LEU B 574 27.51 15.39 2.32
C LEU B 574 28.15 16.07 1.11
N ALA B 575 27.78 17.33 0.86
CA ALA B 575 28.37 18.05 -0.26
C ALA B 575 29.87 18.23 -0.08
N GLY B 576 30.29 18.60 1.13
CA GLY B 576 31.71 18.74 1.38
C GLY B 576 32.46 17.43 1.21
N LEU B 577 31.89 16.34 1.72
CA LEU B 577 32.53 15.03 1.59
C LEU B 577 32.65 14.63 0.13
N LEU B 578 31.59 14.83 -0.65
CA LEU B 578 31.63 14.47 -2.06
C LEU B 578 32.66 15.30 -2.81
N THR B 579 32.65 16.62 -2.60
CA THR B 579 33.57 17.50 -3.30
C THR B 579 35.02 17.18 -2.92
N ASP B 580 35.28 16.96 -1.63
CA ASP B 580 36.63 16.65 -1.18
C ASP B 580 37.09 15.30 -1.72
N VAL B 581 36.19 14.31 -1.75
CA VAL B 581 36.56 13.00 -2.28
C VAL B 581 36.88 13.10 -3.76
N GLY B 582 36.07 13.84 -4.51
CA GLY B 582 36.36 14.03 -5.92
C GLY B 582 37.67 14.75 -6.16
N PHE B 583 37.93 15.80 -5.38
CA PHE B 583 39.18 16.53 -5.52
C PHE B 583 40.37 15.66 -5.12
N ALA B 584 40.19 14.75 -4.17
CA ALA B 584 41.28 13.87 -3.78
C ALA B 584 41.56 12.83 -4.85
N LEU B 585 40.50 12.24 -5.42
CA LEU B 585 40.68 11.25 -6.48
C LEU B 585 41.05 11.88 -7.81
N ALA B 586 40.91 13.19 -7.95
CA ALA B 586 41.24 13.89 -9.19
C ALA B 586 42.60 14.56 -9.13
N GLU B 587 42.82 15.47 -8.18
CA GLU B 587 44.07 16.21 -8.07
C GLU B 587 45.05 15.51 -7.14
N ARG B 588 44.62 15.15 -5.93
CA ARG B 588 45.51 14.46 -5.01
C ARG B 588 45.95 13.10 -5.53
N LEU B 589 45.19 12.50 -6.45
CA LEU B 589 45.59 11.24 -7.08
C LEU B 589 46.42 11.50 -8.33
N GLY B 590 47.47 12.32 -8.19
CA GLY B 590 48.38 12.61 -9.27
C GLY B 590 48.05 13.85 -10.09
N LEU B 591 46.80 14.33 -10.02
CA LEU B 591 46.35 15.52 -10.75
C LEU B 591 46.49 15.37 -12.26
N LEU B 592 46.69 14.15 -12.75
CA LEU B 592 46.76 13.91 -14.19
C LEU B 592 45.36 13.81 -14.81
N GLY B 593 44.46 13.07 -14.19
CA GLY B 593 43.08 13.00 -14.60
C GLY B 593 42.20 13.84 -13.69
N VAL B 594 42.71 15.01 -13.33
CA VAL B 594 42.01 15.88 -12.38
C VAL B 594 40.67 16.32 -12.96
N LEU B 595 40.64 16.67 -14.25
CA LEU B 595 39.39 17.08 -14.88
C LEU B 595 38.38 15.95 -14.86
N LEU B 596 38.81 14.74 -15.18
CA LEU B 596 37.90 13.60 -15.19
C LEU B 596 37.35 13.32 -13.80
N GLY B 597 38.22 13.31 -12.79
CA GLY B 597 37.77 13.06 -11.43
C GLY B 597 36.81 14.13 -10.94
N LEU B 598 37.13 15.40 -11.21
CA LEU B 598 36.25 16.49 -10.80
C LEU B 598 34.90 16.40 -11.50
N LEU B 599 34.90 16.08 -12.80
CA LEU B 599 33.64 15.95 -13.53
C LEU B 599 32.79 14.80 -12.99
N VAL B 600 33.43 13.67 -12.69
CA VAL B 600 32.69 12.54 -12.11
C VAL B 600 32.11 12.92 -10.75
N ALA B 601 32.91 13.60 -9.93
CA ALA B 601 32.43 14.04 -8.63
C ALA B 601 31.25 14.99 -8.77
N GLY B 602 31.33 15.92 -9.72
CA GLY B 602 30.23 16.85 -9.93
C GLY B 602 28.98 16.15 -10.43
N VAL B 603 29.13 15.17 -11.32
CA VAL B 603 27.98 14.43 -11.83
C VAL B 603 27.30 13.67 -10.71
N LEU B 604 28.08 12.96 -9.91
CA LEU B 604 27.50 12.26 -8.76
C LEU B 604 26.88 13.22 -7.77
N HIS B 605 27.52 14.38 -7.57
CA HIS B 605 26.98 15.38 -6.67
C HIS B 605 25.64 15.90 -7.16
N LEU B 606 25.50 16.10 -8.47
CA LEU B 606 24.22 16.53 -9.02
C LEU B 606 23.17 15.43 -8.88
N LEU B 607 23.56 14.18 -9.09
CA LEU B 607 22.62 13.08 -8.93
C LEU B 607 22.09 13.04 -7.49
N ILE B 608 22.98 13.16 -6.52
CA ILE B 608 22.56 13.22 -5.12
C ILE B 608 21.72 14.48 -4.87
N LEU B 609 22.14 15.60 -5.44
CA LEU B 609 21.48 16.87 -5.22
C LEU B 609 20.05 16.84 -5.75
N LEU B 610 19.76 15.97 -6.71
CA LEU B 610 18.37 15.79 -7.13
C LEU B 610 17.48 15.55 -5.93
N LEU B 611 17.71 14.45 -5.22
CA LEU B 611 16.91 14.12 -4.04
C LEU B 611 17.17 15.10 -2.90
N THR B 612 18.40 15.62 -2.81
CA THR B 612 18.73 16.56 -1.74
C THR B 612 17.87 17.82 -1.84
N THR B 613 17.80 18.42 -3.03
CA THR B 613 16.96 19.58 -3.24
C THR B 613 15.49 19.22 -3.21
N LEU B 614 15.14 17.99 -3.61
CA LEU B 614 13.76 17.55 -3.45
C LEU B 614 13.33 17.65 -1.99
N GLY B 615 14.14 17.09 -1.10
CA GLY B 615 13.86 17.23 0.33
C GLY B 615 13.95 18.67 0.80
N HIS B 616 14.95 19.41 0.30
CA HIS B 616 15.13 20.78 0.73
C HIS B 616 14.00 21.69 0.28
N MET B 617 13.20 21.23 -0.67
CA MET B 617 12.01 21.97 -1.07
C MET B 617 10.76 21.47 -0.36
N LEU B 618 10.65 20.15 -0.18
CA LEU B 618 9.44 19.60 0.43
C LEU B 618 9.44 19.83 1.94
N GLN B 619 10.47 19.35 2.63
CA GLN B 619 10.49 19.39 4.09
C GLN B 619 10.23 20.78 4.67
N PRO B 620 10.78 21.89 4.15
CA PRO B 620 10.39 23.19 4.71
C PRO B 620 8.93 23.52 4.46
N ILE B 621 8.47 23.36 3.22
CA ILE B 621 7.05 23.58 2.93
C ILE B 621 6.21 22.57 3.70
N ARG B 622 6.72 21.36 3.86
CA ARG B 622 6.01 20.36 4.66
C ARG B 622 5.83 20.84 6.08
N LEU B 623 6.90 21.34 6.69
CA LEU B 623 6.80 21.87 8.05
C LEU B 623 5.85 23.03 8.11
N LEU B 624 5.91 23.93 7.12
CA LEU B 624 4.99 25.06 7.08
C LEU B 624 3.55 24.58 7.11
N TRP B 625 3.16 23.81 6.09
CA TRP B 625 1.76 23.38 5.98
C TRP B 625 1.33 22.54 7.18
N VAL B 626 2.20 21.65 7.66
CA VAL B 626 1.84 20.73 8.73
C VAL B 626 1.69 21.45 10.06
N GLU B 627 2.63 22.31 10.40
CA GLU B 627 2.61 22.96 11.72
C GLU B 627 1.96 24.34 11.65
N PHE B 628 2.56 25.25 10.89
CA PHE B 628 2.14 26.64 10.92
C PHE B 628 0.70 26.78 10.43
N PHE B 629 0.46 26.35 9.19
CA PHE B 629 -0.87 26.50 8.61
C PHE B 629 -1.91 25.72 9.41
N THR B 630 -1.59 24.47 9.76
CA THR B 630 -2.57 23.66 10.47
C THR B 630 -2.79 24.13 11.90
N LYS B 631 -1.94 25.02 12.42
CA LYS B 631 -2.18 25.56 13.75
C LYS B 631 -3.54 26.24 13.88
N PHE B 632 -3.97 26.95 12.84
CA PHE B 632 -5.23 27.67 12.89
C PHE B 632 -6.27 27.04 11.96
N GLY B 633 -5.89 26.79 10.72
CA GLY B 633 -6.83 26.27 9.74
C GLY B 633 -6.30 26.46 8.34
N PHE B 634 -7.23 26.57 7.39
CA PHE B 634 -6.96 26.65 5.96
C PHE B 634 -6.49 25.30 5.44
N TYR B 635 -6.28 24.35 6.35
CA TYR B 635 -6.16 22.93 6.07
C TYR B 635 -7.41 22.23 6.39
N GLU B 636 -8.34 23.04 6.92
CA GLU B 636 -9.70 22.63 7.17
C GLU B 636 -10.62 23.73 6.66
N GLU B 637 -11.92 23.43 6.63
CA GLU B 637 -12.96 24.34 6.17
C GLU B 637 -12.83 24.65 4.68
N ASN B 638 -13.89 25.20 4.10
CA ASN B 638 -13.91 25.50 2.68
C ASN B 638 -14.96 26.57 2.44
N GLY B 639 -15.00 27.07 1.20
CA GLY B 639 -15.95 28.11 0.85
C GLY B 639 -16.12 28.21 -0.65
N ARG B 640 -17.13 28.98 -1.05
CA ARG B 640 -17.42 29.15 -2.45
C ARG B 640 -16.28 29.90 -3.14
N PRO B 641 -15.79 29.40 -4.27
CA PRO B 641 -14.79 30.16 -5.04
C PRO B 641 -15.46 31.19 -5.95
N TYR B 642 -14.62 32.08 -6.49
CA TYR B 642 -15.11 33.07 -7.43
C TYR B 642 -15.16 32.49 -8.84
N ARG B 643 -16.01 33.09 -9.67
CA ARG B 643 -16.18 32.65 -11.07
C ARG B 643 -16.72 33.80 -11.89
N PRO B 644 -15.85 34.58 -12.52
CA PRO B 644 -16.32 35.70 -13.33
C PRO B 644 -17.02 35.19 -14.58
N PHE B 645 -18.27 35.62 -14.76
CA PHE B 645 -19.07 35.14 -15.88
C PHE B 645 -18.43 35.52 -17.21
N LYS B 646 -18.41 34.56 -18.14
CA LYS B 646 -17.99 34.75 -19.52
C LYS B 646 -16.58 35.37 -19.54
N SER B 647 -16.33 36.38 -20.38
CA SER B 647 -15.01 36.96 -20.56
C SER B 647 -14.00 35.92 -21.04
N VAL B 648 -14.45 34.96 -21.85
CA VAL B 648 -13.59 33.90 -22.31
C VAL B 648 -12.46 34.42 -23.20
N ARG B 649 -12.77 35.32 -24.12
CA ARG B 649 -11.78 35.88 -25.05
C ARG B 649 -11.04 34.79 -25.82
N GLY C 1 45.77 -8.27 15.01
CA GLY C 1 45.26 -9.62 14.84
C GLY C 1 44.36 -10.07 15.99
N GLY C 2 43.84 -11.29 15.89
CA GLY C 2 42.98 -11.82 16.93
C GLY C 2 41.61 -11.15 16.97
N LEU C 3 41.40 -10.33 17.99
CA LEU C 3 40.11 -9.65 18.14
C LEU C 3 39.81 -8.75 16.95
N ASP C 4 40.83 -8.06 16.43
CA ASP C 4 40.61 -7.17 15.28
C ASP C 4 40.11 -7.95 14.07
N ARG C 5 40.82 -9.02 13.71
CA ARG C 5 40.41 -9.82 12.55
C ARG C 5 39.05 -10.46 12.78
N GLY C 6 38.80 -10.96 13.99
CA GLY C 6 37.52 -11.58 14.27
C GLY C 6 36.36 -10.61 14.15
N LEU C 7 36.53 -9.41 14.71
CA LEU C 7 35.48 -8.39 14.61
C LEU C 7 35.28 -7.96 13.18
N ILE C 8 36.37 -7.83 12.40
CA ILE C 8 36.23 -7.44 11.00
C ILE C 8 35.43 -8.49 10.24
N ALA C 9 35.76 -9.77 10.46
CA ALA C 9 35.05 -10.83 9.78
C ALA C 9 33.58 -10.89 10.18
N VAL C 10 33.30 -10.72 11.48
CA VAL C 10 31.92 -10.76 11.95
C VAL C 10 31.12 -9.60 11.36
N GLY C 11 31.70 -8.41 11.32
CA GLY C 11 31.02 -7.28 10.71
C GLY C 11 30.75 -7.49 9.24
N MET C 12 31.73 -8.03 8.51
CA MET C 12 31.53 -8.31 7.10
C MET C 12 30.41 -9.33 6.90
N GLY C 13 30.39 -10.38 7.73
CA GLY C 13 29.34 -11.38 7.63
C GLY C 13 27.97 -10.81 7.90
N LEU C 14 27.84 -9.99 8.95
CA LEU C 14 26.55 -9.37 9.25
C LEU C 14 26.10 -8.47 8.11
N ALA C 15 27.02 -7.69 7.56
CA ALA C 15 26.68 -6.80 6.45
C ALA C 15 26.16 -7.61 5.26
N VAL C 16 26.93 -8.62 4.84
CA VAL C 16 26.54 -9.40 3.67
C VAL C 16 25.21 -10.11 3.91
N GLY C 17 25.02 -10.65 5.12
CA GLY C 17 23.80 -11.36 5.42
C GLY C 17 22.58 -10.44 5.41
N LEU C 18 22.70 -9.25 5.98
CA LEU C 18 21.58 -8.33 5.97
C LEU C 18 21.26 -7.88 4.55
N ALA C 19 22.30 -7.64 3.73
CA ALA C 19 22.07 -7.28 2.35
C ALA C 19 21.33 -8.38 1.60
N ALA C 20 21.75 -9.63 1.80
CA ALA C 20 21.09 -10.75 1.16
C ALA C 20 19.65 -10.90 1.64
N LEU C 21 19.41 -10.69 2.93
CA LEU C 21 18.04 -10.78 3.44
C LEU C 21 17.15 -9.74 2.78
N GLY C 22 17.62 -8.50 2.68
CA GLY C 22 16.85 -7.47 2.00
C GLY C 22 16.59 -7.78 0.54
N THR C 23 17.62 -8.27 -0.15
CA THR C 23 17.48 -8.62 -1.56
C THR C 23 16.45 -9.73 -1.75
N GLY C 24 16.51 -10.77 -0.89
CA GLY C 24 15.51 -11.83 -0.97
C GLY C 24 14.12 -11.33 -0.65
N VAL C 25 14.00 -10.40 0.29
CA VAL C 25 12.70 -9.84 0.63
C VAL C 25 12.09 -9.15 -0.59
N ALA C 26 12.88 -8.33 -1.27
CA ALA C 26 12.38 -7.68 -2.48
C ALA C 26 12.04 -8.72 -3.55
N GLN C 27 12.93 -9.70 -3.74
CA GLN C 27 12.73 -10.69 -4.78
C GLN C 27 11.48 -11.52 -4.53
N ALA C 28 11.06 -11.67 -3.27
CA ALA C 28 9.86 -12.43 -2.97
C ALA C 28 8.66 -11.87 -3.74
N ARG C 29 8.30 -10.61 -3.47
CA ARG C 29 7.17 -10.01 -4.16
C ARG C 29 7.44 -9.86 -5.65
N ILE C 30 8.67 -9.50 -6.01
CA ILE C 30 8.97 -9.29 -7.44
C ILE C 30 8.72 -10.57 -8.23
N GLY C 31 9.25 -11.70 -7.74
CA GLY C 31 9.09 -12.95 -8.45
C GLY C 31 7.70 -13.55 -8.34
N ALA C 32 7.01 -13.30 -7.22
CA ALA C 32 5.61 -13.72 -7.14
C ALA C 32 4.79 -13.04 -8.23
N ALA C 33 4.95 -11.72 -8.37
CA ALA C 33 4.23 -11.01 -9.42
C ALA C 33 4.69 -11.45 -10.80
N GLY C 34 5.99 -11.72 -10.96
CA GLY C 34 6.47 -12.20 -12.25
C GLY C 34 5.87 -13.52 -12.66
N VAL C 35 5.76 -14.45 -11.71
CA VAL C 35 5.15 -15.75 -12.01
C VAL C 35 3.67 -15.59 -12.29
N GLY C 36 2.99 -14.72 -11.53
CA GLY C 36 1.59 -14.44 -11.82
C GLY C 36 1.40 -13.91 -13.23
N ALA C 37 2.23 -12.96 -13.63
CA ALA C 37 2.12 -12.39 -14.97
C ALA C 37 2.48 -13.41 -16.04
N ILE C 38 3.44 -14.30 -15.75
CA ILE C 38 3.80 -15.35 -16.69
C ILE C 38 2.64 -16.30 -16.89
N ALA C 39 1.94 -16.66 -15.81
CA ALA C 39 0.72 -17.44 -15.94
C ALA C 39 -0.33 -16.69 -16.74
N GLU C 40 -0.47 -15.39 -16.50
CA GLU C 40 -1.46 -14.60 -17.20
C GLU C 40 -1.20 -14.58 -18.70
N ASP C 41 0.05 -14.39 -19.10
CA ASP C 41 0.40 -14.26 -20.50
C ASP C 41 1.90 -14.49 -20.67
N ARG C 42 2.30 -14.72 -21.92
CA ARG C 42 3.72 -14.87 -22.25
C ARG C 42 4.43 -13.53 -22.32
N SER C 43 3.72 -12.41 -22.17
CA SER C 43 4.36 -11.11 -22.15
C SER C 43 5.39 -11.02 -21.03
N ASN C 44 5.17 -11.77 -19.93
CA ASN C 44 6.11 -11.76 -18.82
C ASN C 44 7.40 -12.50 -19.13
N PHE C 45 7.47 -13.21 -20.26
CA PHE C 45 8.73 -13.83 -20.66
C PHE C 45 9.76 -12.79 -21.09
N GLY C 46 9.35 -11.53 -21.24
CA GLY C 46 10.23 -10.49 -21.71
C GLY C 46 10.75 -9.59 -20.61
N THR C 47 10.11 -8.42 -20.44
CA THR C 47 10.61 -7.36 -19.58
C THR C 47 10.71 -7.74 -18.10
N ALA C 48 10.31 -8.96 -17.72
CA ALA C 48 10.43 -9.37 -16.33
C ALA C 48 11.88 -9.50 -15.90
N LEU C 49 12.82 -9.47 -16.85
CA LEU C 49 14.23 -9.62 -16.51
C LEU C 49 14.70 -8.50 -15.60
N ILE C 50 14.29 -7.25 -15.88
CA ILE C 50 14.71 -6.13 -15.05
C ILE C 50 14.14 -6.28 -13.64
N PHE C 51 12.86 -6.65 -13.54
CA PHE C 51 12.24 -6.80 -12.23
C PHE C 51 12.91 -7.91 -11.43
N LEU C 52 13.25 -9.02 -12.08
CA LEU C 52 13.86 -10.13 -11.36
C LEU C 52 15.34 -9.91 -11.11
N LEU C 53 15.99 -9.02 -11.85
CA LEU C 53 17.43 -8.82 -11.71
C LEU C 53 17.76 -7.68 -10.77
N LEU C 54 16.83 -6.73 -10.59
CA LEU C 54 17.03 -5.67 -9.61
C LEU C 54 17.34 -6.19 -8.21
N PRO C 55 16.71 -7.26 -7.70
CA PRO C 55 17.09 -7.74 -6.36
C PRO C 55 18.55 -8.08 -6.19
N GLU C 56 19.24 -8.49 -7.26
CA GLU C 56 20.64 -8.90 -7.15
C GLU C 56 21.55 -7.74 -6.76
N THR C 57 21.08 -6.49 -6.90
CA THR C 57 21.95 -5.34 -6.62
C THR C 57 22.37 -5.28 -5.17
N LEU C 58 21.44 -5.55 -4.24
CA LEU C 58 21.78 -5.50 -2.82
C LEU C 58 22.84 -6.53 -2.46
N VAL C 59 22.66 -7.76 -2.95
CA VAL C 59 23.64 -8.81 -2.70
C VAL C 59 24.98 -8.45 -3.33
N ILE C 60 24.95 -7.85 -4.52
CA ILE C 60 26.19 -7.46 -5.20
C ILE C 60 26.93 -6.42 -4.38
N PHE C 61 26.22 -5.42 -3.89
CA PHE C 61 26.86 -4.38 -3.08
C PHE C 61 27.41 -4.95 -1.78
N GLY C 62 26.64 -5.82 -1.12
CA GLY C 62 27.13 -6.44 0.10
C GLY C 62 28.37 -7.27 -0.13
N LEU C 63 28.38 -8.05 -1.23
CA LEU C 63 29.54 -8.85 -1.55
C LEU C 63 30.75 -7.98 -1.87
N LEU C 64 30.54 -6.88 -2.58
CA LEU C 64 31.65 -5.96 -2.87
C LEU C 64 32.23 -5.38 -1.59
N ILE C 65 31.35 -4.97 -0.66
CA ILE C 65 31.83 -4.43 0.62
C ILE C 65 32.60 -5.50 1.39
N ALA C 66 32.08 -6.73 1.40
CA ALA C 66 32.77 -7.81 2.10
C ALA C 66 34.13 -8.09 1.49
N PHE C 67 34.22 -8.06 0.15
CA PHE C 67 35.50 -8.28 -0.51
C PHE C 67 36.49 -7.16 -0.19
N ILE C 68 36.01 -5.91 -0.16
CA ILE C 68 36.88 -4.80 0.20
C ILE C 68 37.38 -4.96 1.63
N LEU C 69 36.49 -5.36 2.54
CA LEU C 69 36.89 -5.59 3.93
C LEU C 69 37.92 -6.70 4.02
N ASN C 70 37.72 -7.79 3.28
CA ASN C 70 38.67 -8.90 3.30
C ASN C 70 40.03 -8.49 2.75
N GLY C 71 40.03 -7.69 1.68
CA GLY C 71 41.30 -7.17 1.15
C GLY C 71 42.00 -6.26 2.13
N ARG C 72 41.25 -5.40 2.81
CA ARG C 72 41.84 -4.53 3.82
C ARG C 72 42.21 -5.27 5.10
N LEU C 73 41.75 -6.51 5.26
CA LEU C 73 42.08 -7.30 6.44
C LEU C 73 43.26 -8.22 6.17
N GLY D 1 45.58 -0.38 14.88
CA GLY D 1 44.14 -0.23 14.96
C GLY D 1 43.41 -1.54 15.08
N GLY D 2 43.38 -2.08 16.29
CA GLY D 2 42.73 -3.36 16.52
C GLY D 2 41.27 -3.24 16.89
N LEU D 3 40.98 -2.43 17.90
CA LEU D 3 39.59 -2.24 18.30
C LEU D 3 38.93 -1.16 17.46
N ASP D 4 39.59 -0.01 17.30
CA ASP D 4 38.98 1.12 16.60
C ASP D 4 38.67 0.76 15.15
N ARG D 5 39.66 0.27 14.41
CA ARG D 5 39.46 -0.02 13.00
C ARG D 5 38.45 -1.14 12.79
N GLY D 6 38.63 -2.25 13.51
CA GLY D 6 37.75 -3.38 13.34
C GLY D 6 36.31 -3.08 13.71
N LEU D 7 36.11 -2.40 14.85
CA LEU D 7 34.76 -2.09 15.26
C LEU D 7 34.12 -1.00 14.40
N ILE D 8 34.94 -0.07 13.87
CA ILE D 8 34.41 0.89 12.92
C ILE D 8 33.92 0.18 11.65
N ALA D 9 34.71 -0.78 11.17
CA ALA D 9 34.29 -1.56 10.01
C ALA D 9 33.02 -2.36 10.30
N VAL D 10 32.94 -2.95 11.50
CA VAL D 10 31.77 -3.72 11.88
C VAL D 10 30.52 -2.84 11.91
N GLY D 11 30.65 -1.65 12.52
CA GLY D 11 29.52 -0.73 12.57
C GLY D 11 29.09 -0.26 11.19
N MET D 12 30.07 0.06 10.33
CA MET D 12 29.74 0.47 8.97
C MET D 12 29.04 -0.64 8.22
N GLY D 13 29.53 -1.87 8.36
CA GLY D 13 28.88 -3.00 7.69
C GLY D 13 27.47 -3.22 8.19
N LEU D 14 27.26 -3.14 9.51
CA LEU D 14 25.92 -3.33 10.05
C LEU D 14 24.96 -2.25 9.56
N ALA D 15 25.43 -0.99 9.53
CA ALA D 15 24.59 0.10 9.04
C ALA D 15 24.22 -0.11 7.58
N VAL D 16 25.21 -0.48 6.75
CA VAL D 16 24.96 -0.70 5.34
C VAL D 16 23.99 -1.87 5.16
N GLY D 17 24.14 -2.91 5.97
CA GLY D 17 23.25 -4.05 5.86
C GLY D 17 21.82 -3.72 6.25
N LEU D 18 21.65 -2.94 7.32
CA LEU D 18 20.29 -2.52 7.71
C LEU D 18 19.67 -1.63 6.63
N ALA D 19 20.47 -0.73 6.06
CA ALA D 19 19.96 0.10 4.97
C ALA D 19 19.57 -0.75 3.76
N ALA D 20 20.35 -1.78 3.45
CA ALA D 20 20.01 -2.69 2.37
C ALA D 20 18.72 -3.43 2.66
N LEU D 21 18.53 -3.86 3.91
CA LEU D 21 17.28 -4.52 4.29
C LEU D 21 16.10 -3.60 4.10
N GLY D 22 16.23 -2.34 4.52
CA GLY D 22 15.14 -1.39 4.32
C GLY D 22 14.86 -1.12 2.85
N THR D 23 15.92 -0.98 2.05
CA THR D 23 15.74 -0.75 0.62
C THR D 23 15.05 -1.93 -0.05
N GLY D 24 15.44 -3.15 0.31
CA GLY D 24 14.75 -4.32 -0.21
C GLY D 24 13.31 -4.39 0.25
N VAL D 25 13.05 -3.96 1.49
CA VAL D 25 11.68 -3.95 2.00
C VAL D 25 10.81 -3.04 1.16
N ALA D 26 11.32 -1.84 0.85
CA ALA D 26 10.59 -0.94 -0.03
C ALA D 26 10.44 -1.54 -1.43
N GLN D 27 11.54 -2.04 -1.97
CA GLN D 27 11.56 -2.53 -3.34
C GLN D 27 10.60 -3.69 -3.54
N ALA D 28 10.35 -4.48 -2.49
CA ALA D 28 9.41 -5.60 -2.62
C ALA D 28 8.04 -5.13 -3.09
N ARG D 29 7.38 -4.30 -2.27
CA ARG D 29 6.05 -3.82 -2.62
C ARG D 29 6.08 -2.96 -3.87
N ILE D 30 7.13 -2.13 -4.01
CA ILE D 30 7.19 -1.25 -5.18
C ILE D 30 7.26 -2.07 -6.46
N GLY D 31 8.14 -3.06 -6.49
CA GLY D 31 8.25 -3.90 -7.68
C GLY D 31 7.02 -4.75 -7.91
N ALA D 32 6.36 -5.20 -6.83
CA ALA D 32 5.14 -5.97 -7.01
C ALA D 32 4.07 -5.13 -7.72
N ALA D 33 3.83 -3.93 -7.22
CA ALA D 33 2.84 -3.06 -7.84
C ALA D 33 3.26 -2.69 -9.26
N GLY D 34 4.55 -2.42 -9.46
CA GLY D 34 5.03 -2.10 -10.80
C GLY D 34 4.88 -3.23 -11.79
N VAL D 35 5.08 -4.48 -11.32
CA VAL D 35 4.89 -5.62 -12.19
C VAL D 35 3.42 -5.78 -12.53
N GLY D 36 2.54 -5.56 -11.56
CA GLY D 36 1.11 -5.57 -11.87
C GLY D 36 0.75 -4.55 -12.93
N ALA D 37 1.26 -3.32 -12.79
CA ALA D 37 0.95 -2.29 -13.77
C ALA D 37 1.59 -2.57 -15.13
N ILE D 38 2.78 -3.18 -15.14
CA ILE D 38 3.43 -3.53 -16.39
C ILE D 38 2.63 -4.61 -17.12
N ALA D 39 2.19 -5.63 -16.39
CA ALA D 39 1.31 -6.64 -16.98
C ALA D 39 0.03 -6.01 -17.50
N GLU D 40 -0.48 -4.98 -16.81
CA GLU D 40 -1.58 -4.21 -17.35
C GLU D 40 -1.20 -3.55 -18.67
N ASP D 41 0.01 -2.98 -18.74
CA ASP D 41 0.55 -2.40 -19.97
C ASP D 41 1.97 -1.95 -19.70
N ARG D 42 2.77 -1.93 -20.77
CA ARG D 42 4.14 -1.41 -20.69
C ARG D 42 4.20 0.10 -20.88
N SER D 43 3.06 0.76 -21.08
CA SER D 43 3.05 2.20 -21.35
C SER D 43 3.49 2.99 -20.12
N ASN D 44 2.94 2.67 -18.95
CA ASN D 44 3.30 3.37 -17.73
C ASN D 44 4.65 2.95 -17.17
N PHE D 45 5.38 2.10 -17.91
CA PHE D 45 6.68 1.64 -17.42
C PHE D 45 7.68 2.78 -17.26
N GLY D 46 7.50 3.88 -17.98
CA GLY D 46 8.40 5.01 -17.80
C GLY D 46 8.38 5.54 -16.38
N THR D 47 7.17 5.74 -15.83
CA THR D 47 7.07 6.18 -14.44
C THR D 47 7.31 5.01 -13.49
N ALA D 48 6.93 3.80 -13.91
CA ALA D 48 7.08 2.64 -13.04
C ALA D 48 8.55 2.34 -12.73
N LEU D 49 9.43 2.41 -13.73
CA LEU D 49 10.84 2.19 -13.48
C LEU D 49 11.42 3.25 -12.56
N ILE D 50 10.98 4.50 -12.72
CA ILE D 50 11.42 5.56 -11.82
C ILE D 50 11.01 5.23 -10.39
N PHE D 51 9.75 4.80 -10.22
CA PHE D 51 9.27 4.50 -8.87
C PHE D 51 9.96 3.27 -8.28
N LEU D 52 10.36 2.32 -9.13
CA LEU D 52 10.97 1.09 -8.65
C LEU D 52 12.50 1.18 -8.53
N LEU D 53 13.11 2.24 -9.03
CA LEU D 53 14.55 2.40 -8.91
C LEU D 53 14.92 3.57 -7.99
N LEU D 54 13.95 4.44 -7.73
CA LEU D 54 14.19 5.55 -6.82
C LEU D 54 14.60 5.12 -5.40
N PRO D 55 13.98 4.13 -4.75
CA PRO D 55 14.32 3.86 -3.34
C PRO D 55 15.77 3.42 -3.11
N GLU D 56 16.58 3.27 -4.14
CA GLU D 56 17.98 2.88 -3.96
C GLU D 56 18.79 3.95 -3.22
N THR D 57 18.18 5.08 -2.90
CA THR D 57 18.90 6.15 -2.21
C THR D 57 19.38 5.70 -0.84
N LEU D 58 18.57 4.90 -0.14
CA LEU D 58 18.98 4.42 1.18
C LEU D 58 20.21 3.56 1.09
N VAL D 59 20.26 2.64 0.12
CA VAL D 59 21.43 1.78 -0.04
C VAL D 59 22.63 2.59 -0.46
N ILE D 60 22.43 3.59 -1.34
CA ILE D 60 23.54 4.45 -1.75
C ILE D 60 24.12 5.19 -0.56
N PHE D 61 23.25 5.75 0.28
CA PHE D 61 23.72 6.47 1.46
C PHE D 61 24.41 5.54 2.44
N GLY D 62 23.88 4.33 2.61
CA GLY D 62 24.54 3.37 3.49
C GLY D 62 25.92 3.00 3.00
N LEU D 63 26.07 2.77 1.70
CA LEU D 63 27.38 2.47 1.14
C LEU D 63 28.33 3.64 1.30
N LEU D 64 27.84 4.87 1.10
CA LEU D 64 28.68 6.04 1.29
C LEU D 64 29.12 6.18 2.74
N ILE D 65 28.22 5.90 3.69
CA ILE D 65 28.57 5.96 5.11
C ILE D 65 29.61 4.89 5.44
N ALA D 66 29.44 3.69 4.89
CA ALA D 66 30.43 2.64 5.13
C ALA D 66 31.79 3.02 4.56
N PHE D 67 31.80 3.63 3.36
CA PHE D 67 33.06 4.09 2.79
C PHE D 67 33.72 5.16 3.64
N ILE D 68 32.92 6.08 4.19
CA ILE D 68 33.46 7.14 5.04
C ILE D 68 34.05 6.53 6.31
N LEU D 69 33.34 5.57 6.91
CA LEU D 69 33.86 4.91 8.10
C LEU D 69 35.14 4.14 7.80
N ASN D 70 35.21 3.50 6.63
CA ASN D 70 36.44 2.83 6.23
C ASN D 70 37.58 3.82 6.06
N GLY D 71 37.30 4.98 5.49
CA GLY D 71 38.31 6.03 5.40
C GLY D 71 38.76 6.51 6.77
N ARG D 72 37.85 6.52 7.74
CA ARG D 72 38.17 6.85 9.12
C ARG D 72 38.29 5.60 9.99
N LEU D 73 38.77 4.50 9.41
CA LEU D 73 38.94 3.25 10.14
C LEU D 73 40.39 3.04 10.52
N GLY E 1 41.27 5.71 22.01
CA GLY E 1 41.31 4.26 22.03
C GLY E 1 40.09 3.61 21.41
N GLY E 2 40.27 2.40 20.88
CA GLY E 2 39.16 1.69 20.25
C GLY E 2 38.04 1.33 21.21
N LEU E 3 38.31 1.37 22.52
CA LEU E 3 37.25 1.12 23.49
C LEU E 3 36.15 2.18 23.40
N ASP E 4 36.50 3.40 23.02
CA ASP E 4 35.49 4.42 22.77
C ASP E 4 35.21 4.60 21.29
N ARG E 5 36.25 4.46 20.45
CA ARG E 5 36.09 4.69 19.02
C ARG E 5 35.10 3.72 18.40
N GLY E 6 35.27 2.42 18.66
CA GLY E 6 34.37 1.45 18.09
C GLY E 6 32.97 1.52 18.65
N LEU E 7 32.85 1.74 19.96
CA LEU E 7 31.54 1.89 20.58
C LEU E 7 30.84 3.16 20.16
N ILE E 8 31.57 4.11 19.57
CA ILE E 8 30.91 5.26 18.95
C ILE E 8 30.50 4.94 17.52
N ALA E 9 31.40 4.29 16.77
CA ALA E 9 31.12 4.01 15.36
C ALA E 9 29.92 3.09 15.19
N VAL E 10 29.92 1.95 15.91
CA VAL E 10 28.80 1.02 15.79
C VAL E 10 27.53 1.64 16.37
N GLY E 11 27.66 2.43 17.44
CA GLY E 11 26.51 3.11 18.00
C GLY E 11 25.85 4.06 17.01
N MET E 12 26.64 4.74 16.18
CA MET E 12 26.08 5.59 15.13
C MET E 12 25.47 4.75 14.02
N GLY E 13 26.18 3.71 13.59
CA GLY E 13 25.72 2.89 12.48
C GLY E 13 24.39 2.22 12.77
N LEU E 14 24.18 1.81 14.02
CA LEU E 14 22.92 1.16 14.38
C LEU E 14 21.74 2.08 14.12
N ALA E 15 21.81 3.32 14.65
CA ALA E 15 20.73 4.27 14.45
C ALA E 15 20.54 4.57 12.98
N VAL E 16 21.63 4.78 12.25
CA VAL E 16 21.52 5.12 10.82
C VAL E 16 20.80 4.01 10.08
N GLY E 17 21.24 2.76 10.28
CA GLY E 17 20.65 1.65 9.55
C GLY E 17 19.20 1.41 9.91
N LEU E 18 18.87 1.53 11.20
CA LEU E 18 17.48 1.27 11.61
C LEU E 18 16.55 2.35 11.09
N ALA E 19 17.00 3.61 11.09
CA ALA E 19 16.20 4.67 10.48
C ALA E 19 15.99 4.41 8.99
N ALA E 20 17.05 3.96 8.31
CA ALA E 20 16.91 3.62 6.90
C ALA E 20 15.88 2.50 6.70
N LEU E 21 15.90 1.50 7.58
CA LEU E 21 14.93 0.41 7.47
C LEU E 21 13.50 0.90 7.66
N GLY E 22 13.28 1.77 8.65
CA GLY E 22 11.94 2.32 8.84
C GLY E 22 11.47 3.13 7.65
N THR E 23 12.38 3.94 7.08
CA THR E 23 12.03 4.73 5.91
C THR E 23 11.66 3.83 4.74
N GLY E 24 12.44 2.78 4.50
CA GLY E 24 12.10 1.83 3.46
C GLY E 24 10.76 1.14 3.72
N VAL E 25 10.48 0.84 4.99
CA VAL E 25 9.22 0.18 5.33
C VAL E 25 8.04 1.06 4.94
N ALA E 26 8.10 2.34 5.30
CA ALA E 26 7.01 3.24 4.90
C ALA E 26 6.94 3.39 3.39
N GLN E 27 8.11 3.58 2.75
CA GLN E 27 8.15 3.83 1.31
C GLN E 27 7.59 2.66 0.53
N ALA E 28 7.68 1.44 1.07
CA ALA E 28 7.13 0.28 0.35
C ALA E 28 5.66 0.48 0.02
N ARG E 29 4.82 0.57 1.06
CA ARG E 29 3.39 0.73 0.85
C ARG E 29 3.07 2.04 0.13
N ILE E 30 3.74 3.12 0.53
CA ILE E 30 3.42 4.41 -0.07
C ILE E 30 3.68 4.38 -1.57
N GLY E 31 4.87 3.94 -1.98
CA GLY E 31 5.21 3.92 -3.39
C GLY E 31 4.42 2.89 -4.18
N ALA E 32 4.07 1.77 -3.55
CA ALA E 32 3.23 0.80 -4.25
C ALA E 32 1.87 1.39 -4.58
N ALA E 33 1.22 2.01 -3.60
CA ALA E 33 -0.07 2.64 -3.86
C ALA E 33 0.06 3.76 -4.88
N GLY E 34 1.14 4.55 -4.78
CA GLY E 34 1.36 5.62 -5.73
C GLY E 34 1.55 5.13 -7.15
N VAL E 35 2.32 4.06 -7.34
CA VAL E 35 2.52 3.51 -8.67
C VAL E 35 1.22 2.97 -9.22
N GLY E 36 0.44 2.28 -8.38
CA GLY E 36 -0.84 1.78 -8.84
C GLY E 36 -1.78 2.90 -9.28
N ALA E 37 -1.85 3.97 -8.49
CA ALA E 37 -2.74 5.08 -8.85
C ALA E 37 -2.23 5.84 -10.07
N ILE E 38 -0.91 5.95 -10.22
CA ILE E 38 -0.36 6.60 -11.40
C ILE E 38 -0.67 5.80 -12.65
N ALA E 39 -0.58 4.47 -12.56
CA ALA E 39 -0.97 3.63 -13.69
C ALA E 39 -2.47 3.76 -13.96
N GLU E 40 -3.27 3.89 -12.92
CA GLU E 40 -4.71 4.11 -13.11
C GLU E 40 -4.97 5.41 -13.83
N ASP E 41 -4.20 6.46 -13.50
CA ASP E 41 -4.37 7.77 -14.12
C ASP E 41 -3.10 8.57 -13.94
N ARG E 42 -2.60 9.15 -15.04
CA ARG E 42 -1.40 9.96 -14.97
C ARG E 42 -1.57 11.22 -14.14
N SER E 43 -2.81 11.62 -13.84
CA SER E 43 -3.04 12.80 -13.02
C SER E 43 -2.60 12.59 -11.58
N ASN E 44 -2.32 11.34 -11.18
CA ASN E 44 -1.89 11.07 -9.82
C ASN E 44 -0.39 11.10 -9.66
N PHE E 45 0.37 11.40 -10.72
CA PHE E 45 1.83 11.34 -10.64
C PHE E 45 2.37 12.27 -9.55
N GLY E 46 2.20 13.57 -9.73
CA GLY E 46 2.68 14.51 -8.73
C GLY E 46 1.92 14.42 -7.43
N THR E 47 0.60 14.33 -7.50
CA THR E 47 -0.23 14.31 -6.28
C THR E 47 0.07 13.08 -5.44
N ALA E 48 0.70 12.07 -6.03
CA ALA E 48 1.10 10.88 -5.31
C ALA E 48 2.54 10.96 -4.83
N LEU E 49 3.46 11.33 -5.73
CA LEU E 49 4.86 11.44 -5.34
C LEU E 49 5.07 12.43 -4.20
N ILE E 50 4.23 13.47 -4.15
CA ILE E 50 4.28 14.43 -3.06
C ILE E 50 4.13 13.71 -1.73
N PHE E 51 2.99 13.04 -1.54
CA PHE E 51 2.77 12.32 -0.29
C PHE E 51 3.77 11.18 -0.11
N LEU E 52 4.31 10.66 -1.21
CA LEU E 52 5.20 9.51 -1.15
C LEU E 52 6.63 9.88 -0.76
N LEU E 53 7.03 11.14 -0.92
CA LEU E 53 8.38 11.55 -0.55
C LEU E 53 8.54 11.81 0.93
N LEU E 54 7.45 11.86 1.69
CA LEU E 54 7.47 12.12 3.13
C LEU E 54 8.35 11.14 3.90
N PRO E 55 8.33 9.83 3.60
CA PRO E 55 9.21 8.91 4.35
C PRO E 55 10.69 9.21 4.20
N GLU E 56 11.11 9.93 3.15
CA GLU E 56 12.53 10.18 2.95
C GLU E 56 13.15 11.01 4.08
N THR E 57 12.33 11.68 4.88
CA THR E 57 12.86 12.46 6.00
C THR E 57 13.30 11.57 7.15
N LEU E 58 12.85 10.31 7.17
CA LEU E 58 13.15 9.43 8.30
C LEU E 58 14.64 9.16 8.43
N VAL E 59 15.30 8.88 7.30
CA VAL E 59 16.72 8.51 7.35
C VAL E 59 17.57 9.72 7.72
N ILE E 60 17.02 10.92 7.61
CA ILE E 60 17.79 12.13 7.89
C ILE E 60 18.19 12.19 9.36
N PHE E 61 17.29 11.80 10.26
CA PHE E 61 17.62 11.83 11.69
C PHE E 61 18.77 10.88 12.01
N GLY E 62 18.73 9.67 11.47
CA GLY E 62 19.82 8.74 11.66
C GLY E 62 21.12 9.24 11.06
N LEU E 63 21.06 9.84 9.88
CA LEU E 63 22.26 10.41 9.27
C LEU E 63 22.83 11.53 10.13
N LEU E 64 21.97 12.35 10.72
CA LEU E 64 22.43 13.45 11.57
C LEU E 64 23.08 12.93 12.85
N ILE E 65 22.46 11.93 13.47
CA ILE E 65 23.06 11.35 14.67
C ILE E 65 24.40 10.70 14.35
N ALA E 66 24.49 10.04 13.19
CA ALA E 66 25.75 9.45 12.77
C ALA E 66 26.81 10.52 12.53
N PHE E 67 26.42 11.64 11.93
CA PHE E 67 27.36 12.74 11.72
C PHE E 67 27.84 13.31 13.05
N ILE E 68 26.92 13.45 14.01
CA ILE E 68 27.30 13.96 15.34
C ILE E 68 28.30 13.02 15.99
N LEU E 69 28.04 11.71 15.91
CA LEU E 69 28.97 10.74 16.48
C LEU E 69 30.32 10.78 15.77
N ASN E 70 30.31 10.91 14.45
CA ASN E 70 31.57 11.01 13.71
C ASN E 70 32.36 12.25 14.11
N GLY E 71 31.67 13.35 14.35
CA GLY E 71 32.34 14.53 14.88
C GLY E 71 32.94 14.27 16.25
N ARG E 72 32.16 13.62 17.12
CA ARG E 72 32.63 13.30 18.46
C ARG E 72 33.57 12.11 18.50
N LEU E 73 34.03 11.63 17.35
CA LEU E 73 34.97 10.51 17.31
C LEU E 73 36.38 10.97 17.66
N GLY F 1 33.48 9.25 28.54
CA GLY F 1 33.10 8.25 29.52
C GLY F 1 33.66 6.87 29.20
N GLY F 2 34.42 6.78 28.11
CA GLY F 2 35.03 5.52 27.74
C GLY F 2 33.97 4.46 27.46
N LEU F 3 34.00 3.39 28.27
CA LEU F 3 32.98 2.36 28.14
C LEU F 3 31.59 2.90 28.45
N ASP F 4 31.49 3.75 29.48
CA ASP F 4 30.21 4.39 29.77
C ASP F 4 29.75 5.24 28.60
N ARG F 5 30.66 5.99 27.99
CA ARG F 5 30.30 6.82 26.84
C ARG F 5 29.82 5.97 25.68
N GLY F 6 30.52 4.87 25.40
CA GLY F 6 30.12 4.00 24.31
C GLY F 6 28.76 3.36 24.56
N LEU F 7 28.53 2.92 25.79
CA LEU F 7 27.22 2.35 26.13
C LEU F 7 26.12 3.39 25.99
N ILE F 8 26.38 4.63 26.42
CA ILE F 8 25.38 5.67 26.28
C ILE F 8 25.09 5.95 24.81
N ALA F 9 26.14 6.00 23.98
CA ALA F 9 25.95 6.24 22.55
C ALA F 9 25.17 5.12 21.90
N VAL F 10 25.47 3.87 22.27
CA VAL F 10 24.74 2.74 21.72
C VAL F 10 23.28 2.78 22.15
N GLY F 11 23.02 3.16 23.40
CA GLY F 11 21.65 3.29 23.85
C GLY F 11 20.89 4.35 23.07
N MET F 12 21.53 5.49 22.83
CA MET F 12 20.88 6.54 22.05
C MET F 12 20.59 6.07 20.63
N GLY F 13 21.56 5.40 20.01
CA GLY F 13 21.36 4.91 18.66
C GLY F 13 20.22 3.91 18.57
N LEU F 14 20.17 2.98 19.52
CA LEU F 14 19.09 2.01 19.55
C LEU F 14 17.75 2.69 19.77
N ALA F 15 17.70 3.68 20.65
CA ALA F 15 16.47 4.43 20.86
C ALA F 15 15.97 5.04 19.57
N VAL F 16 16.86 5.75 18.87
CA VAL F 16 16.47 6.41 17.62
C VAL F 16 16.01 5.39 16.60
N GLY F 17 16.74 4.28 16.46
CA GLY F 17 16.37 3.29 15.48
C GLY F 17 15.01 2.66 15.74
N LEU F 18 14.75 2.29 17.00
CA LEU F 18 13.48 1.66 17.32
C LEU F 18 12.32 2.63 17.18
N ALA F 19 12.52 3.89 17.58
CA ALA F 19 11.47 4.88 17.38
C ALA F 19 11.17 5.07 15.90
N ALA F 20 12.22 5.13 15.07
CA ALA F 20 12.01 5.25 13.64
C ALA F 20 11.25 4.04 13.09
N LEU F 21 11.58 2.85 13.57
CA LEU F 21 10.87 1.65 13.12
C LEU F 21 9.38 1.74 13.44
N GLY F 22 9.05 2.11 14.68
CA GLY F 22 7.64 2.22 15.04
C GLY F 22 6.90 3.28 14.25
N THR F 23 7.53 4.45 14.08
CA THR F 23 6.91 5.51 13.31
C THR F 23 6.64 5.07 11.87
N GLY F 24 7.64 4.47 11.22
CA GLY F 24 7.45 3.97 9.87
C GLY F 24 6.38 2.90 9.78
N VAL F 25 6.30 2.05 10.81
CA VAL F 25 5.27 1.01 10.84
C VAL F 25 3.89 1.63 10.78
N ALA F 26 3.63 2.63 11.62
CA ALA F 26 2.33 3.30 11.56
C ALA F 26 2.15 4.03 10.23
N GLN F 27 3.21 4.68 9.76
CA GLN F 27 3.11 5.59 8.63
C GLN F 27 2.80 4.85 7.34
N ALA F 28 3.36 3.66 7.15
CA ALA F 28 3.11 2.94 5.90
C ALA F 28 1.62 2.75 5.66
N ARG F 29 0.91 2.18 6.64
CA ARG F 29 -0.51 1.91 6.48
C ARG F 29 -1.31 3.21 6.41
N ILE F 30 -1.04 4.15 7.32
CA ILE F 30 -1.84 5.37 7.33
C ILE F 30 -1.67 6.13 6.02
N GLY F 31 -0.43 6.26 5.55
CA GLY F 31 -0.17 6.96 4.30
C GLY F 31 -0.71 6.24 3.09
N ALA F 32 -0.70 4.91 3.08
CA ALA F 32 -1.30 4.19 1.97
C ALA F 32 -2.80 4.44 1.89
N ALA F 33 -3.49 4.39 3.04
CA ALA F 33 -4.92 4.68 3.04
C ALA F 33 -5.19 6.11 2.60
N GLY F 34 -4.39 7.06 3.09
CA GLY F 34 -4.57 8.44 2.69
C GLY F 34 -4.32 8.66 1.21
N VAL F 35 -3.31 8.02 0.65
CA VAL F 35 -3.03 8.13 -0.78
C VAL F 35 -4.22 7.62 -1.58
N GLY F 36 -4.78 6.48 -1.17
CA GLY F 36 -5.94 5.96 -1.86
C GLY F 36 -7.12 6.92 -1.81
N ALA F 37 -7.42 7.45 -0.63
CA ALA F 37 -8.57 8.33 -0.50
C ALA F 37 -8.36 9.64 -1.25
N ILE F 38 -7.12 10.15 -1.26
CA ILE F 38 -6.85 11.39 -1.97
C ILE F 38 -6.94 11.17 -3.48
N ALA F 39 -6.49 10.02 -3.96
CA ALA F 39 -6.71 9.70 -5.37
C ALA F 39 -8.19 9.59 -5.67
N GLU F 40 -8.98 9.12 -4.70
CA GLU F 40 -10.43 9.06 -4.89
C GLU F 40 -11.02 10.46 -4.96
N ASP F 41 -10.52 11.40 -4.15
CA ASP F 41 -11.03 12.76 -4.13
C ASP F 41 -9.90 13.72 -3.82
N ARG F 42 -9.66 14.68 -4.72
CA ARG F 42 -8.59 15.65 -4.51
C ARG F 42 -8.88 16.63 -3.37
N SER F 43 -10.13 16.70 -2.92
CA SER F 43 -10.47 17.51 -1.76
C SER F 43 -10.23 16.79 -0.45
N ASN F 44 -9.78 15.53 -0.51
CA ASN F 44 -9.41 14.78 0.69
C ASN F 44 -7.95 14.96 1.06
N PHE F 45 -7.14 15.59 0.20
CA PHE F 45 -5.72 15.77 0.49
C PHE F 45 -5.50 16.67 1.69
N GLY F 46 -6.50 17.45 2.09
CA GLY F 46 -6.37 18.25 3.29
C GLY F 46 -6.20 17.41 4.52
N THR F 47 -7.24 16.65 4.88
CA THR F 47 -7.14 15.77 6.04
C THR F 47 -6.17 14.61 5.81
N ALA F 48 -5.94 14.23 4.55
CA ALA F 48 -5.09 13.09 4.23
C ALA F 48 -3.67 13.31 4.71
N LEU F 49 -3.00 14.33 4.17
CA LEU F 49 -1.63 14.63 4.60
C LEU F 49 -1.56 14.98 6.08
N ILE F 50 -2.62 15.58 6.63
CA ILE F 50 -2.65 15.86 8.07
C ILE F 50 -2.50 14.57 8.87
N PHE F 51 -3.42 13.64 8.66
CA PHE F 51 -3.35 12.37 9.37
C PHE F 51 -2.10 11.57 9.01
N LEU F 52 -1.54 11.79 7.82
CA LEU F 52 -0.33 11.08 7.42
C LEU F 52 0.88 11.57 8.21
N LEU F 53 1.05 12.88 8.32
CA LEU F 53 2.24 13.42 8.96
C LEU F 53 2.06 13.64 10.45
N LEU F 54 0.86 13.44 10.99
CA LEU F 54 0.62 13.63 12.41
C LEU F 54 1.45 12.72 13.32
N PRO F 55 1.58 11.42 13.06
CA PRO F 55 2.21 10.52 14.04
C PRO F 55 3.69 10.74 14.31
N GLU F 56 4.34 11.72 13.69
CA GLU F 56 5.78 11.92 13.83
C GLU F 56 6.18 12.36 15.24
N THR F 57 5.21 12.46 16.17
CA THR F 57 5.51 12.91 17.52
C THR F 57 6.48 11.96 18.23
N LEU F 58 6.30 10.65 18.03
CA LEU F 58 7.22 9.70 18.64
C LEU F 58 8.64 9.88 18.11
N VAL F 59 8.78 10.10 16.81
CA VAL F 59 10.11 10.33 16.23
C VAL F 59 10.73 11.59 16.83
N ILE F 60 9.93 12.65 16.97
CA ILE F 60 10.44 13.89 17.54
C ILE F 60 10.92 13.66 18.98
N PHE F 61 10.11 12.96 19.77
CA PHE F 61 10.49 12.69 21.16
C PHE F 61 11.75 11.85 21.25
N GLY F 62 11.89 10.87 20.36
CA GLY F 62 13.10 10.07 20.34
C GLY F 62 14.33 10.88 19.98
N LEU F 63 14.20 11.77 18.99
CA LEU F 63 15.31 12.67 18.67
C LEU F 63 15.64 13.57 19.84
N LEU F 64 14.62 14.00 20.60
CA LEU F 64 14.87 14.80 21.79
C LEU F 64 15.66 14.01 22.83
N ILE F 65 15.31 12.74 23.04
CA ILE F 65 16.06 11.92 23.99
C ILE F 65 17.49 11.74 23.51
N ALA F 66 17.67 11.55 22.20
CA ALA F 66 19.02 11.43 21.65
C ALA F 66 19.83 12.70 21.90
N PHE F 67 19.20 13.86 21.71
CA PHE F 67 19.89 15.12 21.97
C PHE F 67 20.23 15.26 23.45
N ILE F 68 19.34 14.83 24.34
CA ILE F 68 19.60 14.90 25.77
C ILE F 68 20.80 14.03 26.13
N LEU F 69 20.86 12.83 25.57
CA LEU F 69 22.01 11.96 25.80
C LEU F 69 23.30 12.61 25.27
N ASN F 70 23.23 13.17 24.06
CA ASN F 70 24.42 13.81 23.49
C ASN F 70 24.89 14.97 24.35
N GLY F 71 23.95 15.73 24.93
CA GLY F 71 24.32 16.80 25.83
C GLY F 71 24.92 16.30 27.12
N ARG F 72 24.35 15.24 27.69
CA ARG F 72 24.92 14.63 28.89
C ARG F 72 26.28 14.03 28.63
N LEU F 73 26.62 13.74 27.38
CA LEU F 73 27.96 13.26 27.04
C LEU F 73 28.60 14.13 25.97
N GLY G 1 34.04 4.90 38.34
CA GLY G 1 34.72 5.15 37.08
C GLY G 1 34.32 4.16 35.99
N GLY G 2 33.41 3.26 36.32
CA GLY G 2 32.99 2.24 35.38
C GLY G 2 31.88 2.71 34.47
N LEU G 3 31.13 1.77 33.91
CA LEU G 3 30.05 2.07 32.97
C LEU G 3 28.72 1.76 33.64
N ASP G 4 28.22 2.74 34.38
CA ASP G 4 26.87 2.71 34.93
C ASP G 4 25.95 3.71 34.27
N ARG G 5 26.44 4.92 33.99
CA ARG G 5 25.67 5.89 33.24
C ARG G 5 25.34 5.37 31.85
N GLY G 6 26.30 4.69 31.22
CA GLY G 6 26.03 4.09 29.92
C GLY G 6 24.94 3.05 29.96
N LEU G 7 24.95 2.21 30.99
CA LEU G 7 23.91 1.20 31.14
C LEU G 7 22.54 1.85 31.37
N ILE G 8 22.49 2.87 32.22
CA ILE G 8 21.23 3.55 32.47
C ILE G 8 20.71 4.21 31.19
N ALA G 9 21.61 4.84 30.43
CA ALA G 9 21.23 5.48 29.18
C ALA G 9 20.71 4.45 28.17
N VAL G 10 21.38 3.31 28.08
CA VAL G 10 20.93 2.26 27.16
C VAL G 10 19.55 1.77 27.57
N GLY G 11 19.34 1.57 28.87
CA GLY G 11 18.03 1.14 29.33
C GLY G 11 16.94 2.13 28.98
N MET G 12 17.17 3.41 29.24
CA MET G 12 16.19 4.44 28.91
C MET G 12 15.93 4.48 27.40
N GLY G 13 16.99 4.40 26.60
CA GLY G 13 16.81 4.45 25.16
C GLY G 13 16.02 3.27 24.62
N LEU G 14 16.31 2.07 25.12
CA LEU G 14 15.55 0.90 24.70
C LEU G 14 14.09 1.02 25.11
N ALA G 15 13.84 1.53 26.32
CA ALA G 15 12.46 1.74 26.76
C ALA G 15 11.73 2.69 25.81
N VAL G 16 12.37 3.80 25.46
CA VAL G 16 11.74 4.78 24.58
C VAL G 16 11.47 4.18 23.21
N GLY G 17 12.46 3.47 22.67
CA GLY G 17 12.29 2.87 21.35
C GLY G 17 11.18 1.85 21.31
N LEU G 18 11.10 0.99 22.34
CA LEU G 18 10.04 -0.01 22.37
C LEU G 18 8.68 0.63 22.54
N ALA G 19 8.58 1.68 23.36
CA ALA G 19 7.31 2.38 23.49
C ALA G 19 6.87 2.99 22.17
N ALA G 20 7.82 3.58 21.43
CA ALA G 20 7.50 4.14 20.12
C ALA G 20 7.05 3.04 19.15
N LEU G 21 7.70 1.88 19.20
CA LEU G 21 7.28 0.78 18.34
C LEU G 21 5.85 0.36 18.64
N GLY G 22 5.52 0.22 19.92
CA GLY G 22 4.15 -0.13 20.28
C GLY G 22 3.15 0.92 19.84
N THR G 23 3.50 2.20 20.01
CA THR G 23 2.60 3.27 19.59
C THR G 23 2.36 3.24 18.10
N GLY G 24 3.42 3.04 17.31
CA GLY G 24 3.24 2.92 15.88
C GLY G 24 2.40 1.71 15.49
N VAL G 25 2.58 0.61 16.22
CA VAL G 25 1.81 -0.60 15.93
C VAL G 25 0.32 -0.35 16.10
N ALA G 26 -0.06 0.27 17.21
CA ALA G 26 -1.47 0.61 17.39
C ALA G 26 -1.93 1.65 16.36
N GLN G 27 -1.08 2.64 16.09
CA GLN G 27 -1.46 3.78 15.27
C GLN G 27 -1.74 3.39 13.84
N ALA G 28 -0.98 2.47 13.28
CA ALA G 28 -1.20 2.07 11.89
C ALA G 28 -2.67 1.70 11.65
N ARG G 29 -3.13 0.67 12.34
CA ARG G 29 -4.49 0.19 12.14
C ARG G 29 -5.51 1.24 12.59
N ILE G 30 -5.27 1.89 13.73
CA ILE G 30 -6.26 2.84 14.23
C ILE G 30 -6.44 3.99 13.26
N GLY G 31 -5.34 4.55 12.76
CA GLY G 31 -5.42 5.65 11.83
C GLY G 31 -5.99 5.25 10.48
N ALA G 32 -5.69 4.03 10.02
CA ALA G 32 -6.29 3.59 8.77
C ALA G 32 -7.81 3.51 8.90
N ALA G 33 -8.30 2.92 10.01
CA ALA G 33 -9.74 2.84 10.22
C ALA G 33 -10.36 4.23 10.34
N GLY G 34 -9.68 5.13 11.03
CA GLY G 34 -10.17 6.49 11.13
C GLY G 34 -10.24 7.20 9.79
N VAL G 35 -9.21 7.00 8.96
CA VAL G 35 -9.20 7.60 7.63
C VAL G 35 -10.38 7.10 6.81
N GLY G 36 -10.62 5.78 6.87
CA GLY G 36 -11.78 5.24 6.19
C GLY G 36 -13.09 5.83 6.69
N ALA G 37 -13.23 5.93 8.01
CA ALA G 37 -14.46 6.46 8.59
C ALA G 37 -14.69 7.91 8.18
N ILE G 38 -13.62 8.72 8.20
CA ILE G 38 -13.75 10.12 7.84
C ILE G 38 -14.02 10.29 6.36
N ALA G 39 -13.40 9.47 5.52
CA ALA G 39 -13.69 9.53 4.09
C ALA G 39 -15.14 9.17 3.83
N GLU G 40 -15.67 8.18 4.55
CA GLU G 40 -17.07 7.82 4.37
C GLU G 40 -18.00 8.90 4.90
N ASP G 41 -17.67 9.50 6.04
CA ASP G 41 -18.52 10.50 6.68
C ASP G 41 -17.65 11.53 7.38
N ARG G 42 -17.92 12.80 7.12
CA ARG G 42 -17.18 13.91 7.71
C ARG G 42 -17.70 14.31 9.09
N SER G 43 -18.78 13.69 9.56
CA SER G 43 -19.37 14.02 10.85
C SER G 43 -18.88 13.10 11.97
N ASN G 44 -17.65 12.59 11.87
CA ASN G 44 -17.09 11.73 12.89
C ASN G 44 -15.62 12.03 13.18
N PHE G 45 -15.12 13.20 12.79
CA PHE G 45 -13.71 13.52 13.00
C PHE G 45 -13.38 13.60 14.48
N GLY G 46 -14.31 14.08 15.30
CA GLY G 46 -14.07 14.10 16.73
C GLY G 46 -13.84 12.71 17.30
N THR G 47 -14.71 11.76 16.93
CA THR G 47 -14.52 10.39 17.39
C THR G 47 -13.26 9.77 16.81
N ALA G 48 -12.92 10.13 15.57
CA ALA G 48 -11.69 9.64 14.96
C ALA G 48 -10.48 10.09 15.77
N LEU G 49 -10.44 11.37 16.14
CA LEU G 49 -9.34 11.85 16.97
C LEU G 49 -9.37 11.20 18.35
N ILE G 50 -10.57 10.99 18.91
CA ILE G 50 -10.68 10.37 20.23
C ILE G 50 -10.10 8.96 20.22
N PHE G 51 -10.32 8.22 19.14
CA PHE G 51 -9.74 6.89 19.03
C PHE G 51 -8.25 6.95 18.73
N LEU G 52 -7.84 7.87 17.87
CA LEU G 52 -6.44 7.91 17.42
C LEU G 52 -5.51 8.37 18.53
N LEU G 53 -5.95 9.25 19.41
CA LEU G 53 -5.07 9.77 20.46
C LEU G 53 -4.94 8.80 21.62
N LEU G 54 -5.83 7.82 21.73
CA LEU G 54 -5.80 6.90 22.86
C LEU G 54 -4.49 6.13 23.00
N PRO G 55 -3.87 5.59 21.93
CA PRO G 55 -2.61 4.84 22.13
C PRO G 55 -1.46 5.67 22.66
N GLU G 56 -1.62 7.00 22.78
CA GLU G 56 -0.57 7.82 23.36
C GLU G 56 -0.37 7.56 24.85
N THR G 57 -1.25 6.77 25.48
CA THR G 57 -1.05 6.42 26.88
C THR G 57 0.23 5.64 27.07
N LEU G 58 0.54 4.72 26.16
CA LEU G 58 1.80 3.98 26.26
C LEU G 58 3.00 4.91 26.15
N VAL G 59 2.93 5.88 25.23
CA VAL G 59 4.03 6.84 25.08
C VAL G 59 4.16 7.69 26.33
N ILE G 60 3.05 8.10 26.93
CA ILE G 60 3.11 8.90 28.15
C ILE G 60 3.73 8.08 29.28
N PHE G 61 3.34 6.81 29.41
CA PHE G 61 3.91 5.96 30.46
C PHE G 61 5.40 5.76 30.24
N GLY G 62 5.81 5.54 29.00
CA GLY G 62 7.23 5.41 28.70
C GLY G 62 8.00 6.68 29.02
N LEU G 63 7.41 7.83 28.70
CA LEU G 63 8.06 9.10 29.03
C LEU G 63 8.18 9.28 30.53
N LEU G 64 7.16 8.89 31.29
CA LEU G 64 7.23 8.98 32.74
C LEU G 64 8.32 8.08 33.31
N ILE G 65 8.42 6.85 32.79
CA ILE G 65 9.46 5.94 33.26
C ILE G 65 10.85 6.49 32.91
N ALA G 66 10.99 7.03 31.70
CA ALA G 66 12.27 7.60 31.30
C ALA G 66 12.64 8.80 32.18
N PHE G 67 11.66 9.64 32.51
CA PHE G 67 11.92 10.77 33.39
C PHE G 67 12.32 10.31 34.78
N ILE G 68 11.67 9.27 35.30
CA ILE G 68 12.02 8.74 36.60
C ILE G 68 13.45 8.20 36.59
N LEU G 69 13.82 7.45 35.55
CA LEU G 69 15.18 6.93 35.45
C LEU G 69 16.19 8.07 35.33
N ASN G 70 15.88 9.10 34.54
CA ASN G 70 16.79 10.23 34.40
C ASN G 70 16.95 10.97 35.72
N GLY G 71 15.87 11.13 36.47
CA GLY G 71 15.96 11.74 37.79
C GLY G 71 16.81 10.91 38.74
N ARG G 72 16.64 9.59 38.72
CA ARG G 72 17.51 8.73 39.50
C ARG G 72 18.96 8.86 39.07
N LEU G 73 19.19 9.18 37.80
CA LEU G 73 20.54 9.40 37.31
C LEU G 73 21.04 10.79 37.69
N GLY H 1 28.54 -3.58 41.26
CA GLY H 1 28.84 -2.24 41.71
C GLY H 1 27.91 -1.21 41.13
N GLY H 2 28.47 -0.06 40.73
CA GLY H 2 27.65 0.98 40.12
C GLY H 2 27.01 0.52 38.82
N LEU H 3 27.76 -0.19 37.99
CA LEU H 3 27.20 -0.75 36.77
C LEU H 3 26.11 -1.78 37.06
N ASP H 4 26.17 -2.45 38.22
CA ASP H 4 25.09 -3.35 38.61
C ASP H 4 23.80 -2.60 38.88
N ARG H 5 23.88 -1.29 39.17
CA ARG H 5 22.67 -0.48 39.24
C ARG H 5 22.12 -0.19 37.85
N GLY H 6 23.00 0.05 36.88
CA GLY H 6 22.57 0.31 35.51
C GLY H 6 21.99 -0.91 34.83
N LEU H 7 22.40 -2.11 35.23
CA LEU H 7 21.75 -3.32 34.73
C LEU H 7 20.29 -3.36 35.13
N ILE H 8 19.97 -2.96 36.37
CA ILE H 8 18.57 -2.89 36.80
C ILE H 8 17.81 -1.86 35.98
N ALA H 9 18.44 -0.72 35.67
CA ALA H 9 17.79 0.29 34.85
C ALA H 9 17.50 -0.24 33.44
N VAL H 10 18.47 -0.95 32.85
CA VAL H 10 18.25 -1.53 31.53
C VAL H 10 17.12 -2.53 31.57
N GLY H 11 17.11 -3.40 32.59
CA GLY H 11 16.05 -4.38 32.69
C GLY H 11 14.68 -3.75 32.84
N MET H 12 14.58 -2.76 33.72
CA MET H 12 13.29 -2.09 33.93
C MET H 12 12.82 -1.38 32.67
N GLY H 13 13.72 -0.68 31.97
CA GLY H 13 13.34 0.02 30.76
C GLY H 13 12.91 -0.95 29.66
N LEU H 14 13.66 -2.03 29.47
CA LEU H 14 13.28 -3.02 28.47
C LEU H 14 11.93 -3.65 28.81
N ALA H 15 11.70 -3.97 30.09
CA ALA H 15 10.41 -4.55 30.47
C ALA H 15 9.27 -3.60 30.20
N VAL H 16 9.44 -2.32 30.57
CA VAL H 16 8.38 -1.34 30.36
C VAL H 16 8.10 -1.16 28.88
N GLY H 17 9.15 -1.04 28.07
CA GLY H 17 8.96 -0.86 26.65
C GLY H 17 8.31 -2.04 25.97
N LEU H 18 8.69 -3.26 26.38
CA LEU H 18 8.09 -4.44 25.77
C LEU H 18 6.63 -4.61 26.20
N ALA H 19 6.32 -4.27 27.45
CA ALA H 19 4.92 -4.26 27.87
C ALA H 19 4.11 -3.23 27.09
N ALA H 20 4.71 -2.06 26.82
CA ALA H 20 4.05 -1.07 25.99
C ALA H 20 3.82 -1.59 24.57
N LEU H 21 4.80 -2.30 24.02
CA LEU H 21 4.63 -2.89 22.69
C LEU H 21 3.50 -3.91 22.68
N GLY H 22 3.44 -4.77 23.71
CA GLY H 22 2.34 -5.72 23.80
C GLY H 22 0.98 -5.04 23.91
N THR H 23 0.91 -3.98 24.71
CA THR H 23 -0.35 -3.25 24.85
C THR H 23 -0.75 -2.59 23.52
N GLY H 24 0.21 -2.00 22.81
CA GLY H 24 -0.09 -1.41 21.52
C GLY H 24 -0.54 -2.44 20.50
N VAL H 25 0.06 -3.63 20.53
CA VAL H 25 -0.37 -4.71 19.65
C VAL H 25 -1.80 -5.11 19.97
N ALA H 26 -2.11 -5.30 21.25
CA ALA H 26 -3.48 -5.63 21.64
C ALA H 26 -4.45 -4.50 21.33
N GLN H 27 -3.93 -3.28 21.20
CA GLN H 27 -4.79 -2.12 20.97
C GLN H 27 -5.03 -1.82 19.50
N ALA H 28 -4.13 -2.23 18.61
CA ALA H 28 -4.27 -1.88 17.19
C ALA H 28 -5.60 -2.38 16.60
N ARG H 29 -5.80 -3.69 16.60
CA ARG H 29 -7.01 -4.25 16.00
C ARG H 29 -8.25 -3.83 16.78
N ILE H 30 -8.15 -3.73 18.10
CA ILE H 30 -9.29 -3.31 18.90
C ILE H 30 -9.72 -1.90 18.52
N GLY H 31 -8.74 -1.00 18.32
CA GLY H 31 -9.05 0.35 17.91
C GLY H 31 -9.62 0.43 16.51
N ALA H 32 -9.10 -0.41 15.60
CA ALA H 32 -9.68 -0.47 14.26
C ALA H 32 -11.15 -0.89 14.32
N ALA H 33 -11.45 -1.95 15.08
CA ALA H 33 -12.82 -2.42 15.21
C ALA H 33 -13.70 -1.38 15.88
N GLY H 34 -13.18 -0.68 16.88
CA GLY H 34 -13.95 0.36 17.52
C GLY H 34 -14.27 1.51 16.59
N VAL H 35 -13.29 1.93 15.78
CA VAL H 35 -13.53 2.99 14.81
C VAL H 35 -14.60 2.55 13.81
N GLY H 36 -14.54 1.29 13.39
CA GLY H 36 -15.58 0.79 12.49
C GLY H 36 -16.96 0.80 13.13
N ALA H 37 -17.05 0.31 14.37
CA ALA H 37 -18.33 0.28 15.07
C ALA H 37 -18.88 1.67 15.27
N ILE H 38 -18.00 2.64 15.54
CA ILE H 38 -18.45 4.02 15.73
C ILE H 38 -18.91 4.62 14.42
N ALA H 39 -18.17 4.40 13.33
CA ALA H 39 -18.62 4.88 12.03
C ALA H 39 -19.90 4.18 11.58
N GLU H 40 -20.22 3.03 12.16
CA GLU H 40 -21.50 2.38 11.89
C GLU H 40 -22.63 3.00 12.72
N ASP H 41 -22.52 2.92 14.04
CA ASP H 41 -23.55 3.43 14.93
C ASP H 41 -22.94 3.66 16.31
N ARG H 42 -23.39 4.74 16.96
CA ARG H 42 -22.90 5.05 18.30
C ARG H 42 -23.33 4.00 19.31
N SER H 43 -24.45 3.32 19.05
CA SER H 43 -24.89 2.25 19.95
C SER H 43 -23.87 1.13 20.02
N ASN H 44 -23.17 0.86 18.92
CA ASN H 44 -22.07 -0.08 18.96
C ASN H 44 -20.88 0.50 19.72
N PHE H 45 -20.74 1.83 19.71
CA PHE H 45 -19.58 2.47 20.33
C PHE H 45 -19.61 2.36 21.86
N GLY H 46 -20.80 2.37 22.45
CA GLY H 46 -20.88 2.29 23.90
C GLY H 46 -20.26 1.02 24.45
N THR H 47 -20.62 -0.13 23.87
CA THR H 47 -20.01 -1.39 24.26
C THR H 47 -18.60 -1.51 23.69
N ALA H 48 -18.34 -0.88 22.55
CA ALA H 48 -17.01 -0.90 21.97
C ALA H 48 -15.98 -0.25 22.88
N LEU H 49 -16.37 0.74 23.65
CA LEU H 49 -15.45 1.35 24.61
C LEU H 49 -15.03 0.35 25.69
N ILE H 50 -16.00 -0.37 26.25
CA ILE H 50 -15.68 -1.38 27.25
C ILE H 50 -14.88 -2.51 26.62
N PHE H 51 -15.06 -2.76 25.32
CA PHE H 51 -14.24 -3.74 24.64
C PHE H 51 -12.82 -3.24 24.42
N LEU H 52 -12.65 -1.94 24.17
CA LEU H 52 -11.35 -1.35 23.89
C LEU H 52 -10.60 -0.95 25.14
N LEU H 53 -11.21 -1.04 26.31
CA LEU H 53 -10.49 -0.75 27.55
C LEU H 53 -9.47 -1.83 27.90
N LEU H 54 -9.47 -2.95 27.19
CA LEU H 54 -8.63 -4.08 27.58
C LEU H 54 -7.12 -3.85 27.52
N PRO H 55 -6.53 -3.31 26.45
CA PRO H 55 -5.08 -3.51 26.23
C PRO H 55 -4.16 -2.96 27.30
N GLU H 56 -4.62 -2.02 28.13
CA GLU H 56 -3.69 -1.32 29.02
C GLU H 56 -3.14 -2.19 30.14
N THR H 57 -3.68 -3.39 30.33
CA THR H 57 -3.25 -4.23 31.45
C THR H 57 -1.77 -4.60 31.36
N LEU H 58 -1.29 -4.93 30.16
CA LEU H 58 0.11 -5.28 29.99
C LEU H 58 1.01 -4.10 30.34
N VAL H 59 0.64 -2.90 29.90
CA VAL H 59 1.43 -1.72 30.20
C VAL H 59 1.45 -1.46 31.70
N ILE H 60 0.29 -1.61 32.36
CA ILE H 60 0.23 -1.38 33.80
C ILE H 60 1.12 -2.38 34.53
N PHE H 61 1.08 -3.64 34.12
CA PHE H 61 1.90 -4.67 34.78
C PHE H 61 3.38 -4.39 34.59
N GLY H 62 3.78 -4.07 33.36
CA GLY H 62 5.18 -3.76 33.12
C GLY H 62 5.65 -2.55 33.90
N LEU H 63 4.83 -1.51 33.97
CA LEU H 63 5.18 -0.32 34.73
C LEU H 63 5.31 -0.65 36.22
N LEU H 64 4.40 -1.45 36.77
CA LEU H 64 4.49 -1.81 38.17
C LEU H 64 5.76 -2.61 38.46
N ILE H 65 6.08 -3.56 37.59
CA ILE H 65 7.29 -4.37 37.80
C ILE H 65 8.53 -3.51 37.71
N ALA H 66 8.58 -2.60 36.73
CA ALA H 66 9.74 -1.72 36.61
C ALA H 66 9.85 -0.80 37.81
N PHE H 67 8.72 -0.32 38.34
CA PHE H 67 8.75 0.54 39.52
C PHE H 67 9.27 -0.23 40.73
N ILE H 68 8.84 -1.48 40.90
CA ILE H 68 9.34 -2.28 42.01
C ILE H 68 10.84 -2.49 41.88
N LEU H 69 11.30 -2.80 40.66
CA LEU H 69 12.72 -3.02 40.44
C LEU H 69 13.53 -1.75 40.72
N ASN H 70 13.04 -0.61 40.24
CA ASN H 70 13.74 0.65 40.46
C ASN H 70 13.77 1.01 41.93
N GLY H 71 12.65 0.83 42.64
CA GLY H 71 12.63 1.11 44.06
C GLY H 71 13.59 0.21 44.84
N ARG H 72 13.68 -1.06 44.43
CA ARG H 72 14.67 -1.94 45.04
C ARG H 72 16.08 -1.45 44.77
N LEU H 73 16.35 -1.01 43.54
CA LEU H 73 17.66 -0.48 43.18
C LEU H 73 17.81 0.96 43.64
N GLY I 1 29.84 -5.04 44.66
CA GLY I 1 28.50 -5.28 44.18
C GLY I 1 28.19 -6.75 43.95
N GLY I 2 27.23 -7.02 43.07
CA GLY I 2 26.84 -8.38 42.76
C GLY I 2 26.43 -8.57 41.31
N LEU I 3 27.03 -9.55 40.64
CA LEU I 3 26.68 -9.87 39.26
C LEU I 3 25.54 -10.86 39.17
N ASP I 4 24.73 -10.97 40.22
CA ASP I 4 23.56 -11.84 40.23
C ASP I 4 22.24 -11.08 40.28
N ARG I 5 22.15 -10.03 41.10
CA ARG I 5 20.89 -9.29 41.21
C ARG I 5 20.53 -8.60 39.89
N GLY I 6 21.51 -7.95 39.25
CA GLY I 6 21.24 -7.28 38.00
C GLY I 6 20.87 -8.25 36.89
N LEU I 7 21.58 -9.38 36.82
CA LEU I 7 21.23 -10.40 35.84
C LEU I 7 19.83 -10.94 36.08
N ILE I 8 19.46 -11.16 37.34
CA ILE I 8 18.13 -11.64 37.67
C ILE I 8 17.08 -10.63 37.23
N ALA I 9 17.32 -9.35 37.50
CA ALA I 9 16.37 -8.32 37.12
C ALA I 9 16.22 -8.23 35.61
N VAL I 10 17.34 -8.29 34.87
CA VAL I 10 17.28 -8.23 33.42
C VAL I 10 16.54 -9.43 32.85
N GLY I 11 16.80 -10.62 33.39
CA GLY I 11 16.08 -11.80 32.94
C GLY I 11 14.59 -11.72 33.22
N MET I 12 14.23 -11.23 34.40
CA MET I 12 12.81 -11.06 34.73
C MET I 12 12.15 -10.06 33.79
N GLY I 13 12.85 -8.95 33.48
CA GLY I 13 12.31 -7.99 32.55
C GLY I 13 12.10 -8.57 31.15
N LEU I 14 13.07 -9.34 30.67
CA LEU I 14 12.92 -9.99 29.37
C LEU I 14 11.74 -10.95 29.37
N ALA I 15 11.61 -11.75 30.43
CA ALA I 15 10.50 -12.70 30.51
C ALA I 15 9.16 -11.98 30.50
N VAL I 16 9.03 -10.93 31.32
CA VAL I 16 7.78 -10.19 31.39
C VAL I 16 7.46 -9.53 30.05
N GLY I 17 8.48 -8.99 29.39
CA GLY I 17 8.24 -8.35 28.11
C GLY I 17 7.78 -9.32 27.04
N LEU I 18 8.43 -10.50 26.96
CA LEU I 18 8.01 -11.49 25.98
C LEU I 18 6.61 -12.01 26.29
N ALA I 19 6.30 -12.21 27.57
CA ALA I 19 4.95 -12.63 27.94
C ALA I 19 3.91 -11.59 27.54
N ALA I 20 4.22 -10.31 27.77
CA ALA I 20 3.30 -9.26 27.38
C ALA I 20 3.12 -9.21 25.86
N LEU I 21 4.21 -9.41 25.12
CA LEU I 21 4.11 -9.42 23.66
C LEU I 21 3.20 -10.56 23.19
N GLY I 22 3.37 -11.75 23.75
CA GLY I 22 2.49 -12.85 23.39
C GLY I 22 1.04 -12.59 23.76
N THR I 23 0.83 -12.03 24.95
CA THR I 23 -0.52 -11.72 25.40
C THR I 23 -1.19 -10.71 24.46
N GLY I 24 -0.45 -9.67 24.07
CA GLY I 24 -1.00 -8.70 23.13
C GLY I 24 -1.25 -9.30 21.76
N VAL I 25 -0.38 -10.21 21.32
CA VAL I 25 -0.57 -10.86 20.03
C VAL I 25 -1.86 -11.63 20.01
N ALA I 26 -2.14 -12.39 21.08
CA ALA I 26 -3.43 -13.08 21.15
C ALA I 26 -4.58 -12.09 21.26
N GLN I 27 -4.42 -11.10 22.15
CA GLN I 27 -5.51 -10.21 22.52
C GLN I 27 -6.01 -9.39 21.35
N ALA I 28 -5.09 -8.88 20.50
CA ALA I 28 -5.51 -8.06 19.37
C ALA I 28 -6.60 -8.76 18.56
N ARG I 29 -6.28 -9.91 17.98
CA ARG I 29 -7.22 -10.60 17.10
C ARG I 29 -8.43 -11.09 17.88
N ILE I 30 -8.21 -11.72 19.04
CA ILE I 30 -9.33 -12.33 19.75
C ILE I 30 -10.32 -11.25 20.18
N GLY I 31 -9.83 -10.18 20.80
CA GLY I 31 -10.71 -9.12 21.25
C GLY I 31 -11.35 -8.37 20.10
N ALA I 32 -10.63 -8.20 18.98
CA ALA I 32 -11.26 -7.56 17.83
C ALA I 32 -12.44 -8.37 17.32
N ALA I 33 -12.27 -9.69 17.18
CA ALA I 33 -13.39 -10.53 16.74
C ALA I 33 -14.53 -10.52 17.75
N GLY I 34 -14.20 -10.61 19.04
CA GLY I 34 -15.24 -10.58 20.06
C GLY I 34 -16.00 -9.28 20.07
N VAL I 35 -15.30 -8.16 19.91
CA VAL I 35 -15.96 -6.86 19.88
C VAL I 35 -16.84 -6.73 18.65
N GLY I 36 -16.38 -7.27 17.51
CA GLY I 36 -17.22 -7.29 16.33
C GLY I 36 -18.51 -8.05 16.56
N ALA I 37 -18.41 -9.25 17.15
CA ALA I 37 -19.60 -10.04 17.42
C ALA I 37 -20.51 -9.35 18.44
N ILE I 38 -19.92 -8.70 19.44
CA ILE I 38 -20.72 -8.02 20.47
C ILE I 38 -21.43 -6.81 19.90
N ALA I 39 -20.78 -6.07 18.99
CA ALA I 39 -21.46 -4.98 18.32
C ALA I 39 -22.54 -5.50 17.39
N GLU I 40 -22.32 -6.67 16.79
CA GLU I 40 -23.37 -7.30 16.00
C GLU I 40 -24.58 -7.64 16.88
N ASP I 41 -24.33 -8.15 18.09
CA ASP I 41 -25.41 -8.50 19.00
C ASP I 41 -24.95 -8.19 20.41
N ARG I 42 -25.66 -7.29 21.09
CA ARG I 42 -25.28 -6.90 22.44
C ARG I 42 -25.27 -8.08 23.41
N SER I 43 -26.04 -9.13 23.09
CA SER I 43 -26.01 -10.34 23.93
C SER I 43 -24.63 -10.99 23.91
N ASN I 44 -23.90 -10.81 22.81
CA ASN I 44 -22.61 -11.47 22.67
C ASN I 44 -21.56 -10.95 23.64
N PHE I 45 -21.83 -9.83 24.31
CA PHE I 45 -20.88 -9.29 25.27
C PHE I 45 -20.65 -10.23 26.45
N GLY I 46 -21.67 -11.03 26.79
CA GLY I 46 -21.52 -11.97 27.89
C GLY I 46 -20.40 -12.96 27.66
N THR I 47 -20.27 -13.45 26.43
CA THR I 47 -19.16 -14.35 26.11
C THR I 47 -17.92 -13.57 25.68
N ALA I 48 -18.11 -12.34 25.19
CA ALA I 48 -16.97 -11.51 24.81
C ALA I 48 -16.11 -11.20 26.02
N LEU I 49 -16.75 -10.91 27.16
CA LEU I 49 -15.99 -10.69 28.40
C LEU I 49 -15.26 -11.95 28.82
N ILE I 50 -15.90 -13.11 28.67
CA ILE I 50 -15.25 -14.37 29.00
C ILE I 50 -14.00 -14.55 28.13
N PHE I 51 -14.11 -14.22 26.84
CA PHE I 51 -12.96 -14.30 25.95
C PHE I 51 -11.86 -13.33 26.39
N LEU I 52 -12.23 -12.08 26.67
CA LEU I 52 -11.25 -11.08 27.06
C LEU I 52 -10.59 -11.40 28.40
N LEU I 53 -11.21 -12.24 29.22
CA LEU I 53 -10.57 -12.66 30.46
C LEU I 53 -9.37 -13.56 30.22
N LEU I 54 -9.20 -14.07 29.00
CA LEU I 54 -8.14 -15.02 28.69
C LEU I 54 -6.76 -14.38 28.49
N PRO I 55 -6.64 -13.26 27.77
CA PRO I 55 -5.30 -12.71 27.50
C PRO I 55 -4.52 -12.30 28.74
N GLU I 56 -5.18 -12.12 29.89
CA GLU I 56 -4.47 -11.62 31.07
C GLU I 56 -3.57 -12.68 31.71
N THR I 57 -3.82 -13.96 31.41
CA THR I 57 -3.08 -15.02 32.10
C THR I 57 -1.58 -14.98 31.79
N LEU I 58 -1.22 -14.66 30.54
CA LEU I 58 0.20 -14.59 30.19
C LEU I 58 0.91 -13.49 30.97
N VAL I 59 0.26 -12.33 31.09
CA VAL I 59 0.84 -11.24 31.87
C VAL I 59 0.92 -11.63 33.34
N ILE I 60 -0.08 -12.36 33.84
CA ILE I 60 -0.03 -12.81 35.24
C ILE I 60 1.17 -13.71 35.46
N PHE I 61 1.40 -14.66 34.55
CA PHE I 61 2.54 -15.56 34.69
C PHE I 61 3.86 -14.81 34.58
N GLY I 62 3.95 -13.87 33.63
CA GLY I 62 5.17 -13.10 33.48
C GLY I 62 5.45 -12.17 34.63
N LEU I 63 4.42 -11.74 35.35
CA LEU I 63 4.64 -10.98 36.58
C LEU I 63 5.04 -11.88 37.73
N LEU I 64 4.43 -13.07 37.83
CA LEU I 64 4.75 -13.98 38.92
C LEU I 64 6.19 -14.47 38.83
N ILE I 65 6.62 -14.86 37.64
CA ILE I 65 8.00 -15.34 37.48
C ILE I 65 8.99 -14.22 37.77
N ALA I 66 8.67 -13.00 37.33
CA ALA I 66 9.54 -11.86 37.61
C ALA I 66 9.65 -11.60 39.10
N PHE I 67 8.52 -11.67 39.81
CA PHE I 67 8.55 -11.46 41.26
C PHE I 67 9.39 -12.55 41.94
N ILE I 68 9.22 -13.80 41.51
CA ILE I 68 9.96 -14.90 42.14
C ILE I 68 11.45 -14.72 41.89
N LEU I 69 11.85 -14.37 40.67
CA LEU I 69 13.26 -14.17 40.38
C LEU I 69 13.83 -12.98 41.14
N ASN I 70 13.05 -11.90 41.24
CA ASN I 70 13.52 -10.72 41.97
C ASN I 70 13.73 -11.05 43.44
N GLY I 71 12.82 -11.83 44.03
CA GLY I 71 13.00 -12.25 45.41
C GLY I 71 14.21 -13.16 45.58
N ARG I 72 14.36 -14.14 44.70
CA ARG I 72 15.46 -15.09 44.81
C ARG I 72 16.80 -14.49 44.44
N LEU I 73 16.84 -13.29 43.88
CA LEU I 73 18.10 -12.62 43.55
C LEU I 73 18.96 -12.42 44.79
N GLY J 1 25.53 -16.90 43.07
CA GLY J 1 25.71 -15.62 42.40
C GLY J 1 26.73 -15.67 41.28
N GLY J 2 27.56 -14.64 41.20
CA GLY J 2 28.59 -14.58 40.17
C GLY J 2 27.99 -14.65 38.78
N LEU J 3 28.53 -15.54 37.96
CA LEU J 3 28.06 -15.71 36.59
C LEU J 3 27.07 -16.85 36.46
N ASP J 4 27.33 -17.99 37.10
CA ASP J 4 26.48 -19.16 36.92
C ASP J 4 25.05 -18.90 37.37
N ARG J 5 24.87 -18.41 38.60
CA ARG J 5 23.51 -18.23 39.12
C ARG J 5 22.74 -17.19 38.33
N GLY J 6 23.35 -16.04 38.06
CA GLY J 6 22.66 -14.99 37.33
C GLY J 6 22.32 -15.40 35.90
N LEU J 7 23.26 -16.06 35.23
CA LEU J 7 23.00 -16.51 33.87
C LEU J 7 21.94 -17.59 33.84
N ILE J 8 21.91 -18.46 34.86
CA ILE J 8 20.85 -19.47 34.94
C ILE J 8 19.50 -18.81 35.14
N ALA J 9 19.42 -17.78 35.99
CA ALA J 9 18.17 -17.05 36.17
C ALA J 9 17.72 -16.35 34.89
N VAL J 10 18.66 -15.73 34.18
CA VAL J 10 18.32 -15.07 32.93
C VAL J 10 17.88 -16.09 31.87
N GLY J 11 18.50 -17.26 31.85
CA GLY J 11 18.05 -18.30 30.93
C GLY J 11 16.67 -18.82 31.25
N MET J 12 16.37 -18.95 32.56
CA MET J 12 15.01 -19.32 32.95
C MET J 12 14.01 -18.27 32.50
N GLY J 13 14.37 -16.99 32.65
CA GLY J 13 13.50 -15.93 32.17
C GLY J 13 13.28 -15.99 30.68
N LEU J 14 14.35 -16.23 29.92
CA LEU J 14 14.21 -16.31 28.46
C LEU J 14 13.33 -17.49 28.06
N ALA J 15 13.51 -18.64 28.73
CA ALA J 15 12.65 -19.79 28.47
C ALA J 15 11.20 -19.44 28.73
N VAL J 16 10.91 -18.83 29.87
CA VAL J 16 9.54 -18.47 30.22
C VAL J 16 8.95 -17.52 29.19
N GLY J 17 9.74 -16.51 28.79
CA GLY J 17 9.23 -15.53 27.85
C GLY J 17 8.95 -16.11 26.48
N LEU J 18 9.87 -16.92 25.97
CA LEU J 18 9.65 -17.53 24.66
C LEU J 18 8.46 -18.49 24.70
N ALA J 19 8.32 -19.25 25.79
CA ALA J 19 7.17 -20.14 25.91
C ALA J 19 5.86 -19.36 25.96
N ALA J 20 5.86 -18.23 26.68
CA ALA J 20 4.67 -17.39 26.72
C ALA J 20 4.34 -16.80 25.35
N LEU J 21 5.36 -16.40 24.59
CA LEU J 21 5.12 -15.91 23.24
C LEU J 21 4.53 -17.01 22.37
N GLY J 22 5.03 -18.24 22.48
CA GLY J 22 4.46 -19.34 21.74
C GLY J 22 3.01 -19.62 22.13
N THR J 23 2.72 -19.56 23.43
CA THR J 23 1.36 -19.78 23.90
C THR J 23 0.42 -18.71 23.36
N GLY J 24 0.84 -17.45 23.41
CA GLY J 24 0.01 -16.38 22.87
C GLY J 24 -0.19 -16.50 21.37
N VAL J 25 0.86 -16.90 20.65
CA VAL J 25 0.73 -17.09 19.20
C VAL J 25 -0.28 -18.18 18.90
N ALA J 26 -0.21 -19.29 19.64
CA ALA J 26 -1.19 -20.35 19.45
C ALA J 26 -2.60 -19.87 19.77
N GLN J 27 -2.74 -19.09 20.85
CA GLN J 27 -4.06 -18.62 21.24
C GLN J 27 -4.67 -17.67 20.22
N ALA J 28 -3.84 -16.83 19.59
CA ALA J 28 -4.35 -15.72 18.78
C ALA J 28 -5.33 -16.15 17.70
N ARG J 29 -4.85 -16.93 16.73
CA ARG J 29 -5.65 -17.24 15.55
C ARG J 29 -6.90 -18.03 15.93
N ILE J 30 -6.74 -19.05 16.77
CA ILE J 30 -7.87 -19.93 17.09
C ILE J 30 -8.91 -19.17 17.91
N GLY J 31 -8.48 -18.43 18.93
CA GLY J 31 -9.43 -17.70 19.76
C GLY J 31 -10.13 -16.60 18.98
N ALA J 32 -9.44 -15.97 18.04
CA ALA J 32 -10.09 -14.97 17.21
C ALA J 32 -11.10 -15.60 16.26
N ALA J 33 -10.70 -16.68 15.59
CA ALA J 33 -11.57 -17.31 14.59
C ALA J 33 -12.81 -17.91 15.22
N GLY J 34 -12.69 -18.55 16.38
CA GLY J 34 -13.83 -19.20 16.99
C GLY J 34 -14.92 -18.24 17.45
N VAL J 35 -14.60 -16.95 17.54
CA VAL J 35 -15.55 -15.97 18.07
C VAL J 35 -16.79 -15.87 17.19
N GLY J 36 -16.58 -15.69 15.88
CA GLY J 36 -17.71 -15.54 14.99
C GLY J 36 -18.55 -16.80 14.87
N ALA J 37 -17.89 -17.96 14.85
CA ALA J 37 -18.63 -19.21 14.83
C ALA J 37 -19.44 -19.40 16.11
N ILE J 38 -18.89 -18.98 17.25
CA ILE J 38 -19.66 -19.04 18.49
C ILE J 38 -20.83 -18.07 18.44
N ALA J 39 -20.64 -16.92 17.81
CA ALA J 39 -21.73 -15.96 17.67
C ALA J 39 -22.86 -16.56 16.85
N GLU J 40 -22.53 -17.14 15.69
CA GLU J 40 -23.52 -17.85 14.89
C GLU J 40 -24.01 -19.13 15.56
N ASP J 41 -23.33 -19.56 16.62
CA ASP J 41 -23.63 -20.83 17.29
C ASP J 41 -23.67 -20.62 18.80
N ARG J 42 -24.45 -19.63 19.27
CA ARG J 42 -24.39 -19.18 20.66
C ARG J 42 -24.48 -20.31 21.68
N SER J 43 -24.88 -21.51 21.26
CA SER J 43 -24.95 -22.65 22.16
C SER J 43 -23.79 -23.64 21.99
N ASN J 44 -22.73 -23.26 21.28
CA ASN J 44 -21.59 -24.13 21.05
C ASN J 44 -20.45 -23.92 22.05
N PHE J 45 -20.77 -23.55 23.29
CA PHE J 45 -19.72 -23.28 24.28
C PHE J 45 -18.87 -24.51 24.55
N GLY J 46 -19.45 -25.71 24.43
CA GLY J 46 -18.65 -26.91 24.63
C GLY J 46 -17.54 -27.04 23.60
N THR J 47 -17.89 -26.88 22.33
CA THR J 47 -16.87 -26.91 21.28
C THR J 47 -15.96 -25.69 21.33
N ALA J 48 -16.41 -24.60 21.95
CA ALA J 48 -15.53 -23.46 22.17
C ALA J 48 -14.45 -23.79 23.20
N LEU J 49 -14.86 -24.38 24.33
CA LEU J 49 -13.89 -24.77 25.35
C LEU J 49 -12.99 -25.89 24.86
N ILE J 50 -13.51 -26.76 23.99
CA ILE J 50 -12.75 -27.87 23.44
C ILE J 50 -11.50 -27.36 22.75
N PHE J 51 -11.53 -26.13 22.27
CA PHE J 51 -10.36 -25.48 21.67
C PHE J 51 -9.67 -24.53 22.63
N LEU J 52 -10.44 -23.84 23.48
CA LEU J 52 -9.85 -22.85 24.38
C LEU J 52 -8.99 -23.49 25.45
N LEU J 53 -9.20 -24.78 25.75
CA LEU J 53 -8.38 -25.44 26.77
C LEU J 53 -6.99 -25.78 26.27
N LEU J 54 -6.78 -25.79 24.95
CA LEU J 54 -5.53 -26.22 24.34
C LEU J 54 -4.30 -25.39 24.73
N PRO J 55 -4.35 -24.05 24.68
CA PRO J 55 -3.11 -23.28 24.85
C PRO J 55 -2.44 -23.42 26.20
N GLU J 56 -3.13 -23.92 27.23
CA GLU J 56 -2.55 -24.00 28.56
C GLU J 56 -1.38 -24.96 28.65
N THR J 57 -1.19 -25.82 27.64
CA THR J 57 -0.13 -26.82 27.68
C THR J 57 1.24 -26.16 27.76
N LEU J 58 1.47 -25.11 26.97
CA LEU J 58 2.76 -24.42 27.03
C LEU J 58 2.94 -23.65 28.33
N VAL J 59 1.87 -23.04 28.84
CA VAL J 59 1.98 -22.26 30.08
C VAL J 59 2.35 -23.15 31.25
N ILE J 60 1.70 -24.32 31.34
CA ILE J 60 1.98 -25.24 32.44
C ILE J 60 3.44 -25.68 32.39
N PHE J 61 3.92 -26.05 31.20
CA PHE J 61 5.31 -26.50 31.06
C PHE J 61 6.29 -25.38 31.39
N GLY J 62 5.97 -24.15 30.95
CA GLY J 62 6.84 -23.03 31.27
C GLY J 62 6.92 -22.77 32.76
N LEU J 63 5.77 -22.82 33.44
CA LEU J 63 5.77 -22.64 34.89
C LEU J 63 6.57 -23.72 35.59
N LEU J 64 6.41 -24.98 35.16
CA LEU J 64 7.16 -26.07 35.78
C LEU J 64 8.66 -25.90 35.55
N ILE J 65 9.05 -25.51 34.33
CA ILE J 65 10.47 -25.34 34.03
C ILE J 65 11.04 -24.17 34.83
N ALA J 66 10.27 -23.10 34.99
CA ALA J 66 10.72 -21.98 35.81
C ALA J 66 10.91 -22.40 37.26
N PHE J 67 9.97 -23.20 37.80
CA PHE J 67 10.13 -23.68 39.17
C PHE J 67 11.36 -24.57 39.30
N ILE J 68 11.60 -25.43 38.31
CA ILE J 68 12.78 -26.30 38.36
C ILE J 68 14.05 -25.47 38.33
N LEU J 69 14.10 -24.45 37.47
CA LEU J 69 15.28 -23.58 37.41
C LEU J 69 15.47 -22.83 38.72
N ASN J 70 14.38 -22.36 39.33
CA ASN J 70 14.50 -21.67 40.62
C ASN J 70 15.05 -22.61 41.68
N GLY J 71 14.58 -23.87 41.69
CA GLY J 71 15.12 -24.84 42.62
C GLY J 71 16.60 -25.11 42.39
N ARG J 72 17.00 -25.22 41.12
CA ARG J 72 18.41 -25.44 40.80
C ARG J 72 19.28 -24.23 41.09
N LEU J 73 18.68 -23.04 41.20
CA LEU J 73 19.44 -21.83 41.50
C LEU J 73 19.61 -21.64 43.00
N GLY K 1 29.36 -22.14 40.56
CA GLY K 1 30.65 -22.07 39.90
C GLY K 1 30.84 -20.78 39.13
N GLY K 2 31.21 -20.89 37.85
CA GLY K 2 31.37 -19.73 37.02
C GLY K 2 31.41 -20.00 35.52
N LEU K 3 30.57 -19.29 34.78
CA LEU K 3 30.63 -19.23 33.31
C LEU K 3 30.44 -20.60 32.66
N ASP K 4 29.84 -21.56 33.36
CA ASP K 4 29.41 -22.77 32.66
C ASP K 4 27.96 -23.12 32.97
N ARG K 5 27.56 -22.98 34.24
CA ARG K 5 26.26 -23.48 34.67
C ARG K 5 25.13 -22.63 34.11
N GLY K 6 25.22 -21.31 34.31
CA GLY K 6 24.17 -20.43 33.82
C GLY K 6 24.10 -20.39 32.31
N LEU K 7 25.25 -20.43 31.65
CA LEU K 7 25.24 -20.47 30.19
C LEU K 7 24.61 -21.75 29.67
N ILE K 8 24.89 -22.88 30.32
CA ILE K 8 24.22 -24.13 29.92
C ILE K 8 22.72 -24.01 30.14
N ALA K 9 22.31 -23.43 31.28
CA ALA K 9 20.89 -23.28 31.58
C ALA K 9 20.19 -22.40 30.55
N VAL K 10 20.83 -21.30 30.15
CA VAL K 10 20.25 -20.42 29.15
C VAL K 10 20.18 -21.11 27.80
N GLY K 11 21.23 -21.83 27.42
CA GLY K 11 21.20 -22.57 26.19
C GLY K 11 20.07 -23.58 26.13
N MET K 12 19.77 -24.21 27.26
CA MET K 12 18.62 -25.12 27.30
C MET K 12 17.30 -24.36 27.22
N GLY K 13 17.17 -23.32 28.03
CA GLY K 13 15.88 -22.65 28.17
C GLY K 13 15.45 -21.93 26.91
N LEU K 14 16.38 -21.22 26.26
CA LEU K 14 16.03 -20.51 25.03
C LEU K 14 15.59 -21.47 23.94
N ALA K 15 16.30 -22.59 23.81
CA ALA K 15 15.91 -23.59 22.82
C ALA K 15 14.53 -24.16 23.12
N VAL K 16 14.25 -24.46 24.40
CA VAL K 16 12.95 -25.00 24.75
C VAL K 16 11.84 -24.00 24.45
N GLY K 17 12.07 -22.73 24.81
CA GLY K 17 11.06 -21.71 24.56
C GLY K 17 10.79 -21.50 23.08
N LEU K 18 11.84 -21.52 22.26
CA LEU K 18 11.63 -21.33 20.83
C LEU K 18 10.94 -22.54 20.20
N ALA K 19 11.22 -23.75 20.69
CA ALA K 19 10.45 -24.91 20.23
C ALA K 19 8.99 -24.75 20.58
N ALA K 20 8.70 -24.26 21.79
CA ALA K 20 7.32 -23.97 22.16
C ALA K 20 6.71 -22.92 21.24
N LEU K 21 7.49 -21.92 20.85
CA LEU K 21 6.98 -20.88 19.95
C LEU K 21 6.60 -21.48 18.60
N GLY K 22 7.46 -22.33 18.04
CA GLY K 22 7.13 -22.97 16.78
C GLY K 22 5.89 -23.85 16.88
N THR K 23 5.78 -24.61 17.97
CA THR K 23 4.60 -25.44 18.17
C THR K 23 3.34 -24.60 18.25
N GLY K 24 3.39 -23.49 18.99
CA GLY K 24 2.25 -22.60 19.07
C GLY K 24 1.89 -22.00 17.72
N VAL K 25 2.92 -21.63 16.94
CA VAL K 25 2.67 -21.06 15.62
C VAL K 25 1.89 -22.04 14.75
N ALA K 26 2.32 -23.30 14.72
CA ALA K 26 1.60 -24.30 13.93
C ALA K 26 0.19 -24.50 14.47
N GLN K 27 0.07 -24.69 15.79
CA GLN K 27 -1.20 -25.00 16.40
C GLN K 27 -2.23 -23.89 16.19
N ALA K 28 -1.78 -22.63 16.14
CA ALA K 28 -2.70 -21.54 15.93
C ALA K 28 -3.56 -21.75 14.70
N ARG K 29 -2.92 -21.83 13.52
CA ARG K 29 -3.68 -21.99 12.29
C ARG K 29 -4.39 -23.33 12.23
N ILE K 30 -3.70 -24.41 12.62
CA ILE K 30 -4.32 -25.72 12.47
C ILE K 30 -5.58 -25.82 13.32
N GLY K 31 -5.48 -25.49 14.61
CA GLY K 31 -6.64 -25.53 15.48
C GLY K 31 -7.67 -24.48 15.16
N ALA K 32 -7.27 -23.36 14.57
CA ALA K 32 -8.25 -22.36 14.18
C ALA K 32 -9.16 -22.90 13.08
N ALA K 33 -8.56 -23.45 12.02
CA ALA K 33 -9.37 -24.03 10.95
C ALA K 33 -10.21 -25.20 11.47
N GLY K 34 -9.60 -26.06 12.31
CA GLY K 34 -10.34 -27.19 12.83
C GLY K 34 -11.51 -26.77 13.71
N VAL K 35 -11.32 -25.77 14.56
CA VAL K 35 -12.40 -25.32 15.44
C VAL K 35 -13.50 -24.65 14.64
N GLY K 36 -13.13 -23.91 13.59
CA GLY K 36 -14.15 -23.39 12.71
C GLY K 36 -15.00 -24.48 12.09
N ALA K 37 -14.35 -25.54 11.59
CA ALA K 37 -15.11 -26.64 11.00
C ALA K 37 -15.97 -27.34 12.04
N ILE K 38 -15.43 -27.54 13.25
CA ILE K 38 -16.18 -28.25 14.29
C ILE K 38 -17.40 -27.45 14.70
N ALA K 39 -17.24 -26.13 14.88
CA ALA K 39 -18.38 -25.29 15.21
C ALA K 39 -19.40 -25.29 14.09
N GLU K 40 -18.93 -25.30 12.84
CA GLU K 40 -19.87 -25.39 11.73
C GLU K 40 -20.66 -26.69 11.77
N ASP K 41 -19.98 -27.81 12.04
CA ASP K 41 -20.64 -29.10 12.10
C ASP K 41 -19.73 -30.08 12.83
N ARG K 42 -20.33 -31.12 13.40
CA ARG K 42 -19.60 -32.16 14.13
C ARG K 42 -19.34 -33.40 13.29
N SER K 43 -19.13 -33.24 11.98
CA SER K 43 -18.97 -34.40 11.10
C SER K 43 -17.58 -35.01 11.25
N ASN K 44 -16.54 -34.25 10.94
CA ASN K 44 -15.17 -34.73 11.00
C ASN K 44 -14.45 -34.34 12.28
N PHE K 45 -15.17 -34.28 13.41
CA PHE K 45 -14.58 -33.82 14.66
C PHE K 45 -13.38 -34.65 15.08
N GLY K 46 -13.43 -35.97 14.86
CA GLY K 46 -12.31 -36.81 15.19
C GLY K 46 -11.08 -36.49 14.39
N THR K 47 -11.25 -36.33 13.07
CA THR K 47 -10.14 -35.97 12.22
C THR K 47 -9.57 -34.61 12.60
N ALA K 48 -10.45 -33.66 12.92
CA ALA K 48 -9.99 -32.34 13.34
C ALA K 48 -9.18 -32.42 14.62
N LEU K 49 -9.67 -33.18 15.60
CA LEU K 49 -8.93 -33.32 16.86
C LEU K 49 -7.59 -33.99 16.64
N ILE K 50 -7.53 -34.98 15.74
CA ILE K 50 -6.26 -35.64 15.44
C ILE K 50 -5.29 -34.64 14.82
N PHE K 51 -5.75 -33.92 13.79
CA PHE K 51 -4.88 -32.96 13.13
C PHE K 51 -4.49 -31.81 14.05
N LEU K 52 -5.28 -31.55 15.10
CA LEU K 52 -4.96 -30.48 16.05
C LEU K 52 -4.01 -30.94 17.15
N LEU K 53 -4.09 -32.20 17.56
CA LEU K 53 -3.17 -32.73 18.56
C LEU K 53 -1.83 -33.13 17.95
N LEU K 54 -1.80 -33.40 16.64
CA LEU K 54 -0.57 -33.78 15.94
C LEU K 54 0.57 -32.78 16.11
N PRO K 55 0.33 -31.46 16.06
CA PRO K 55 1.47 -30.53 16.12
C PRO K 55 2.11 -30.40 17.50
N GLU K 56 1.79 -31.28 18.45
CA GLU K 56 2.36 -31.16 19.79
C GLU K 56 3.75 -31.77 19.91
N THR K 57 4.34 -32.26 18.81
CA THR K 57 5.59 -33.02 18.91
C THR K 57 6.79 -32.12 19.17
N LEU K 58 6.82 -30.93 18.57
CA LEU K 58 8.00 -30.08 18.65
C LEU K 58 8.26 -29.59 20.07
N VAL K 59 7.21 -29.26 20.82
CA VAL K 59 7.39 -28.85 22.20
C VAL K 59 8.02 -29.97 23.01
N ILE K 60 7.56 -31.20 22.80
CA ILE K 60 8.13 -32.34 23.52
C ILE K 60 9.59 -32.54 23.15
N PHE K 61 9.91 -32.44 21.86
CA PHE K 61 11.29 -32.61 21.42
C PHE K 61 12.20 -31.55 22.03
N GLY K 62 11.74 -30.30 22.04
CA GLY K 62 12.55 -29.24 22.63
C GLY K 62 12.71 -29.41 24.13
N LEU K 63 11.65 -29.83 24.81
CA LEU K 63 11.75 -30.08 26.25
C LEU K 63 12.71 -31.22 26.54
N LEU K 64 12.72 -32.26 25.70
CA LEU K 64 13.66 -33.36 25.88
C LEU K 64 15.10 -32.90 25.67
N ILE K 65 15.33 -32.11 24.63
CA ILE K 65 16.68 -31.57 24.41
C ILE K 65 17.10 -30.70 25.58
N ALA K 66 16.17 -29.92 26.13
CA ALA K 66 16.48 -29.09 27.28
C ALA K 66 16.82 -29.94 28.50
N PHE K 67 16.09 -31.03 28.71
CA PHE K 67 16.40 -31.92 29.83
C PHE K 67 17.77 -32.57 29.67
N ILE K 68 18.11 -32.95 28.44
CA ILE K 68 19.44 -33.50 28.19
C ILE K 68 20.51 -32.46 28.48
N LEU K 69 20.27 -31.22 28.07
CA LEU K 69 21.23 -30.15 28.37
C LEU K 69 21.36 -29.93 29.88
N ASN K 70 20.23 -29.97 30.60
CA ASN K 70 20.27 -29.80 32.04
C ASN K 70 21.05 -30.94 32.70
N GLY K 71 20.91 -32.16 32.19
CA GLY K 71 21.72 -33.25 32.69
C GLY K 71 23.19 -33.05 32.41
N ARG K 72 23.53 -32.60 31.20
CA ARG K 72 24.91 -32.31 30.85
C ARG K 72 25.48 -31.12 31.60
N LEU K 73 24.63 -30.32 32.25
CA LEU K 73 25.11 -29.19 33.04
C LEU K 73 25.79 -29.67 34.32
N GLY L 1 34.32 -26.62 29.62
CA GLY L 1 35.44 -26.02 30.33
C GLY L 1 35.08 -24.63 30.86
N GLY L 2 35.82 -23.63 30.49
CA GLY L 2 35.54 -22.26 30.91
C GLY L 2 34.53 -21.57 30.02
N LEU L 3 35.03 -20.66 29.18
CA LEU L 3 34.16 -19.95 28.24
C LEU L 3 33.47 -20.92 27.31
N ASP L 4 34.22 -21.86 26.74
CA ASP L 4 33.65 -22.82 25.80
C ASP L 4 32.55 -23.63 26.46
N ARG L 5 32.74 -24.02 27.73
CA ARG L 5 31.85 -24.96 28.40
C ARG L 5 30.42 -24.47 28.51
N GLY L 6 30.16 -23.17 28.33
CA GLY L 6 28.80 -22.69 28.28
C GLY L 6 28.49 -21.98 26.98
N LEU L 7 29.53 -21.45 26.33
CA LEU L 7 29.34 -20.80 25.04
C LEU L 7 28.88 -21.81 23.99
N ILE L 8 29.44 -23.01 24.00
CA ILE L 8 28.97 -24.04 23.07
C ILE L 8 27.54 -24.44 23.39
N ALA L 9 27.18 -24.51 24.68
CA ALA L 9 25.81 -24.83 25.05
C ALA L 9 24.84 -23.79 24.53
N VAL L 10 25.20 -22.52 24.66
CA VAL L 10 24.35 -21.45 24.13
C VAL L 10 24.30 -21.52 22.61
N GLY L 11 25.41 -21.85 21.97
CA GLY L 11 25.42 -21.96 20.53
C GLY L 11 24.52 -23.07 20.03
N MET L 12 24.43 -24.16 20.77
CA MET L 12 23.52 -25.24 20.38
C MET L 12 22.07 -24.88 20.69
N GLY L 13 21.84 -24.21 21.83
CA GLY L 13 20.49 -23.80 22.16
C GLY L 13 19.92 -22.82 21.15
N LEU L 14 20.73 -21.85 20.72
CA LEU L 14 20.31 -20.93 19.67
C LEU L 14 20.13 -21.66 18.35
N ALA L 15 20.95 -22.67 18.08
CA ALA L 15 20.74 -23.51 16.91
C ALA L 15 19.34 -24.08 16.89
N VAL L 16 18.96 -24.73 18.00
CA VAL L 16 17.65 -25.37 18.08
C VAL L 16 16.55 -24.31 18.02
N GLY L 17 16.76 -23.18 18.70
CA GLY L 17 15.75 -22.15 18.74
C GLY L 17 15.46 -21.54 17.39
N LEU L 18 16.50 -21.25 16.62
CA LEU L 18 16.27 -20.73 15.27
C LEU L 18 15.80 -21.83 14.32
N ALA L 19 16.13 -23.09 14.60
CA ALA L 19 15.65 -24.17 13.75
C ALA L 19 14.14 -24.36 13.90
N ALA L 20 13.63 -24.34 15.13
CA ALA L 20 12.22 -24.62 15.36
C ALA L 20 11.29 -23.62 14.65
N LEU L 21 11.80 -22.44 14.30
CA LEU L 21 11.00 -21.49 13.54
C LEU L 21 10.62 -22.04 12.18
N GLY L 22 11.46 -22.92 11.61
CA GLY L 22 11.10 -23.53 10.34
C GLY L 22 9.81 -24.33 10.43
N THR L 23 9.70 -25.17 11.46
CA THR L 23 8.46 -25.90 11.68
C THR L 23 7.32 -24.95 12.02
N GLY L 24 7.58 -23.99 12.91
CA GLY L 24 6.54 -23.04 13.27
C GLY L 24 5.97 -22.30 12.07
N VAL L 25 6.80 -22.09 11.05
CA VAL L 25 6.35 -21.47 9.81
C VAL L 25 5.57 -22.48 8.98
N ALA L 26 6.22 -23.58 8.59
CA ALA L 26 5.64 -24.50 7.62
C ALA L 26 4.33 -25.09 8.12
N GLN L 27 4.35 -25.65 9.33
CA GLN L 27 3.23 -26.44 9.82
C GLN L 27 1.96 -25.63 10.02
N ALA L 28 2.05 -24.35 10.36
CA ALA L 28 0.84 -23.55 10.49
C ALA L 28 0.05 -23.52 9.19
N ARG L 29 0.71 -23.13 8.09
CA ARG L 29 0.03 -23.07 6.81
C ARG L 29 -0.41 -24.45 6.36
N ILE L 30 0.45 -25.45 6.50
CA ILE L 30 0.11 -26.79 6.02
C ILE L 30 -1.10 -27.33 6.77
N GLY L 31 -1.11 -27.18 8.10
CA GLY L 31 -2.23 -27.66 8.90
C GLY L 31 -3.50 -26.90 8.64
N ALA L 32 -3.40 -25.58 8.44
CA ALA L 32 -4.59 -24.81 8.11
C ALA L 32 -5.21 -25.29 6.80
N ALA L 33 -4.39 -25.46 5.78
CA ALA L 33 -4.91 -25.93 4.49
C ALA L 33 -5.48 -27.35 4.59
N GLY L 34 -4.80 -28.22 5.33
CA GLY L 34 -5.31 -29.57 5.49
C GLY L 34 -6.64 -29.61 6.22
N VAL L 35 -6.78 -28.83 7.29
CA VAL L 35 -8.03 -28.80 8.03
C VAL L 35 -9.14 -28.23 7.15
N GLY L 36 -8.80 -27.23 6.33
CA GLY L 36 -9.79 -26.63 5.45
C GLY L 36 -10.26 -27.57 4.36
N ALA L 37 -9.36 -28.37 3.78
CA ALA L 37 -9.73 -29.23 2.67
C ALA L 37 -10.00 -30.67 3.06
N ILE L 38 -9.93 -31.00 4.35
CA ILE L 38 -10.08 -32.40 4.76
C ILE L 38 -11.51 -32.89 4.54
N ALA L 39 -12.50 -32.10 4.95
CA ALA L 39 -13.88 -32.56 4.86
C ALA L 39 -14.30 -32.79 3.42
N GLU L 40 -13.74 -32.02 2.48
CA GLU L 40 -14.06 -32.18 1.07
C GLU L 40 -13.01 -32.99 0.31
N ASP L 41 -11.95 -33.45 0.98
CA ASP L 41 -10.83 -34.11 0.33
C ASP L 41 -10.49 -35.39 1.08
N ARG L 42 -11.51 -36.20 1.39
CA ARG L 42 -11.26 -37.52 1.95
C ARG L 42 -10.43 -38.36 1.00
N SER L 43 -10.46 -38.02 -0.30
CA SER L 43 -9.56 -38.64 -1.27
C SER L 43 -8.11 -38.27 -1.04
N ASN L 44 -7.83 -37.30 -0.17
CA ASN L 44 -6.45 -36.92 0.11
C ASN L 44 -6.20 -36.75 1.60
N PHE L 45 -7.08 -37.28 2.45
CA PHE L 45 -6.89 -37.15 3.89
C PHE L 45 -5.56 -37.77 4.31
N GLY L 46 -5.27 -38.97 3.85
CA GLY L 46 -3.95 -39.53 4.05
C GLY L 46 -2.87 -38.71 3.38
N THR L 47 -3.13 -38.24 2.17
CA THR L 47 -2.18 -37.37 1.48
C THR L 47 -2.00 -36.06 2.23
N ALA L 48 -3.08 -35.51 2.77
CA ALA L 48 -2.97 -34.28 3.57
C ALA L 48 -2.13 -34.50 4.81
N LEU L 49 -2.34 -35.63 5.49
CA LEU L 49 -1.53 -35.92 6.67
C LEU L 49 -0.07 -36.14 6.30
N ILE L 50 0.19 -36.76 5.16
CA ILE L 50 1.57 -36.95 4.72
C ILE L 50 2.23 -35.60 4.46
N PHE L 51 1.52 -34.73 3.75
CA PHE L 51 2.07 -33.40 3.47
C PHE L 51 2.28 -32.62 4.76
N LEU L 52 1.39 -32.78 5.74
CA LEU L 52 1.53 -32.13 7.02
C LEU L 52 2.74 -32.65 7.80
N LEU L 53 3.02 -33.95 7.71
CA LEU L 53 4.17 -34.51 8.41
C LEU L 53 5.48 -34.33 7.65
N LEU L 54 5.40 -33.87 6.41
CA LEU L 54 6.59 -33.64 5.58
C LEU L 54 7.66 -32.74 6.20
N PRO L 55 7.31 -31.61 6.82
CA PRO L 55 8.36 -30.66 7.25
C PRO L 55 9.12 -31.05 8.51
N GLU L 56 9.03 -32.30 8.96
CA GLU L 56 9.77 -32.71 10.15
C GLU L 56 11.27 -32.82 9.89
N THR L 57 11.71 -32.76 8.63
CA THR L 57 13.11 -32.94 8.31
C THR L 57 13.99 -31.87 8.96
N LEU L 58 13.51 -30.62 8.96
CA LEU L 58 14.28 -29.54 9.58
C LEU L 58 14.42 -29.74 11.08
N VAL L 59 13.33 -30.14 11.75
CA VAL L 59 13.41 -30.40 13.18
C VAL L 59 14.37 -31.54 13.46
N ILE L 60 14.37 -32.56 12.60
CA ILE L 60 15.30 -33.67 12.78
C ILE L 60 16.73 -33.19 12.61
N PHE L 61 16.99 -32.36 11.61
CA PHE L 61 18.34 -31.84 11.40
C PHE L 61 18.79 -31.00 12.58
N GLY L 62 17.87 -30.21 13.15
CA GLY L 62 18.21 -29.43 14.32
C GLY L 62 18.53 -30.28 15.53
N LEU L 63 17.75 -31.34 15.75
CA LEU L 63 18.06 -32.27 16.83
C LEU L 63 19.41 -32.93 16.60
N LEU L 64 19.72 -33.23 15.33
CA LEU L 64 21.03 -33.81 15.00
C LEU L 64 22.16 -32.85 15.34
N ILE L 65 21.99 -31.57 15.01
CA ILE L 65 23.02 -30.58 15.33
C ILE L 65 23.17 -30.46 16.85
N ALA L 66 22.06 -30.50 17.57
CA ALA L 66 22.12 -30.45 19.02
C ALA L 66 22.88 -31.63 19.59
N PHE L 67 22.62 -32.83 19.06
CA PHE L 67 23.33 -34.02 19.52
C PHE L 67 24.81 -33.94 19.19
N ILE L 68 25.15 -33.42 18.01
CA ILE L 68 26.55 -33.27 17.63
C ILE L 68 27.26 -32.32 18.57
N LEU L 69 26.61 -31.20 18.91
CA LEU L 69 27.20 -30.27 19.86
C LEU L 69 27.34 -30.90 21.24
N ASN L 70 26.33 -31.65 21.68
CA ASN L 70 26.41 -32.32 22.98
C ASN L 70 27.57 -33.30 23.01
N GLY L 71 27.79 -34.02 21.91
CA GLY L 71 28.94 -34.90 21.83
C GLY L 71 30.26 -34.14 21.84
N ARG L 72 30.30 -33.00 21.15
CA ARG L 72 31.47 -32.15 21.18
C ARG L 72 31.72 -31.53 22.56
N LEU L 73 30.72 -31.54 23.44
CA LEU L 73 30.91 -31.03 24.79
C LEU L 73 30.09 -31.82 25.81
N GLY M 1 41.55 -20.30 24.19
CA GLY M 1 41.15 -21.67 24.48
C GLY M 1 39.66 -21.87 24.47
N GLY M 2 38.98 -21.35 25.50
CA GLY M 2 37.53 -21.46 25.56
C GLY M 2 36.83 -20.57 24.57
N LEU M 3 37.49 -19.48 24.15
CA LEU M 3 36.87 -18.58 23.18
C LEU M 3 36.69 -19.26 21.82
N ASP M 4 37.72 -19.95 21.34
CA ASP M 4 37.67 -20.54 20.01
C ASP M 4 36.51 -21.54 19.91
N ARG M 5 36.42 -22.46 20.86
CA ARG M 5 35.41 -23.52 20.78
C ARG M 5 34.00 -22.94 20.85
N GLY M 6 33.75 -22.05 21.81
CA GLY M 6 32.42 -21.48 21.94
C GLY M 6 32.03 -20.63 20.74
N LEU M 7 32.97 -19.83 20.25
CA LEU M 7 32.68 -19.00 19.08
C LEU M 7 32.37 -19.85 17.86
N ILE M 8 33.14 -20.90 17.63
CA ILE M 8 32.87 -21.79 16.50
C ILE M 8 31.52 -22.46 16.67
N ALA M 9 31.23 -22.96 17.87
CA ALA M 9 29.97 -23.65 18.12
C ALA M 9 28.78 -22.73 17.85
N VAL M 10 28.83 -21.50 18.36
CA VAL M 10 27.72 -20.57 18.15
C VAL M 10 27.61 -20.20 16.68
N GLY M 11 28.74 -19.84 16.05
CA GLY M 11 28.70 -19.39 14.67
C GLY M 11 28.24 -20.48 13.70
N MET M 12 28.36 -21.74 14.12
CA MET M 12 27.80 -22.81 13.30
C MET M 12 26.33 -23.04 13.62
N GLY M 13 26.01 -23.22 14.90
CA GLY M 13 24.66 -23.61 15.27
C GLY M 13 23.62 -22.55 14.95
N LEU M 14 23.91 -21.30 15.27
CA LEU M 14 22.94 -20.24 15.00
C LEU M 14 22.68 -20.14 13.50
N ALA M 15 23.72 -20.25 12.69
CA ALA M 15 23.56 -20.21 11.24
C ALA M 15 22.68 -21.34 10.75
N VAL M 16 22.92 -22.56 11.28
CA VAL M 16 22.12 -23.70 10.85
C VAL M 16 20.66 -23.52 11.24
N GLY M 17 20.40 -23.05 12.46
CA GLY M 17 19.02 -22.82 12.88
C GLY M 17 18.34 -21.76 12.02
N LEU M 18 19.06 -20.69 11.71
CA LEU M 18 18.48 -19.64 10.87
C LEU M 18 18.16 -20.18 9.48
N ALA M 19 19.04 -21.01 8.92
CA ALA M 19 18.76 -21.61 7.62
C ALA M 19 17.53 -22.51 7.70
N ALA M 20 17.38 -23.26 8.78
CA ALA M 20 16.19 -24.09 8.94
C ALA M 20 14.92 -23.25 9.01
N LEU M 21 14.97 -22.13 9.74
CA LEU M 21 13.82 -21.23 9.76
C LEU M 21 13.50 -20.71 8.37
N GLY M 22 14.54 -20.33 7.62
CA GLY M 22 14.32 -19.84 6.27
C GLY M 22 13.68 -20.88 5.37
N THR M 23 14.10 -22.13 5.51
CA THR M 23 13.48 -23.19 4.72
C THR M 23 12.04 -23.43 5.13
N GLY M 24 11.76 -23.47 6.43
CA GLY M 24 10.40 -23.65 6.89
C GLY M 24 9.47 -22.54 6.43
N VAL M 25 10.02 -21.33 6.24
CA VAL M 25 9.23 -20.23 5.69
C VAL M 25 8.59 -20.64 4.36
N ALA M 26 9.43 -20.99 3.38
CA ALA M 26 8.88 -21.40 2.08
C ALA M 26 8.08 -22.69 2.20
N GLN M 27 8.46 -23.58 3.12
CA GLN M 27 7.70 -24.80 3.33
C GLN M 27 6.31 -24.53 3.90
N ALA M 28 6.05 -23.32 4.37
CA ALA M 28 4.68 -22.92 4.70
C ALA M 28 3.87 -22.61 3.45
N ARG M 29 4.28 -21.58 2.71
CA ARG M 29 3.48 -21.07 1.60
C ARG M 29 3.39 -22.08 0.47
N ILE M 30 4.54 -22.58 0.00
CA ILE M 30 4.50 -23.51 -1.12
C ILE M 30 3.78 -24.80 -0.73
N GLY M 31 3.98 -25.26 0.51
CA GLY M 31 3.29 -26.45 0.95
C GLY M 31 1.78 -26.28 1.01
N ALA M 32 1.31 -25.14 1.52
CA ALA M 32 -0.12 -24.89 1.54
C ALA M 32 -0.69 -24.78 0.13
N ALA M 33 0.03 -24.12 -0.78
CA ALA M 33 -0.44 -24.02 -2.16
C ALA M 33 -0.54 -25.40 -2.80
N GLY M 34 0.47 -26.25 -2.58
CA GLY M 34 0.42 -27.60 -3.13
C GLY M 34 -0.71 -28.41 -2.56
N VAL M 35 -0.97 -28.26 -1.25
CA VAL M 35 -2.09 -28.98 -0.64
C VAL M 35 -3.40 -28.53 -1.28
N GLY M 36 -3.56 -27.22 -1.47
CA GLY M 36 -4.78 -26.72 -2.08
C GLY M 36 -4.96 -27.21 -3.51
N ALA M 37 -3.87 -27.25 -4.27
CA ALA M 37 -3.96 -27.68 -5.67
C ALA M 37 -4.23 -29.17 -5.79
N ILE M 38 -3.54 -30.00 -5.00
CA ILE M 38 -3.75 -31.44 -5.07
C ILE M 38 -5.14 -31.80 -4.56
N ALA M 39 -5.64 -31.09 -3.54
CA ALA M 39 -6.99 -31.35 -3.07
C ALA M 39 -8.01 -31.08 -4.18
N GLU M 40 -7.84 -29.98 -4.91
CA GLU M 40 -8.75 -29.68 -6.01
C GLU M 40 -8.58 -30.68 -7.16
N ASP M 41 -7.35 -31.12 -7.41
CA ASP M 41 -7.08 -32.05 -8.49
C ASP M 41 -6.00 -33.01 -8.03
N ARG M 42 -6.38 -34.25 -7.68
CA ARG M 42 -5.41 -35.23 -7.21
C ARG M 42 -4.72 -35.89 -8.39
N SER M 43 -4.21 -35.08 -9.31
CA SER M 43 -3.43 -35.55 -10.43
C SER M 43 -1.99 -35.07 -10.38
N ASN M 44 -1.75 -33.84 -9.93
CA ASN M 44 -0.41 -33.34 -9.66
C ASN M 44 0.01 -33.58 -8.21
N PHE M 45 -0.66 -34.51 -7.52
CA PHE M 45 -0.33 -34.80 -6.13
C PHE M 45 1.08 -35.37 -5.99
N GLY M 46 1.68 -35.82 -7.09
CA GLY M 46 3.06 -36.23 -7.08
C GLY M 46 3.94 -35.21 -7.78
N THR M 47 3.40 -34.57 -8.82
CA THR M 47 4.18 -33.64 -9.61
C THR M 47 4.44 -32.33 -8.88
N ALA M 48 3.66 -32.02 -7.84
CA ALA M 48 3.87 -30.80 -7.08
C ALA M 48 5.08 -30.93 -6.15
N LEU M 49 5.41 -32.16 -5.74
CA LEU M 49 6.59 -32.36 -4.90
C LEU M 49 7.85 -31.93 -5.63
N ILE M 50 7.83 -31.93 -6.97
CA ILE M 50 8.99 -31.53 -7.76
C ILE M 50 9.44 -30.13 -7.39
N PHE M 51 8.51 -29.22 -7.16
CA PHE M 51 8.84 -27.87 -6.70
C PHE M 51 8.73 -27.74 -5.18
N LEU M 52 7.97 -28.61 -4.53
CA LEU M 52 7.84 -28.55 -3.08
C LEU M 52 9.14 -28.87 -2.38
N LEU M 53 9.90 -29.84 -2.89
CA LEU M 53 11.14 -30.25 -2.21
C LEU M 53 12.30 -29.30 -2.51
N LEU M 54 12.11 -28.35 -3.42
CA LEU M 54 13.22 -27.48 -3.82
C LEU M 54 13.87 -26.69 -2.68
N PRO M 55 13.14 -26.04 -1.76
CA PRO M 55 13.81 -25.12 -0.82
C PRO M 55 14.85 -25.78 0.09
N GLU M 56 15.01 -27.09 0.05
CA GLU M 56 15.97 -27.74 0.91
C GLU M 56 17.42 -27.41 0.54
N THR M 57 17.64 -26.80 -0.62
CA THR M 57 19.01 -26.53 -1.07
C THR M 57 19.74 -25.57 -0.13
N LEU M 58 19.05 -24.52 0.32
CA LEU M 58 19.67 -23.58 1.25
C LEU M 58 20.01 -24.27 2.57
N VAL M 59 19.12 -25.12 3.06
CA VAL M 59 19.40 -25.87 4.28
C VAL M 59 20.61 -26.77 4.08
N ILE M 60 20.72 -27.39 2.91
CA ILE M 60 21.85 -28.26 2.64
C ILE M 60 23.16 -27.48 2.63
N PHE M 61 23.16 -26.31 1.96
CA PHE M 61 24.37 -25.50 1.91
C PHE M 61 24.77 -25.01 3.31
N GLY M 62 23.78 -24.57 4.09
CA GLY M 62 24.08 -24.15 5.45
C GLY M 62 24.59 -25.29 6.30
N LEU M 63 24.03 -26.48 6.12
CA LEU M 63 24.50 -27.65 6.86
C LEU M 63 25.93 -27.99 6.47
N LEU M 64 26.28 -27.85 5.19
CA LEU M 64 27.64 -28.10 4.75
C LEU M 64 28.60 -27.10 5.37
N ILE M 65 28.22 -25.81 5.41
CA ILE M 65 29.07 -24.80 6.03
C ILE M 65 29.26 -25.11 7.51
N ALA M 66 28.16 -25.45 8.19
CA ALA M 66 28.25 -25.79 9.61
C ALA M 66 29.07 -27.05 9.84
N PHE M 67 29.01 -28.00 8.91
CA PHE M 67 29.82 -29.21 9.04
C PHE M 67 31.30 -28.90 8.88
N ILE M 68 31.64 -28.00 7.95
CA ILE M 68 33.03 -27.57 7.83
C ILE M 68 33.48 -26.88 9.11
N LEU M 69 32.60 -26.04 9.68
CA LEU M 69 32.93 -25.37 10.94
C LEU M 69 33.16 -26.38 12.06
N ASN M 70 32.29 -27.38 12.15
CA ASN M 70 32.45 -28.40 13.19
C ASN M 70 33.70 -29.23 12.98
N GLY M 71 34.02 -29.57 11.73
CA GLY M 71 35.25 -30.28 11.45
C GLY M 71 36.49 -29.48 11.83
N ARG M 72 36.42 -28.15 11.68
CA ARG M 72 37.50 -27.30 12.14
C ARG M 72 37.66 -27.33 13.66
N LEU M 73 36.68 -27.86 14.39
CA LEU M 73 36.78 -27.99 15.83
C LEU M 73 36.42 -29.41 16.28
N GLY N 1 43.05 -21.16 15.72
CA GLY N 1 42.78 -19.80 15.28
C GLY N 1 42.32 -18.89 16.40
N GLY N 2 41.52 -19.45 17.31
CA GLY N 2 41.09 -18.68 18.47
C GLY N 2 40.24 -17.49 18.08
N LEU N 3 40.61 -16.32 18.62
CA LEU N 3 39.85 -15.10 18.38
C LEU N 3 39.82 -14.70 16.91
N ASP N 4 40.71 -15.24 16.08
CA ASP N 4 40.63 -15.00 14.64
C ASP N 4 39.64 -15.97 13.99
N ARG N 5 39.92 -17.27 14.07
CA ARG N 5 39.16 -18.25 13.30
C ARG N 5 37.75 -18.45 13.84
N GLY N 6 37.56 -18.50 15.15
CA GLY N 6 36.21 -18.70 15.68
C GLY N 6 35.27 -17.58 15.30
N LEU N 7 35.70 -16.33 15.48
CA LEU N 7 34.85 -15.20 15.10
C LEU N 7 34.72 -15.07 13.58
N ILE N 8 35.76 -15.47 12.83
CA ILE N 8 35.62 -15.48 11.37
C ILE N 8 34.54 -16.46 10.94
N ALA N 9 34.54 -17.65 11.54
CA ALA N 9 33.51 -18.64 11.24
C ALA N 9 32.14 -18.14 11.68
N VAL N 10 32.08 -17.43 12.81
CA VAL N 10 30.81 -16.88 13.27
C VAL N 10 30.25 -15.89 12.25
N GLY N 11 31.10 -14.97 11.78
CA GLY N 11 30.64 -14.01 10.77
C GLY N 11 30.23 -14.67 9.48
N MET N 12 31.03 -15.65 9.02
CA MET N 12 30.68 -16.36 7.80
C MET N 12 29.37 -17.09 7.94
N GLY N 13 29.14 -17.73 9.09
CA GLY N 13 27.88 -18.43 9.32
C GLY N 13 26.69 -17.48 9.36
N LEU N 14 26.86 -16.33 10.01
CA LEU N 14 25.78 -15.35 10.02
C LEU N 14 25.44 -14.91 8.61
N ALA N 15 26.46 -14.62 7.80
CA ALA N 15 26.21 -14.22 6.41
C ALA N 15 25.50 -15.31 5.63
N VAL N 16 25.97 -16.56 5.76
CA VAL N 16 25.38 -17.66 5.00
C VAL N 16 23.94 -17.91 5.43
N GLY N 17 23.69 -17.89 6.75
CA GLY N 17 22.34 -18.12 7.23
C GLY N 17 21.37 -17.04 6.81
N LEU N 18 21.80 -15.78 6.86
CA LEU N 18 20.91 -14.72 6.40
C LEU N 18 20.67 -14.77 4.90
N ALA N 19 21.69 -15.16 4.13
CA ALA N 19 21.47 -15.35 2.69
C ALA N 19 20.47 -16.47 2.43
N ALA N 20 20.58 -17.57 3.17
CA ALA N 20 19.62 -18.66 3.02
C ALA N 20 18.22 -18.20 3.40
N LEU N 21 18.10 -17.40 4.46
CA LEU N 21 16.81 -16.87 4.86
C LEU N 21 16.19 -16.01 3.77
N GLY N 22 17.00 -15.15 3.15
CA GLY N 22 16.49 -14.33 2.05
C GLY N 22 16.08 -15.17 0.85
N THR N 23 16.89 -16.17 0.50
CA THR N 23 16.53 -17.04 -0.61
C THR N 23 15.22 -17.76 -0.34
N GLY N 24 15.04 -18.28 0.87
CA GLY N 24 13.78 -18.92 1.23
C GLY N 24 12.60 -17.97 1.24
N VAL N 25 12.83 -16.73 1.66
CA VAL N 25 11.77 -15.73 1.66
C VAL N 25 11.28 -15.46 0.25
N ALA N 26 12.21 -15.33 -0.70
CA ALA N 26 11.80 -15.20 -2.10
C ALA N 26 11.10 -16.46 -2.58
N GLN N 27 11.68 -17.62 -2.25
CA GLN N 27 11.19 -18.89 -2.78
C GLN N 27 9.78 -19.19 -2.31
N ALA N 28 9.39 -18.71 -1.12
CA ALA N 28 8.03 -18.97 -0.64
C ALA N 28 6.99 -18.47 -1.64
N ARG N 29 6.97 -17.16 -1.90
CA ARG N 29 6.01 -16.60 -2.82
C ARG N 29 6.24 -17.10 -4.24
N ILE N 30 7.50 -17.22 -4.67
CA ILE N 30 7.75 -17.65 -6.04
C ILE N 30 7.19 -19.05 -6.26
N GLY N 31 7.45 -19.96 -5.33
CA GLY N 31 6.95 -21.32 -5.47
C GLY N 31 5.44 -21.41 -5.35
N ALA N 32 4.84 -20.61 -4.47
CA ALA N 32 3.39 -20.61 -4.39
C ALA N 32 2.77 -20.20 -5.72
N ALA N 33 3.27 -19.12 -6.32
CA ALA N 33 2.74 -18.66 -7.60
C ALA N 33 2.99 -19.68 -8.69
N GLY N 34 4.18 -20.30 -8.71
CA GLY N 34 4.47 -21.31 -9.71
C GLY N 34 3.57 -22.52 -9.59
N VAL N 35 3.31 -22.97 -8.36
CA VAL N 35 2.42 -24.10 -8.15
C VAL N 35 1.02 -23.75 -8.65
N GLY N 36 0.53 -22.55 -8.31
CA GLY N 36 -0.78 -22.15 -8.81
C GLY N 36 -0.86 -22.13 -10.32
N ALA N 37 0.18 -21.56 -10.97
CA ALA N 37 0.17 -21.47 -12.42
C ALA N 37 0.22 -22.84 -13.07
N ILE N 38 1.07 -23.74 -12.55
CA ILE N 38 1.19 -25.07 -13.14
C ILE N 38 -0.10 -25.85 -12.95
N ALA N 39 -0.72 -25.74 -11.77
CA ALA N 39 -1.98 -26.43 -11.53
C ALA N 39 -3.08 -25.89 -12.45
N GLU N 40 -3.15 -24.58 -12.64
CA GLU N 40 -4.14 -24.01 -13.55
C GLU N 40 -3.90 -24.48 -14.98
N ASP N 41 -2.64 -24.47 -15.41
CA ASP N 41 -2.29 -24.94 -16.75
C ASP N 41 -0.82 -25.28 -16.76
N ARG N 42 -0.49 -26.57 -16.87
CA ARG N 42 0.90 -27.00 -16.90
C ARG N 42 1.48 -26.88 -18.31
N SER N 43 1.32 -25.70 -18.91
CA SER N 43 1.89 -25.42 -20.22
C SER N 43 3.17 -24.63 -20.14
N ASN N 44 3.43 -23.97 -19.00
CA ASN N 44 4.67 -23.25 -18.77
C ASN N 44 5.29 -23.66 -17.45
N PHE N 45 5.12 -24.93 -17.07
CA PHE N 45 5.71 -25.42 -15.84
C PHE N 45 7.24 -25.37 -15.90
N GLY N 46 7.81 -25.68 -17.06
CA GLY N 46 9.26 -25.56 -17.20
C GLY N 46 9.74 -24.14 -17.04
N THR N 47 9.05 -23.17 -17.66
CA THR N 47 9.42 -21.78 -17.48
C THR N 47 9.26 -21.33 -16.04
N ALA N 48 8.20 -21.80 -15.38
CA ALA N 48 7.98 -21.48 -13.97
C ALA N 48 9.12 -21.99 -13.10
N LEU N 49 9.55 -23.24 -13.34
CA LEU N 49 10.68 -23.78 -12.58
C LEU N 49 11.96 -23.01 -12.88
N ILE N 50 12.18 -22.66 -14.14
CA ILE N 50 13.39 -21.93 -14.52
C ILE N 50 13.42 -20.58 -13.80
N PHE N 51 12.28 -19.92 -13.70
CA PHE N 51 12.22 -18.63 -13.02
C PHE N 51 12.29 -18.79 -11.50
N LEU N 52 11.74 -19.87 -10.96
CA LEU N 52 11.69 -20.05 -9.52
C LEU N 52 13.01 -20.57 -8.95
N LEU N 53 13.90 -21.08 -9.81
CA LEU N 53 15.23 -21.46 -9.33
C LEU N 53 16.10 -20.25 -9.03
N LEU N 54 15.65 -19.05 -9.41
CA LEU N 54 16.48 -17.86 -9.28
C LEU N 54 16.90 -17.48 -7.86
N PRO N 55 16.01 -17.49 -6.84
CA PRO N 55 16.38 -16.90 -5.54
C PRO N 55 17.69 -17.36 -4.93
N GLU N 56 18.32 -18.42 -5.46
CA GLU N 56 19.52 -18.94 -4.85
C GLU N 56 20.79 -18.20 -5.26
N THR N 57 20.69 -17.20 -6.14
CA THR N 57 21.89 -16.48 -6.58
C THR N 57 22.55 -15.75 -5.41
N LEU N 58 21.75 -15.09 -4.57
CA LEU N 58 22.31 -14.44 -3.39
C LEU N 58 22.87 -15.46 -2.42
N VAL N 59 22.24 -16.62 -2.32
CA VAL N 59 22.77 -17.69 -1.49
C VAL N 59 24.15 -18.10 -1.99
N ILE N 60 24.30 -18.19 -3.32
CA ILE N 60 25.59 -18.55 -3.90
C ILE N 60 26.64 -17.47 -3.60
N PHE N 61 26.24 -16.20 -3.71
CA PHE N 61 27.18 -15.12 -3.39
C PHE N 61 27.61 -15.18 -1.93
N GLY N 62 26.67 -15.42 -1.02
CA GLY N 62 27.01 -15.54 0.38
C GLY N 62 27.88 -16.75 0.67
N LEU N 63 27.65 -17.84 -0.05
CA LEU N 63 28.51 -19.02 0.07
C LEU N 63 29.92 -18.72 -0.41
N LEU N 64 30.04 -17.94 -1.49
CA LEU N 64 31.36 -17.53 -1.96
C LEU N 64 32.08 -16.67 -0.91
N ILE N 65 31.33 -15.76 -0.27
CA ILE N 65 31.92 -14.94 0.79
C ILE N 65 32.37 -15.83 1.95
N ALA N 66 31.54 -16.80 2.33
CA ALA N 66 31.91 -17.71 3.41
C ALA N 66 33.13 -18.54 3.04
N PHE N 67 33.23 -18.94 1.78
CA PHE N 67 34.39 -19.70 1.32
C PHE N 67 35.66 -18.86 1.37
N ILE N 68 35.56 -17.59 0.96
CA ILE N 68 36.71 -16.70 1.09
C ILE N 68 37.12 -16.55 2.54
N LEU N 69 36.13 -16.42 3.43
CA LEU N 69 36.43 -16.31 4.86
C LEU N 69 37.10 -17.57 5.37
N ASN N 70 36.63 -18.74 4.95
CA ASN N 70 37.24 -20.00 5.37
C ASN N 70 38.66 -20.13 4.85
N GLY N 71 38.89 -19.74 3.60
CA GLY N 71 40.23 -19.81 3.04
C GLY N 71 41.20 -18.87 3.74
N ARG N 72 40.74 -17.67 4.09
CA ARG N 72 41.58 -16.71 4.80
C ARG N 72 41.60 -16.96 6.31
N LEU N 73 40.83 -17.92 6.80
CA LEU N 73 40.78 -18.21 8.23
C LEU N 73 41.31 -19.60 8.54
#